data_9CAP
#
_entry.id   9CAP
#
loop_
_entity.id
_entity.type
_entity.pdbx_description
1 polymer 'Bridge-like lipid transfer protein family member 1 C-terminal domain-containing protein'
2 polymer 'Defect at low temperature protein 1'
3 polymer 'Vesicle transport protein'
4 non-polymer 1,2-dioleoyl-sn-glycero-3-phosphoethanolamine
5 non-polymer HEXADECANE
#
loop_
_entity_poly.entity_id
_entity_poly.type
_entity_poly.pdbx_seq_one_letter_code
_entity_poly.pdbx_strand_id
1 'polypeptide(L)'
;MSDFDIQIKIDDAQLDLKGVSFWVTASVVTLFLAWSTFVVLFFSRVSALFFTFVIDKYLRLSKNGIHFKIGGISISGLHA
GKIMFRNVIYDNGDMTIKVNDGHLLFKYWKSVEHRHLNLSTKRASRLHLVLNGLHVNIYNNLTKYTEIARIRRFDWFFEN
TNMNDARRPQTKPPDTCRSPPSSVWENMWNLLGIVHIEVSAGCILVGNKFLPYALWTRFENLNSKTSVTESANDRALLTF
EGETENVAVSLIKNEQFDFTAKDKDPPRTMGNDGCPLLQSASLEFVYKQDLLGYVTDDEPQSITLKLPLWSSEWRFGNNT
VLSYGPWAEQQRFLIYSFFYPPDFQNSTATAMPTRGKKRIHVKHDVKIILTKETCMDIWFMRGEQLESIRTRCGPLSSLD
MSILWITTEKGFYWNMKAEFLNFEATTSLIFTKLFSCKKFNVDGSFVYPLTWNGEQTWTIDYAFTKANAWFVWDHKRLFT
DLINDWIGDDPSDISKFVPFRVHNRMKVVDGFEVIMLLNESNWVDTADMNAENVEVAIVGEKLSFECELPFVDFLPQTQM
VKYEMRGEKSVAMRAKFPPDSATAPIRAALSRLARCNSYAPPSKHGTHSLDTDVWFELWRTELVKMDFDHHYRPLIVKSN
IPSDIPFSILSDYLPPPANHPWDLEPDYLGVDILIEGSDVKFTGLLVKLLFELKNNYFGWYDSMTSVDDEKIDDPIKLKA
SFDKTNANGMKPVEYFRTMNVDVTVRVCNVRAEMLLYSPAIDEGAEPEKVPVVFVEEVAVEVKKTKTQALIQVGVSPACA
YLDKSSQGSGPGCITLSGFQFRGHAMYSAKEVAWNMGLVEYGWIMEILVGDIAGTLDFPAHAHVLHQIMESLLMFVISPD
DATKVPDRMQFCQHGQLIKACSIAGKKTNEILGPCKTEEQMKYRQIRISVDSVNLTFVEEKTILQISADPVRVTICNAHE
SRFTEHVCIRVPGISIRQAVRIKEKPENIWIEGANAAIEGVSLDIELPTPKSASPTIGKERLEFVRMHDADTKRLHFLWA
DHSVWGCACFGNTCFFGDVDEIGSTFMETLTKKKFFVPGIERNPEKQPQVMQSVILKNKPILSNQPHMFYKKPKNADVVI
TIRKESTGDTESFHSARSQQSPGLRILQSMEMSSSYATFVDNVRVELPSAITVPQFGEPGAILEWCQAHQATRIINDVNT
SGVNEVRFLSKPKKSQDIEYNTSRDTLGKRRLAINGVAATSLDLFVTPIGIEAFERLVTAASHSVPAINPCILVHMCYRD
CVLKKHRQPLTESLFADEDNDSEPISEVDITVDLPRVSIGLFQCGVKKNIVKSNHTDHITANMGLLLIDRAFIQSKLIPA
ESVSQDFSADTSNLSSTLYQLNGSAITVQLLQLTNRDAPDFGSSGTATTPNNWEHCAISRRMNNLEPRVMMDFNVSDTLI
ILERRPIILLLPDKSTTAITPIHSPANAPTPTAMNRTPTLTLTPSAGAGGGERAEPMRKKKKMICEHYLKADIGSVTTAL
VMARPQELTAGDEFPIYEALAPVMVSWLSVVENFLRTVDKFIHTVECWKSVAMAKVLKLALDSTDEKVVVKVGKNRMGRT
RVLSAHQASCPSCILLKTLFRWFAYAGNAPGAINHRLDIRPEFEIEETRKTALMALLSHWQSDVGKELKLVSYEDAHRFK
VTRPDEAAIVALTKSKRLKRKMLEKKESSKKETRVVMEVKPEQPKAKRGRMSPAPLLKKLRKKAGDDDFDDDSMKFLSDV
EMQEFNTLPLYEDYEDDEMLENLDSEPKIDDKVDLYTWMRNAQRESTLRRRKLAGGAEGSVKDDLNLKGYINPMDIQQKA
YYYNIYRWAQLQWTSLDGIEKDHWHLDYSVTLREVDVRMMAKSIKNSSDHLRQYITPAQQKVMQVRNAAVNGGMVWKMER
DERRKIPLHGQWNISYSGNVEGIRFLIGMATVSLGKELSLVLRVAMEAKNELRMHSTAESTPRNEVKVFKPVVPNQYDLA
VEWDEKVLDMTRDYEKHMQRMRTNKEDVVEKVKVMVNGSAMVSSIVLESVLNDLYVSVTISQIVLAHSKNPMPDIPVVVH
AVTLSTTPTAAAAEDKKTATLTKKSVSSTFKIDDLTVSLTKMKLTLSEADSSNKKSDILRCTLNSSSFNVHTNLKTLTSA
KESNRPKNNLINSNIATTATLRLGALEGTMPMAAYSLHDVVMRHGKELEQQLNRLAAQPASTPLSSSTPFPSAEQSLLAK
VADMKTAPEPVVITQAEFKPLTTLPATAAHVQDAKGQIVRRVPVAVVSFSIELTSIEMNIQLLPSLQAKYRINRATSNGI
TGVQANWSILLDEHFFEFCVTGQGGKTETFRLQLPSVTSDGLYQAEQGVSSQKPSTDKKLIYREGGSLQMTVVLGRVNHI
FTTELLNQLMFAEHSFRTELTALINRIRSSSFASTNSSRSAQSTNDRVNSTANLKLLLPVQTTSTPVHIEKPPLLFSIKI
QTKEIPRKDEKTDKDAKTPKASGASGNLDQSQHPSHSTHVKSTPWLQLTAATPTQTAVRLTVDSLEGELTNKWVVKEEGS
KERIYGNAVIHFNAKLGQLIKPVPTGDSVAATDVTDLQEFATFMTQVRVENKERNMFNSSYSYHISLNRPIFLVKAAAID
KAILLWLNYKNTYDYWRNEREKVVQEKTTTKLSNAGMFSPTQIAEDADMNLSLAINNGMYMCMPLYSHDVTEGMPALVLS
LQKSNLSVLVKKELTCKASFNGFKCSFVDDFDEQALTQSFLDATHSDQSNCIFFPEGTYQLCSKAEATKGPAKWVLSVSA
EMQGVEIDLDTRIGKLAKLLVNTFSMIRTDDDDDMSFWGDEGELDSDEEKVEGASELKKLKAEEKVPWMENKMHEHSRAV
FELAARGVSNKLIEAEKHKLRQYELIRFKAFRRNVVEKLKKGTTASRQHTETPPPQPRPDTTSRRNSRTTSTSQKNSEDL
TTPGDIETVNFNLDVKVNITSGTCTLRTQKKEGANQLALPGILKRLNLGTKDIKAMFEPQIITTTTFSIPSVEIKAYHVS
DPSNRSTDEFCKDKREKISKGLAKDADKLHRDLHNKSRFGNTYINGGGGPKTSTVPPPPKRGCFYIFVGLASMPSETVVT
PHLATYFEQVLEPLPPSAVFQSQNNTREASVPDDGKGDANNEVHNIMAMDTAAFPIDFVFYLDVQSSTIRFDGKQPTSRS
QTQADCLLTLPRLTLELTSKRTRDNIDNYVGGIHISGQFKGFMLKIYNPLELEPDSSRALQLSLDLLSFVISRNKNSSTE
PDNRVRFVFSSQISKASFEYNFRRLGELIQFPKPWYRAAIARRVFFGDQAAPRQKDDASDITGTTRSRLPTDPKSLQPPA
ASTASTGSGSFVPHQRKPWTALVLAAIQWNEFEVTAFMSNTMGKTTWKATKGLVWGDAKLNSLNERDVSISFVLGSSELC
ARDGAISGTIMLNNLKVSADHSLSADVKRVPVNKAKIRLEWITANIEWMSRRVLIAKWCGPSFKVNDYYKGLKEGDHFAL
SELGMNVQASWKDLQVVITKSTVDDVAAIVNRLISFIDEQLKNSRILLGNLSASTNLKKQAQALIESRKPTTHFWEKVLD
YMSEMQMNEQLMGLMEREGAKVGGHIELKAGGISLVMMKGDMNADTWAVFHLRDACILFDPEARMDFLDNSSQQKIGILL
KQTFCLQLGSRHGNQTENRANVCRVQTRFNNSRHLQKAEDILEFFIGDVMKIIGSADHSEKKKLKEVEVIQSPISENENT
AKSPTSTFSRFRSPGTSKTKESGPATNHNVMELFQFPGLEAKMSSQQLNGVDDGDKYESVFQMPMDVLTTFVCDFFSEVA
IETNFNAQVSFLPELLKSYLKESHSGTSSSHSTNSSPAVSSSKESVVSETSKDPRIFTCQEWKVEPRVRFIDRIKWTPPV
LDDILKKLQIFDHRNTIPKVIQRAVLDPLDATLAASVIATLQIVDNKKTIQKFKKSRTDSMAPTPKRRDSRRSSEEVSVS
IDIPDIITDISDASFRPKHNGSGVSKGEELFTGVVPILVELDGDVNGHKFSVSGEGEGDATYGKLTLKLICTTGKLPVPW
PTLVTTLGYGLMCFARYPDHMKQHDFFKSAMPEGYVQERTIFFKDDGNYKTRAEVKFEGDTLVNRIELKGIDFKEDGNIL
GHKLEYNYNSHNVYITADKQKNGIKANFKIRHNIEDGGVQLADHYQQNTPIGDGPVLLPDNHYLSYQSKLSKDPNEKRDH
MVLLEFVTAAGITLGMDELYKGSGLEVLFQGPANSGVDYKDHDGDYKDHDIDYKDDDDK
;
A
2 'polypeptide(L)'
;MRIFVFDGTSVIYVCAVIILILIWVAIIGQRQIWRHRHNVARVRPQVSLSSRISSKKAVLLRETQLDTVMRLRCENQARL
TDCISLQFHGEKPYVHRMIAVDEVTLEIDGQLNRIEGAVQRQAGESTYSYLKRIREKVPSIPLNLVHRIAFLQESARFRP
EKFDVEQVMELRSLLNQFLRILSAEYDSLSDEPDMAAPRGVIASFYQFGQKIMPNNSGSKRRRNKFGGSDGVRLLMKERE
EQLSLLSPLARASADSPAPAAHLRRQSDSHSALLPQ
;
B
3 'polypeptide(L)'
;MPENKEIITIFENSRNYTNLTSESTYSLAGALLLSGKYMNDWWEITLSIFLWMSLSFMVISLGATILSLFTLRKHPYVCF
IPIPFIIMMFIIPFVFGAPTSMVLALAMYASKNAVSTWYCAIMGIIQTLLIFVTSVTRIHATL
;
C
#
# COMPACT_ATOMS: atom_id res chain seq x y z
N SER A 21 92.47 24.16 1.51
CA SER A 21 92.24 23.34 2.69
C SER A 21 90.87 22.67 2.64
N PHE A 22 90.65 21.72 3.56
CA PHE A 22 89.37 21.01 3.58
C PHE A 22 88.23 21.93 4.01
N TRP A 23 88.49 22.89 4.90
CA TRP A 23 87.43 23.79 5.35
C TRP A 23 86.92 24.66 4.23
N VAL A 24 87.82 25.16 3.37
CA VAL A 24 87.41 26.06 2.31
C VAL A 24 86.52 25.35 1.30
N THR A 25 86.92 24.15 0.86
CA THR A 25 86.11 23.42 -0.09
C THR A 25 84.82 22.91 0.54
N ALA A 26 84.84 22.58 1.83
CA ALA A 26 83.63 22.13 2.50
C ALA A 26 82.60 23.25 2.58
N SER A 27 83.05 24.47 2.88
CA SER A 27 82.12 25.60 2.93
C SER A 27 81.59 25.93 1.55
N VAL A 28 82.43 25.80 0.52
CA VAL A 28 81.99 26.10 -0.84
C VAL A 28 80.94 25.08 -1.30
N VAL A 29 81.20 23.79 -1.06
CA VAL A 29 80.27 22.77 -1.52
C VAL A 29 78.96 22.85 -0.75
N THR A 30 79.03 23.17 0.54
CA THR A 30 77.80 23.37 1.31
C THR A 30 77.00 24.54 0.77
N LEU A 31 77.68 25.63 0.41
CA LEU A 31 77.01 26.77 -0.18
C LEU A 31 76.37 26.42 -1.51
N PHE A 32 77.08 25.62 -2.33
CA PHE A 32 76.53 25.20 -3.60
C PHE A 32 75.30 24.33 -3.42
N LEU A 33 75.35 23.39 -2.47
CA LEU A 33 74.20 22.53 -2.21
C LEU A 33 73.02 23.34 -1.71
N ALA A 34 73.26 24.29 -0.81
CA ALA A 34 72.18 25.10 -0.27
C ALA A 34 71.52 25.94 -1.36
N TRP A 35 72.32 26.59 -2.20
CA TRP A 35 71.75 27.42 -3.25
C TRP A 35 71.05 26.58 -4.31
N SER A 36 71.67 25.50 -4.75
CA SER A 36 71.09 24.68 -5.80
C SER A 36 69.75 24.10 -5.36
N THR A 37 69.70 23.57 -4.13
CA THR A 37 68.45 23.01 -3.63
C THR A 37 67.39 24.10 -3.45
N PHE A 38 67.79 25.27 -2.97
CA PHE A 38 66.84 26.36 -2.79
C PHE A 38 66.25 26.80 -4.12
N VAL A 39 67.09 26.95 -5.14
CA VAL A 39 66.62 27.50 -6.42
C VAL A 39 65.79 26.49 -7.21
N VAL A 40 65.95 25.19 -6.93
CA VAL A 40 65.23 24.19 -7.71
C VAL A 40 63.95 23.74 -7.02
N LEU A 41 63.87 23.85 -5.70
CA LEU A 41 62.74 23.32 -4.95
C LEU A 41 62.05 24.33 -4.05
N PHE A 42 62.67 25.47 -3.74
CA PHE A 42 62.10 26.40 -2.80
C PHE A 42 61.99 27.82 -3.31
N PHE A 43 62.49 28.12 -4.51
CA PHE A 43 62.35 29.47 -5.03
C PHE A 43 60.92 29.78 -5.45
N SER A 44 60.10 28.75 -5.67
CA SER A 44 58.70 28.98 -5.99
C SER A 44 57.98 29.70 -4.86
N ARG A 45 58.39 29.49 -3.62
CA ARG A 45 57.75 30.14 -2.49
C ARG A 45 58.00 31.65 -2.52
N VAL A 46 59.26 32.07 -2.68
CA VAL A 46 59.56 33.48 -2.67
C VAL A 46 58.99 34.17 -3.91
N SER A 47 58.98 33.48 -5.05
CA SER A 47 58.34 34.04 -6.23
C SER A 47 56.84 34.19 -6.03
N ALA A 48 56.22 33.24 -5.31
CA ALA A 48 54.80 33.34 -5.00
C ALA A 48 54.52 34.52 -4.08
N LEU A 49 55.43 34.79 -3.14
CA LEU A 49 55.26 35.94 -2.25
C LEU A 49 55.24 37.23 -3.06
N PHE A 50 56.12 37.34 -4.05
CA PHE A 50 56.15 38.53 -4.89
C PHE A 50 54.86 38.68 -5.70
N PHE A 51 54.42 37.59 -6.33
CA PHE A 51 53.26 37.68 -7.19
C PHE A 51 51.97 37.88 -6.40
N THR A 52 51.88 37.30 -5.20
CA THR A 52 50.72 37.57 -4.35
C THR A 52 50.66 39.05 -3.98
N PHE A 53 51.81 39.64 -3.65
CA PHE A 53 51.84 41.05 -3.27
C PHE A 53 51.49 41.95 -4.46
N VAL A 54 51.94 41.58 -5.66
CA VAL A 54 51.65 42.40 -6.83
C VAL A 54 50.18 42.32 -7.21
N ILE A 55 49.62 41.11 -7.21
CA ILE A 55 48.27 40.91 -7.72
C ILE A 55 47.23 41.53 -6.79
N ASP A 56 47.36 41.30 -5.48
CA ASP A 56 46.36 41.83 -4.57
C ASP A 56 46.45 43.34 -4.39
N LYS A 57 47.51 43.97 -4.91
CA LYS A 57 47.65 45.42 -4.87
C LYS A 57 47.19 46.07 -6.17
N TYR A 58 47.60 45.52 -7.32
CA TYR A 58 47.19 46.07 -8.60
C TYR A 58 45.69 45.95 -8.80
N LEU A 59 45.10 44.82 -8.43
CA LEU A 59 43.67 44.60 -8.57
C LEU A 59 42.88 45.00 -7.34
N ARG A 60 43.55 45.49 -6.29
CA ARG A 60 42.90 45.95 -5.07
C ARG A 60 42.01 44.86 -4.48
N LEU A 61 42.54 43.63 -4.45
CA LEU A 61 41.76 42.50 -3.94
C LEU A 61 41.46 42.67 -2.45
N SER A 62 42.48 43.06 -1.66
CA SER A 62 42.26 43.23 -0.23
C SER A 62 41.29 44.38 0.04
N LYS A 63 41.34 45.43 -0.78
CA LYS A 63 40.38 46.52 -0.63
C LYS A 63 38.96 46.04 -0.85
N ASN A 64 38.75 45.18 -1.84
CA ASN A 64 37.44 44.64 -2.15
C ASN A 64 37.06 43.44 -1.30
N GLY A 65 37.77 43.20 -0.21
CA GLY A 65 37.45 42.09 0.67
C GLY A 65 37.62 40.73 0.04
N ILE A 66 38.71 40.52 -0.69
CA ILE A 66 39.01 39.25 -1.33
C ILE A 66 40.34 38.76 -0.80
N HIS A 67 40.34 37.56 -0.23
CA HIS A 67 41.57 36.93 0.27
C HIS A 67 42.18 36.12 -0.86
N PHE A 68 43.33 36.56 -1.34
CA PHE A 68 44.04 35.88 -2.41
C PHE A 68 45.46 35.58 -1.96
N LYS A 69 45.94 34.38 -2.24
CA LYS A 69 47.27 33.98 -1.86
C LYS A 69 47.73 32.85 -2.76
N ILE A 70 49.01 32.87 -3.12
CA ILE A 70 49.64 31.81 -3.90
C ILE A 70 50.79 31.25 -3.09
N GLY A 71 50.79 29.92 -2.90
CA GLY A 71 51.84 29.27 -2.16
C GLY A 71 53.02 28.81 -2.97
N GLY A 72 53.00 29.04 -4.27
CA GLY A 72 54.07 28.60 -5.14
C GLY A 72 53.77 28.89 -6.60
N ILE A 73 54.78 29.29 -7.37
CA ILE A 73 54.60 29.59 -8.78
C ILE A 73 55.95 29.48 -9.45
N SER A 74 55.95 29.20 -10.75
CA SER A 74 57.16 29.04 -11.52
C SER A 74 57.30 30.18 -12.53
N ILE A 75 58.52 30.67 -12.70
CA ILE A 75 58.79 31.74 -13.64
C ILE A 75 59.72 31.32 -14.77
N SER A 76 60.47 30.22 -14.61
CA SER A 76 61.47 29.84 -15.61
C SER A 76 60.84 29.23 -16.86
N GLY A 77 59.71 28.56 -16.72
CA GLY A 77 59.10 27.85 -17.83
C GLY A 77 58.17 28.66 -18.70
N LEU A 78 58.19 29.99 -18.58
CA LEU A 78 57.25 30.81 -19.33
C LEU A 78 57.53 30.74 -20.83
N HIS A 79 58.78 30.53 -21.23
CA HIS A 79 59.09 30.40 -22.65
C HIS A 79 58.44 29.17 -23.27
N ALA A 80 58.16 28.14 -22.48
CA ALA A 80 57.48 26.95 -22.96
C ALA A 80 55.97 27.02 -22.77
N GLY A 81 55.45 28.17 -22.33
CA GLY A 81 54.03 28.31 -22.08
C GLY A 81 53.54 27.68 -20.80
N LYS A 82 54.44 27.27 -19.91
CA LYS A 82 54.07 26.56 -18.69
C LYS A 82 54.16 27.49 -17.50
N ILE A 83 53.11 27.51 -16.68
CA ILE A 83 53.08 28.26 -15.44
C ILE A 83 52.60 27.31 -14.35
N MET A 84 53.53 26.71 -13.61
CA MET A 84 53.17 25.89 -12.47
C MET A 84 52.68 26.77 -11.33
N PHE A 85 51.75 26.26 -10.55
CA PHE A 85 51.25 26.97 -9.37
C PHE A 85 50.91 25.97 -8.28
N ARG A 86 50.89 26.46 -7.05
CA ARG A 86 50.69 25.61 -5.88
C ARG A 86 50.00 26.40 -4.80
N ASN A 87 49.04 25.77 -4.13
CA ASN A 87 48.32 26.35 -2.99
C ASN A 87 47.70 27.70 -3.35
N VAL A 88 47.02 27.73 -4.48
CA VAL A 88 46.28 28.93 -4.90
C VAL A 88 44.97 28.98 -4.14
N ILE A 89 44.73 30.08 -3.42
CA ILE A 89 43.53 30.27 -2.62
C ILE A 89 42.85 31.55 -3.07
N TYR A 90 41.55 31.49 -3.30
CA TYR A 90 40.77 32.65 -3.69
C TYR A 90 39.46 32.63 -2.91
N ASP A 91 39.28 33.59 -2.01
CA ASP A 91 38.06 33.71 -1.22
C ASP A 91 37.46 35.09 -1.48
N ASN A 92 36.16 35.11 -1.81
CA ASN A 92 35.48 36.36 -2.14
C ASN A 92 34.30 36.63 -1.21
N GLY A 93 34.31 36.06 -0.01
CA GLY A 93 33.26 36.27 0.96
C GLY A 93 32.09 35.33 0.84
N ASP A 94 31.96 34.61 -0.28
CA ASP A 94 30.91 33.62 -0.47
C ASP A 94 31.44 32.20 -0.61
N MET A 95 32.52 32.01 -1.36
CA MET A 95 33.08 30.69 -1.57
C MET A 95 34.59 30.76 -1.50
N THR A 96 35.20 29.64 -1.11
CA THR A 96 36.64 29.50 -1.07
C THR A 96 37.07 28.54 -2.16
N ILE A 97 37.89 29.00 -3.08
CA ILE A 97 38.42 28.18 -4.16
C ILE A 97 39.89 27.92 -3.87
N LYS A 98 40.24 26.69 -3.57
CA LYS A 98 41.61 26.31 -3.26
C LYS A 98 42.07 25.22 -4.22
N VAL A 99 43.30 25.35 -4.70
CA VAL A 99 43.91 24.35 -5.57
C VAL A 99 45.22 23.92 -4.93
N ASN A 100 45.38 22.60 -4.74
CA ASN A 100 46.60 22.09 -4.15
C ASN A 100 47.81 22.40 -5.02
N ASP A 101 47.70 22.14 -6.31
CA ASP A 101 48.77 22.40 -7.26
C ASP A 101 48.21 22.19 -8.66
N GLY A 102 49.03 22.49 -9.66
CA GLY A 102 48.62 22.35 -11.05
C GLY A 102 49.53 23.16 -11.94
N HIS A 103 49.20 23.15 -13.23
CA HIS A 103 49.94 23.95 -14.19
C HIS A 103 48.99 24.55 -15.21
N LEU A 104 49.37 25.71 -15.73
CA LEU A 104 48.62 26.42 -16.76
C LEU A 104 49.47 26.45 -18.01
N LEU A 105 49.03 25.72 -19.03
CA LEU A 105 49.80 25.53 -20.26
C LEU A 105 49.14 26.31 -21.38
N PHE A 106 49.90 27.21 -21.99
CA PHE A 106 49.45 27.95 -23.16
C PHE A 106 50.31 27.49 -24.35
N LYS A 107 49.72 26.68 -25.21
CA LYS A 107 50.43 26.11 -26.36
C LYS A 107 50.42 27.13 -27.49
N TYR A 108 51.33 28.10 -27.37
CA TYR A 108 51.44 29.16 -28.36
C TYR A 108 51.98 28.68 -29.70
N TRP A 109 52.50 27.46 -29.76
CA TRP A 109 53.04 26.92 -31.01
C TRP A 109 51.97 26.37 -31.93
N LYS A 110 50.71 26.35 -31.51
CA LYS A 110 49.61 25.93 -32.36
C LYS A 110 49.09 27.15 -33.12
N SER A 111 49.03 27.04 -34.44
CA SER A 111 48.76 28.20 -35.27
C SER A 111 47.33 28.70 -35.10
N VAL A 112 47.18 30.02 -35.06
CA VAL A 112 45.85 30.62 -35.08
C VAL A 112 45.28 30.52 -36.48
N GLU A 113 44.09 29.96 -36.60
CA GLU A 113 43.56 29.57 -37.90
C GLU A 113 43.16 30.79 -38.73
N HIS A 114 42.55 31.79 -38.10
CA HIS A 114 41.98 32.91 -38.84
C HIS A 114 42.28 34.22 -38.12
N ARG A 115 42.21 35.32 -38.88
CA ARG A 115 42.44 36.64 -38.32
C ARG A 115 41.41 36.97 -37.26
N HIS A 116 40.14 36.67 -37.53
CA HIS A 116 39.06 36.91 -36.59
C HIS A 116 38.41 35.60 -36.21
N LEU A 117 37.84 35.56 -35.00
CA LEU A 117 37.23 34.34 -34.48
C LEU A 117 36.08 33.91 -35.37
N ASN A 118 36.22 32.74 -35.99
CA ASN A 118 35.17 32.15 -36.81
C ASN A 118 34.49 31.07 -35.98
N LEU A 119 33.26 31.35 -35.54
CA LEU A 119 32.56 30.43 -34.65
C LEU A 119 32.17 29.13 -35.35
N SER A 120 32.17 29.10 -36.68
CA SER A 120 31.70 27.94 -37.42
C SER A 120 32.82 26.96 -37.77
N THR A 121 34.04 27.19 -37.30
CA THR A 121 35.17 26.35 -37.64
C THR A 121 35.85 25.83 -36.38
N LYS A 122 36.54 24.71 -36.54
CA LYS A 122 37.26 24.09 -35.42
C LYS A 122 38.55 24.84 -35.13
N ARG A 123 38.87 24.98 -33.85
CA ARG A 123 40.10 25.61 -33.41
C ARG A 123 40.85 24.68 -32.48
N ALA A 124 42.17 24.82 -32.48
CA ALA A 124 43.01 23.98 -31.64
C ALA A 124 42.89 24.41 -30.18
N SER A 125 43.16 23.47 -29.27
CA SER A 125 43.11 23.74 -27.84
C SER A 125 44.46 24.30 -27.41
N ARG A 126 44.61 25.61 -27.61
CA ARG A 126 45.84 26.30 -27.22
C ARG A 126 45.90 26.59 -25.73
N LEU A 127 44.80 26.40 -24.99
CA LEU A 127 44.77 26.62 -23.55
C LEU A 127 44.48 25.30 -22.87
N HIS A 128 45.36 24.90 -21.95
CA HIS A 128 45.24 23.63 -21.24
C HIS A 128 45.57 23.87 -19.78
N LEU A 129 44.57 23.76 -18.92
CA LEU A 129 44.72 23.97 -17.49
C LEU A 129 44.53 22.66 -16.75
N VAL A 130 45.44 22.34 -15.85
CA VAL A 130 45.37 21.13 -15.04
C VAL A 130 45.34 21.54 -13.58
N LEU A 131 44.32 21.10 -12.86
CA LEU A 131 44.16 21.40 -11.45
C LEU A 131 44.16 20.09 -10.68
N ASN A 132 45.07 19.97 -9.71
CA ASN A 132 45.17 18.80 -8.85
C ASN A 132 44.73 19.20 -7.47
N GLY A 133 43.73 18.49 -6.94
CA GLY A 133 43.23 18.79 -5.62
C GLY A 133 42.49 20.10 -5.53
N LEU A 134 41.33 20.17 -6.17
CA LEU A 134 40.52 21.38 -6.21
C LEU A 134 39.46 21.32 -5.11
N HIS A 135 39.47 22.32 -4.23
CA HIS A 135 38.43 22.50 -3.23
C HIS A 135 37.60 23.71 -3.60
N VAL A 136 36.28 23.58 -3.49
CA VAL A 136 35.36 24.71 -3.55
C VAL A 136 34.44 24.61 -2.35
N ASN A 137 34.40 25.66 -1.53
CA ASN A 137 33.61 25.66 -0.30
C ASN A 137 32.67 26.86 -0.33
N ILE A 138 31.43 26.63 -0.75
CA ILE A 138 30.40 27.65 -0.74
C ILE A 138 29.79 27.72 0.66
N TYR A 139 29.98 28.84 1.34
CA TYR A 139 29.54 28.97 2.72
C TYR A 139 28.62 30.16 2.99
N ASN A 140 28.43 31.06 2.03
CA ASN A 140 27.60 32.24 2.25
C ASN A 140 27.09 32.73 0.90
N ASN A 141 25.99 33.47 0.93
CA ASN A 141 25.45 34.15 -0.24
C ASN A 141 25.16 35.58 0.17
N LEU A 142 26.20 36.43 0.11
CA LEU A 142 26.06 37.80 0.58
C LEU A 142 25.19 38.64 -0.33
N THR A 143 25.11 38.29 -1.61
CA THR A 143 24.32 39.10 -2.55
C THR A 143 22.84 39.10 -2.17
N LYS A 144 22.30 37.93 -1.85
CA LYS A 144 20.88 37.85 -1.49
C LYS A 144 20.61 38.56 -0.16
N TYR A 145 21.51 38.39 0.80
CA TYR A 145 21.26 38.96 2.13
C TYR A 145 21.40 40.47 2.14
N THR A 146 22.35 41.02 1.37
CA THR A 146 22.44 42.47 1.26
C THR A 146 21.21 43.03 0.56
N GLU A 147 20.65 42.28 -0.39
CA GLU A 147 19.39 42.69 -1.01
C GLU A 147 18.26 42.72 0.00
N ILE A 148 18.19 41.72 0.88
CA ILE A 148 17.15 41.69 1.90
C ILE A 148 17.33 42.85 2.87
N ALA A 149 18.57 43.09 3.31
CA ALA A 149 18.83 44.20 4.21
C ALA A 149 18.51 45.53 3.55
N ARG A 150 18.84 45.66 2.26
CA ARG A 150 18.53 46.88 1.54
C ARG A 150 17.03 47.11 1.42
N ILE A 151 16.27 46.04 1.16
CA ILE A 151 14.83 46.18 0.98
C ILE A 151 14.08 46.32 2.30
N ARG A 152 14.70 45.95 3.42
CA ARG A 152 14.08 46.08 4.72
C ARG A 152 14.71 47.20 5.56
N ARG A 153 15.62 47.98 4.97
CA ARG A 153 16.24 49.12 5.64
C ARG A 153 16.94 48.70 6.93
N PHE A 154 17.68 47.59 6.86
CA PHE A 154 18.50 47.13 7.98
C PHE A 154 19.90 47.73 7.82
N ASP A 155 20.04 48.98 8.30
CA ASP A 155 21.30 49.68 8.14
C ASP A 155 22.41 49.03 8.95
N TRP A 156 22.07 48.37 10.06
CA TRP A 156 23.10 47.69 10.85
C TRP A 156 23.76 46.57 10.07
N PHE A 157 22.97 45.82 9.31
CA PHE A 157 23.54 44.75 8.49
C PHE A 157 24.42 45.32 7.38
N PHE A 158 23.99 46.42 6.77
CA PHE A 158 24.71 46.98 5.63
C PHE A 158 26.03 47.63 6.04
N GLU A 159 26.25 47.85 7.34
CA GLU A 159 27.47 48.46 7.83
C GLU A 159 28.38 47.51 8.59
N ASN A 160 27.84 46.44 9.16
CA ASN A 160 28.66 45.52 9.94
C ASN A 160 29.53 44.64 9.05
N THR A 161 29.02 44.25 7.88
CA THR A 161 29.78 43.39 6.96
C THR A 161 30.93 44.13 6.29
N ASN A 162 31.00 45.46 6.42
CA ASN A 162 32.04 46.27 5.78
C ASN A 162 32.01 46.15 4.27
N MET A 163 30.82 45.90 3.71
CA MET A 163 30.65 45.78 2.27
C MET A 163 29.18 45.92 1.89
N PRO A 181 33.40 46.17 -25.47
CA PRO A 181 34.30 45.09 -25.06
C PRO A 181 34.07 43.80 -25.85
N SER A 182 33.43 43.92 -27.02
CA SER A 182 33.21 42.74 -27.85
C SER A 182 34.47 42.33 -28.58
N SER A 183 35.30 43.30 -28.98
CA SER A 183 36.52 42.98 -29.71
C SER A 183 37.51 42.21 -28.84
N VAL A 184 37.67 42.62 -27.58
CA VAL A 184 38.59 41.92 -26.69
C VAL A 184 38.06 40.53 -26.37
N TRP A 185 36.76 40.40 -26.17
CA TRP A 185 36.18 39.08 -25.91
C TRP A 185 36.38 38.15 -27.10
N GLU A 186 36.16 38.66 -28.31
CA GLU A 186 36.32 37.84 -29.51
C GLU A 186 37.76 37.44 -29.72
N ASN A 187 38.69 38.39 -29.51
CA ASN A 187 40.10 38.08 -29.70
C ASN A 187 40.61 37.05 -28.69
N MET A 188 40.16 37.15 -27.44
CA MET A 188 40.61 36.21 -26.43
C MET A 188 40.14 34.79 -26.72
N TRP A 189 38.89 34.63 -27.15
CA TRP A 189 38.42 33.30 -27.48
C TRP A 189 39.06 32.76 -28.75
N ASN A 190 39.46 33.63 -29.66
CA ASN A 190 40.20 33.18 -30.84
C ASN A 190 41.63 32.77 -30.49
N LEU A 191 42.24 33.45 -29.52
CA LEU A 191 43.60 33.12 -29.12
C LEU A 191 43.63 31.84 -28.28
N LEU A 192 42.67 31.68 -27.38
CA LEU A 192 42.65 30.52 -26.50
C LEU A 192 42.17 29.25 -27.20
N GLY A 193 41.30 29.39 -28.19
CA GLY A 193 40.76 28.21 -28.85
C GLY A 193 39.89 27.41 -27.90
N ILE A 194 40.21 26.13 -27.75
CA ILE A 194 39.49 25.26 -26.84
C ILE A 194 40.22 25.25 -25.50
N VAL A 195 39.50 25.59 -24.43
CA VAL A 195 40.07 25.61 -23.09
C VAL A 195 39.90 24.21 -22.50
N HIS A 196 40.97 23.44 -22.52
CA HIS A 196 40.96 22.07 -22.01
C HIS A 196 41.31 22.10 -20.54
N ILE A 197 40.30 21.93 -19.69
CA ILE A 197 40.47 21.97 -18.23
C ILE A 197 40.39 20.53 -17.72
N GLU A 198 41.39 20.14 -16.94
CA GLU A 198 41.47 18.80 -16.38
C GLU A 198 41.66 18.91 -14.87
N VAL A 199 40.85 18.15 -14.12
CA VAL A 199 40.90 18.16 -12.66
C VAL A 199 41.12 16.72 -12.22
N SER A 200 42.29 16.45 -11.64
CA SER A 200 42.59 15.10 -11.19
C SER A 200 41.67 14.68 -10.06
N ALA A 201 41.38 15.59 -9.13
CA ALA A 201 40.49 15.33 -8.03
C ALA A 201 39.86 16.64 -7.59
N GLY A 202 38.58 16.61 -7.26
CA GLY A 202 37.87 17.82 -6.88
C GLY A 202 36.82 17.53 -5.83
N CYS A 203 36.53 18.54 -5.01
CA CYS A 203 35.49 18.43 -4.01
C CYS A 203 34.78 19.77 -3.89
N ILE A 204 33.46 19.72 -3.73
CA ILE A 204 32.64 20.90 -3.53
C ILE A 204 31.88 20.73 -2.23
N LEU A 205 32.12 21.62 -1.29
CA LEU A 205 31.50 21.58 0.03
C LEU A 205 30.55 22.76 0.17
N VAL A 206 29.30 22.49 0.50
CA VAL A 206 28.28 23.53 0.66
C VAL A 206 27.82 23.51 2.10
N GLY A 207 28.00 24.62 2.79
CA GLY A 207 27.62 24.73 4.19
C GLY A 207 28.56 25.65 4.92
N ASN A 208 28.14 26.04 6.13
CA ASN A 208 28.90 26.94 6.97
C ASN A 208 28.81 26.44 8.41
N LYS A 209 29.22 27.27 9.35
CA LYS A 209 29.25 26.87 10.75
C LYS A 209 27.87 26.86 11.39
N PHE A 210 26.88 27.47 10.78
CA PHE A 210 25.53 27.52 11.33
C PHE A 210 24.62 26.44 10.76
N LEU A 211 25.13 25.56 9.91
CA LEU A 211 24.36 24.46 9.36
C LEU A 211 24.83 23.15 9.97
N PRO A 212 23.91 22.33 10.49
CA PRO A 212 24.34 21.08 11.14
C PRO A 212 25.06 20.12 10.20
N TYR A 213 24.70 20.10 8.92
CA TYR A 213 25.30 19.19 7.96
C TYR A 213 25.68 19.94 6.70
N ALA A 214 26.75 19.50 6.06
CA ALA A 214 27.27 20.11 4.85
C ALA A 214 27.19 19.14 3.69
N LEU A 215 26.83 19.67 2.52
CA LEU A 215 26.74 18.84 1.31
C LEU A 215 28.14 18.66 0.72
N TRP A 216 28.63 17.43 0.72
CA TRP A 216 29.97 17.11 0.24
C TRP A 216 29.84 16.42 -1.11
N THR A 217 30.32 17.07 -2.16
CA THR A 217 30.40 16.49 -3.49
C THR A 217 31.86 16.27 -3.85
N ARG A 218 32.14 15.19 -4.57
CA ARG A 218 33.51 14.86 -4.93
C ARG A 218 33.52 14.15 -6.26
N PHE A 219 34.66 14.22 -6.94
CA PHE A 219 34.82 13.59 -8.25
C PHE A 219 36.30 13.38 -8.51
N GLU A 220 36.59 12.60 -9.55
CA GLU A 220 37.96 12.29 -9.94
C GLU A 220 38.08 12.29 -11.45
N ASN A 221 39.28 12.64 -11.92
CA ASN A 221 39.64 12.55 -13.33
C ASN A 221 38.63 13.24 -14.23
N LEU A 222 38.32 14.49 -13.89
CA LEU A 222 37.45 15.31 -14.71
C LEU A 222 38.25 15.86 -15.88
N ASN A 223 37.93 15.41 -17.09
CA ASN A 223 38.49 15.98 -18.30
C ASN A 223 37.38 16.74 -19.02
N SER A 224 37.58 18.03 -19.24
CA SER A 224 36.55 18.86 -19.84
C SER A 224 37.16 19.74 -20.90
N LYS A 225 36.33 20.16 -21.86
CA LYS A 225 36.75 21.04 -22.95
C LYS A 225 35.71 22.13 -23.11
N THR A 226 36.10 23.36 -22.80
CA THR A 226 35.24 24.52 -22.99
C THR A 226 35.48 25.10 -24.38
N SER A 227 34.39 25.37 -25.10
CA SER A 227 34.49 25.88 -26.45
C SER A 227 33.38 26.89 -26.69
N VAL A 228 33.57 27.71 -27.70
CA VAL A 228 32.57 28.70 -28.13
C VAL A 228 32.25 28.44 -29.59
N THR A 229 30.98 28.24 -29.89
CA THR A 229 30.53 27.94 -31.24
C THR A 229 29.45 28.92 -31.65
N GLU A 230 29.00 28.80 -32.90
CA GLU A 230 27.98 29.71 -33.41
C GLU A 230 26.66 29.50 -32.68
N SER A 231 25.93 30.58 -32.48
CA SER A 231 24.65 30.53 -31.80
C SER A 231 23.65 31.39 -32.54
N ALA A 232 22.43 30.87 -32.70
CA ALA A 232 21.36 31.64 -33.30
C ALA A 232 20.80 32.62 -32.29
N ASN A 233 20.51 33.84 -32.73
CA ASN A 233 19.85 34.88 -31.94
C ASN A 233 20.73 35.43 -30.82
N ASP A 234 21.93 34.88 -30.64
CA ASP A 234 22.81 35.29 -29.56
C ASP A 234 24.24 35.46 -30.06
N ARG A 235 25.06 36.09 -29.22
CA ARG A 235 26.43 36.38 -29.61
C ARG A 235 27.23 35.09 -29.84
N ALA A 236 27.09 34.12 -28.95
CA ALA A 236 27.86 32.89 -29.03
C ALA A 236 27.21 31.83 -28.16
N LEU A 237 27.69 30.60 -28.31
CA LEU A 237 27.21 29.46 -27.53
C LEU A 237 28.42 28.82 -26.85
N LEU A 238 28.47 28.92 -25.54
CA LEU A 238 29.54 28.31 -24.76
C LEU A 238 29.15 26.89 -24.36
N THR A 239 29.99 25.93 -24.70
CA THR A 239 29.76 24.53 -24.39
C THR A 239 30.85 24.04 -23.46
N PHE A 240 30.47 23.34 -22.40
CA PHE A 240 31.40 22.79 -21.41
C PHE A 240 31.09 21.31 -21.28
N GLU A 241 31.70 20.51 -22.14
CA GLU A 241 31.54 19.07 -22.13
C GLU A 241 32.63 18.42 -21.28
N GLY A 242 32.44 17.15 -20.96
CA GLY A 242 33.48 16.43 -20.25
C GLY A 242 32.94 15.17 -19.59
N GLU A 243 33.86 14.47 -18.92
CA GLU A 243 33.55 13.26 -18.18
C GLU A 243 34.31 13.28 -16.86
N THR A 244 33.79 12.52 -15.89
CA THR A 244 34.45 12.28 -14.63
C THR A 244 34.46 10.78 -14.35
N GLU A 245 35.60 10.27 -13.89
CA GLU A 245 35.75 8.83 -13.67
C GLU A 245 35.19 8.36 -12.35
N ASN A 246 34.66 9.26 -11.53
CA ASN A 246 34.05 8.90 -10.26
C ASN A 246 33.33 10.13 -9.72
N VAL A 247 32.24 9.92 -9.00
CA VAL A 247 31.46 11.02 -8.46
C VAL A 247 30.62 10.50 -7.32
N ALA A 248 30.56 11.27 -6.23
CA ALA A 248 29.79 10.89 -5.05
C ALA A 248 29.37 12.14 -4.30
N VAL A 249 28.10 12.18 -3.90
CA VAL A 249 27.57 13.25 -3.08
C VAL A 249 27.14 12.65 -1.75
N SER A 250 27.09 13.46 -0.72
CA SER A 250 26.69 13.00 0.60
C SER A 250 26.48 14.20 1.51
N LEU A 251 25.98 13.95 2.71
CA LEU A 251 25.84 14.94 3.75
C LEU A 251 26.74 14.56 4.92
N ILE A 252 27.66 15.44 5.27
CA ILE A 252 28.63 15.16 6.33
C ILE A 252 28.31 16.03 7.53
N LYS A 253 28.72 15.56 8.71
CA LYS A 253 28.44 16.24 9.95
C LYS A 253 29.35 17.43 10.13
N ASN A 254 28.77 18.57 10.51
CA ASN A 254 29.56 19.77 10.80
C ASN A 254 30.11 19.66 12.21
N GLU A 255 31.43 19.76 12.34
CA GLU A 255 32.06 19.62 13.66
C GLU A 255 31.86 20.84 14.53
N GLN A 256 31.78 22.03 13.93
CA GLN A 256 31.58 23.25 14.70
C GLN A 256 30.18 23.35 15.28
N PHE A 257 29.24 22.57 14.76
CA PHE A 257 27.85 22.68 15.21
C PHE A 257 27.69 22.12 16.62
N ASP A 258 26.78 22.73 17.37
CA ASP A 258 26.45 22.30 18.73
C ASP A 258 25.15 21.50 18.67
N PHE A 259 25.29 20.20 18.39
CA PHE A 259 24.12 19.35 18.26
C PHE A 259 23.44 19.16 19.60
N THR A 260 22.11 19.22 19.59
CA THR A 260 21.28 19.06 20.77
C THR A 260 20.40 17.83 20.62
N ALA A 261 19.54 17.60 21.61
CA ALA A 261 18.62 16.48 21.56
C ALA A 261 17.58 16.65 20.45
N LYS A 262 17.30 17.89 20.05
CA LYS A 262 16.34 18.12 18.97
C LYS A 262 16.84 17.55 17.65
N ASP A 263 18.15 17.65 17.40
CA ASP A 263 18.72 17.14 16.17
C ASP A 263 18.59 15.62 16.10
N LYS A 264 18.34 15.11 14.91
CA LYS A 264 18.16 13.68 14.68
C LYS A 264 19.29 13.15 13.81
N ASP A 265 19.81 11.99 14.17
CA ASP A 265 20.90 11.38 13.41
C ASP A 265 20.40 10.87 12.06
N PRO A 266 21.26 10.82 11.05
CA PRO A 266 20.86 10.24 9.78
C PRO A 266 20.56 8.76 9.93
N PRO A 267 19.65 8.21 9.11
CA PRO A 267 19.32 6.79 9.24
C PRO A 267 20.50 5.85 9.00
N ARG A 268 21.42 6.22 8.12
CA ARG A 268 22.54 5.35 7.79
C ARG A 268 23.70 6.20 7.28
N THR A 269 24.92 5.79 7.63
CA THR A 269 26.14 6.47 7.21
C THR A 269 27.13 5.46 6.66
N MET A 270 27.87 5.86 5.63
CA MET A 270 28.93 5.02 5.07
C MET A 270 30.28 5.44 5.66
N GLY A 271 30.48 5.08 6.92
CA GLY A 271 31.71 5.45 7.60
C GLY A 271 31.80 6.95 7.78
N ASN A 272 32.93 7.53 7.37
CA ASN A 272 33.15 8.95 7.52
C ASN A 272 32.54 9.77 6.38
N ASP A 273 31.97 9.12 5.37
CA ASP A 273 31.41 9.84 4.24
C ASP A 273 30.02 10.40 4.51
N GLY A 274 29.40 10.05 5.63
CA GLY A 274 28.10 10.59 5.95
C GLY A 274 26.99 9.87 5.19
N CYS A 275 25.83 10.51 5.17
CA CYS A 275 24.67 9.93 4.52
C CYS A 275 24.81 10.01 3.01
N PRO A 276 24.86 8.89 2.29
CA PRO A 276 25.11 8.93 0.85
C PRO A 276 23.95 9.53 0.07
N LEU A 277 24.29 10.13 -1.07
CA LEU A 277 23.33 10.63 -2.04
C LEU A 277 24.02 10.61 -3.39
N LEU A 278 23.48 9.86 -4.36
CA LEU A 278 23.98 9.87 -5.73
C LEU A 278 25.47 9.50 -5.78
N GLN A 279 25.73 8.24 -5.46
CA GLN A 279 27.02 7.63 -5.71
C GLN A 279 27.02 7.04 -7.11
N SER A 280 28.05 7.33 -7.89
CA SER A 280 28.12 6.88 -9.27
C SER A 280 29.57 6.58 -9.63
N ALA A 281 29.74 5.78 -10.68
CA ALA A 281 31.07 5.40 -11.15
C ALA A 281 31.57 6.26 -12.30
N SER A 282 30.68 6.96 -13.00
CA SER A 282 31.11 7.86 -14.05
C SER A 282 29.99 8.87 -14.31
N LEU A 283 30.36 9.99 -14.91
CA LEU A 283 29.40 11.04 -15.22
C LEU A 283 29.90 11.83 -16.42
N GLU A 284 29.05 11.94 -17.45
CA GLU A 284 29.35 12.74 -18.63
C GLU A 284 28.40 13.93 -18.63
N PHE A 285 28.96 15.14 -18.67
CA PHE A 285 28.19 16.36 -18.59
C PHE A 285 28.38 17.19 -19.84
N VAL A 286 27.31 17.82 -20.30
CA VAL A 286 27.33 18.75 -21.42
C VAL A 286 26.54 19.98 -20.98
N TYR A 287 27.24 21.04 -20.61
CA TYR A 287 26.62 22.29 -20.19
C TYR A 287 26.69 23.28 -21.35
N LYS A 288 25.53 23.80 -21.75
CA LYS A 288 25.45 24.74 -22.86
C LYS A 288 24.78 26.02 -22.37
N GLN A 289 25.34 27.17 -22.76
CA GLN A 289 24.80 28.46 -22.35
C GLN A 289 25.12 29.49 -23.42
N ASP A 290 24.07 30.06 -24.00
CA ASP A 290 24.26 31.14 -24.95
C ASP A 290 24.74 32.40 -24.22
N LEU A 291 25.83 32.97 -24.71
CA LEU A 291 26.29 34.26 -24.21
C LEU A 291 25.41 35.35 -24.79
N LEU A 292 24.65 36.01 -23.94
CA LEU A 292 23.54 36.83 -24.38
C LEU A 292 24.00 38.03 -25.19
N GLY A 293 23.27 38.34 -26.24
CA GLY A 293 23.53 39.48 -27.11
C GLY A 293 22.61 40.64 -26.79
N TYR A 294 22.12 41.29 -27.86
CA TYR A 294 21.24 42.43 -27.73
C TYR A 294 20.00 42.21 -28.57
N VAL A 295 18.89 42.81 -28.14
CA VAL A 295 17.63 42.70 -28.85
C VAL A 295 17.69 43.58 -30.09
N THR A 296 17.35 42.99 -31.24
CA THR A 296 17.33 43.72 -32.50
C THR A 296 15.93 44.03 -33.00
N ASP A 297 14.96 43.18 -32.69
CA ASP A 297 13.60 43.42 -33.13
C ASP A 297 12.97 44.58 -32.36
N ASP A 298 11.93 45.17 -32.95
CA ASP A 298 11.23 46.27 -32.29
C ASP A 298 10.55 45.80 -31.01
N GLU A 299 9.89 44.64 -31.05
CA GLU A 299 9.24 44.13 -29.86
C GLU A 299 10.28 43.61 -28.87
N PRO A 300 9.94 43.58 -27.57
CA PRO A 300 10.91 43.08 -26.58
C PRO A 300 11.22 41.61 -26.75
N GLN A 301 12.09 41.08 -25.91
CA GLN A 301 12.44 39.67 -25.98
C GLN A 301 11.21 38.81 -25.71
N SER A 302 11.03 37.79 -26.53
CA SER A 302 9.88 36.90 -26.39
C SER A 302 10.14 35.86 -25.29
N ILE A 303 9.05 35.39 -24.71
CA ILE A 303 9.14 34.32 -23.71
C ILE A 303 9.12 32.94 -24.36
N THR A 304 8.70 32.83 -25.62
CA THR A 304 8.60 31.55 -26.30
C THR A 304 9.29 31.50 -27.65
N LEU A 305 9.72 32.63 -28.21
CA LEU A 305 10.35 32.68 -29.52
C LEU A 305 11.79 33.12 -29.39
N LYS A 306 12.69 32.45 -30.13
CA LYS A 306 14.10 32.77 -30.14
C LYS A 306 14.71 32.73 -28.74
N LEU A 307 14.34 31.71 -27.98
CA LEU A 307 14.83 31.60 -26.61
C LEU A 307 16.33 31.34 -26.61
N PRO A 308 17.11 32.06 -25.80
CA PRO A 308 18.53 31.72 -25.67
C PRO A 308 18.68 30.31 -25.12
N LEU A 309 19.64 29.57 -25.68
CA LEU A 309 19.87 28.20 -25.25
C LEU A 309 20.60 28.18 -23.92
N TRP A 310 20.08 27.40 -22.98
CA TRP A 310 20.69 27.26 -21.66
C TRP A 310 20.27 25.89 -21.13
N SER A 311 21.13 24.90 -21.30
CA SER A 311 20.78 23.52 -21.00
C SER A 311 21.92 22.86 -20.25
N SER A 312 21.65 21.66 -19.75
CA SER A 312 22.63 20.89 -19.00
C SER A 312 22.24 19.42 -19.06
N GLU A 313 23.18 18.57 -19.44
CA GLU A 313 22.94 17.14 -19.58
C GLU A 313 23.87 16.37 -18.67
N TRP A 314 23.34 15.33 -18.03
CA TRP A 314 24.09 14.54 -17.05
C TRP A 314 23.82 13.06 -17.32
N ARG A 315 24.79 12.37 -17.91
CA ARG A 315 24.68 10.95 -18.19
C ARG A 315 25.49 10.17 -17.15
N PHE A 316 24.81 9.36 -16.37
CA PHE A 316 25.43 8.59 -15.30
C PHE A 316 25.70 7.16 -15.77
N GLY A 317 26.83 6.61 -15.32
CA GLY A 317 27.28 5.29 -15.74
C GLY A 317 26.90 4.20 -14.77
N ASN A 318 27.85 3.31 -14.50
CA ASN A 318 27.58 2.14 -13.67
C ASN A 318 27.49 2.53 -12.20
N ASN A 319 26.90 1.62 -11.41
CA ASN A 319 26.90 1.69 -9.95
C ASN A 319 26.31 3.01 -9.44
N THR A 320 25.19 3.42 -10.04
CA THR A 320 24.45 4.59 -9.56
C THR A 320 23.47 4.13 -8.49
N VAL A 321 23.62 4.65 -7.27
CA VAL A 321 22.84 4.20 -6.12
C VAL A 321 21.72 5.18 -5.78
N LEU A 322 22.03 6.47 -5.68
CA LEU A 322 21.03 7.55 -5.66
C LEU A 322 20.00 7.35 -4.55
N SER A 323 20.48 7.44 -3.32
CA SER A 323 19.62 7.30 -2.15
C SER A 323 19.14 8.65 -1.65
N TYR A 324 18.09 8.61 -0.83
CA TYR A 324 17.45 9.81 -0.30
C TYR A 324 16.57 9.40 0.87
N GLY A 325 15.84 10.37 1.43
CA GLY A 325 14.94 10.10 2.52
C GLY A 325 14.43 11.35 3.20
N PRO A 326 13.52 11.18 4.17
CA PRO A 326 13.01 12.36 4.91
C PRO A 326 14.08 13.13 5.65
N TRP A 327 15.07 12.44 6.22
CA TRP A 327 16.13 13.14 6.92
C TRP A 327 16.96 13.99 5.97
N ALA A 328 17.28 13.44 4.78
CA ALA A 328 17.99 14.22 3.78
C ALA A 328 17.14 15.38 3.28
N GLU A 329 15.81 15.21 3.28
CA GLU A 329 14.92 16.31 2.91
C GLU A 329 15.02 17.46 3.89
N GLN A 330 15.10 17.17 5.19
CA GLN A 330 15.26 18.22 6.18
C GLN A 330 16.57 18.95 6.00
N GLN A 331 17.65 18.21 5.72
CA GLN A 331 18.95 18.84 5.51
C GLN A 331 18.95 19.66 4.23
N ARG A 332 18.26 19.19 3.19
CA ARG A 332 18.12 20.00 1.98
C ARG A 332 17.40 21.30 2.27
N PHE A 333 16.33 21.24 3.06
CA PHE A 333 15.60 22.45 3.40
C PHE A 333 16.46 23.42 4.19
N LEU A 334 17.22 22.92 5.16
CA LEU A 334 18.05 23.79 5.98
C LEU A 334 19.12 24.48 5.14
N ILE A 335 19.80 23.73 4.29
CA ILE A 335 20.88 24.30 3.49
C ILE A 335 20.33 25.24 2.43
N TYR A 336 19.26 24.84 1.76
CA TYR A 336 18.68 25.69 0.71
C TYR A 336 18.10 26.97 1.29
N SER A 337 17.44 26.88 2.44
CA SER A 337 16.85 28.07 3.06
C SER A 337 17.92 29.06 3.47
N PHE A 338 19.13 28.60 3.75
CA PHE A 338 20.21 29.53 4.08
C PHE A 338 20.71 30.25 2.83
N PHE A 339 21.19 29.50 1.85
CA PHE A 339 21.80 30.11 0.67
C PHE A 339 20.78 30.80 -0.22
N TYR A 340 19.49 30.51 -0.06
CA TYR A 340 18.42 31.18 -0.80
C TYR A 340 17.35 31.60 0.19
N PRO A 341 17.61 32.64 0.98
CA PRO A 341 16.65 33.03 2.01
C PRO A 341 15.39 33.59 1.39
N PRO A 342 14.24 33.45 2.07
CA PRO A 342 13.01 34.08 1.58
C PRO A 342 13.00 35.57 1.91
N ASP A 343 12.85 36.40 0.88
CA ASP A 343 12.76 37.84 1.09
C ASP A 343 11.35 38.28 1.48
N PHE A 344 10.36 37.39 1.42
CA PHE A 344 8.99 37.69 1.79
C PHE A 344 8.45 38.89 1.01
N GLN A 345 8.83 38.98 -0.26
CA GLN A 345 8.44 40.08 -1.12
C GLN A 345 7.59 39.54 -2.26
N ASN A 346 6.47 40.22 -2.53
CA ASN A 346 5.64 39.86 -3.67
C ASN A 346 6.35 40.25 -4.96
N SER A 347 6.68 39.26 -5.78
CA SER A 347 7.46 39.51 -6.98
C SER A 347 6.61 40.25 -8.01
N THR A 348 7.27 40.62 -9.11
CA THR A 348 6.61 41.28 -10.23
C THR A 348 7.04 40.60 -11.51
N ALA A 349 6.16 40.64 -12.51
CA ALA A 349 6.50 40.09 -13.82
C ALA A 349 7.70 40.83 -14.38
N THR A 350 8.75 40.08 -14.74
CA THR A 350 9.98 40.70 -15.23
C THR A 350 9.71 41.44 -16.53
N ALA A 351 10.32 42.61 -16.65
CA ALA A 351 10.20 43.41 -17.87
C ALA A 351 11.18 42.87 -18.91
N MET A 352 10.65 42.38 -20.02
CA MET A 352 11.51 41.87 -21.07
C MET A 352 12.35 43.00 -21.66
N PRO A 353 13.63 42.76 -21.92
CA PRO A 353 14.47 43.82 -22.47
C PRO A 353 13.96 44.27 -23.83
N THR A 354 14.02 45.57 -24.07
CA THR A 354 13.54 46.16 -25.30
C THR A 354 14.66 46.21 -26.34
N ARG A 355 14.37 46.82 -27.49
CA ARG A 355 15.34 46.91 -28.57
C ARG A 355 16.56 47.71 -28.13
N GLY A 356 17.74 47.20 -28.45
CA GLY A 356 18.97 47.83 -28.06
C GLY A 356 19.46 47.49 -26.66
N LYS A 357 18.72 46.67 -25.92
CA LYS A 357 19.08 46.27 -24.58
C LYS A 357 19.55 44.83 -24.58
N LYS A 358 20.43 44.50 -23.64
CA LYS A 358 20.97 43.15 -23.55
C LYS A 358 19.87 42.16 -23.20
N ARG A 359 19.88 41.01 -23.88
CA ARG A 359 18.89 39.99 -23.63
C ARG A 359 19.14 39.30 -22.29
N ILE A 360 18.13 38.56 -21.83
CA ILE A 360 18.19 37.83 -20.57
C ILE A 360 17.84 36.38 -20.82
N HIS A 361 18.29 35.52 -19.92
CA HIS A 361 17.97 34.11 -20.02
C HIS A 361 16.53 33.86 -19.60
N VAL A 362 15.86 32.96 -20.32
CA VAL A 362 14.45 32.69 -20.12
C VAL A 362 14.22 31.44 -19.28
N LYS A 363 14.94 30.36 -19.57
CA LYS A 363 14.75 29.12 -18.85
C LYS A 363 16.02 28.28 -18.94
N HIS A 364 16.12 27.30 -18.06
CA HIS A 364 17.22 26.35 -18.04
C HIS A 364 16.65 24.94 -18.14
N ASP A 365 17.19 24.15 -19.07
CA ASP A 365 16.75 22.78 -19.28
C ASP A 365 17.76 21.82 -18.69
N VAL A 366 17.28 20.83 -17.96
CA VAL A 366 18.12 19.80 -17.35
C VAL A 366 17.67 18.45 -17.89
N LYS A 367 18.62 17.65 -18.36
CA LYS A 367 18.33 16.30 -18.84
C LYS A 367 19.31 15.34 -18.19
N ILE A 368 18.78 14.43 -17.37
CA ILE A 368 19.58 13.43 -16.68
C ILE A 368 19.27 12.07 -17.28
N ILE A 369 20.30 11.35 -17.72
CA ILE A 369 20.14 10.06 -18.36
C ILE A 369 20.91 9.02 -17.54
N LEU A 370 20.26 7.91 -17.24
CA LEU A 370 20.86 6.82 -16.47
C LEU A 370 21.19 5.70 -17.46
N THR A 371 22.41 5.74 -18.01
CA THR A 371 22.77 4.84 -19.10
C THR A 371 22.86 3.38 -18.68
N LYS A 372 22.92 3.09 -17.38
CA LYS A 372 22.96 1.72 -16.88
C LYS A 372 21.79 1.51 -15.92
N GLU A 373 21.74 0.32 -15.32
CA GLU A 373 20.73 0.05 -14.31
C GLU A 373 21.03 0.87 -13.06
N THR A 374 20.02 1.57 -12.56
CA THR A 374 20.19 2.53 -11.49
C THR A 374 19.28 2.20 -10.32
N CYS A 375 19.83 2.19 -9.12
CA CYS A 375 19.05 2.06 -7.90
C CYS A 375 18.56 3.43 -7.45
N MET A 376 17.44 3.43 -6.72
CA MET A 376 16.88 4.67 -6.17
C MET A 376 16.21 4.29 -4.85
N ASP A 377 16.89 4.55 -3.75
CA ASP A 377 16.46 4.09 -2.43
C ASP A 377 15.92 5.25 -1.60
N ILE A 378 14.91 4.96 -0.81
CA ILE A 378 14.36 5.90 0.17
C ILE A 378 14.49 5.27 1.54
N TRP A 379 15.23 5.92 2.42
CA TRP A 379 15.48 5.40 3.76
C TRP A 379 14.82 6.28 4.81
N PHE A 380 14.17 5.65 5.78
CA PHE A 380 13.57 6.38 6.89
C PHE A 380 13.54 5.45 8.10
N MET A 381 13.38 6.06 9.26
CA MET A 381 13.44 5.34 10.53
C MET A 381 12.05 5.24 11.13
N ARG A 382 11.66 4.03 11.52
CA ARG A 382 10.45 3.79 12.29
C ARG A 382 10.90 3.28 13.66
N GLY A 383 10.87 4.16 14.65
CA GLY A 383 11.39 3.79 15.95
C GLY A 383 12.88 3.53 15.85
N GLU A 384 13.29 2.31 16.20
CA GLU A 384 14.69 1.89 16.14
C GLU A 384 14.97 0.98 14.96
N GLN A 385 14.05 0.89 13.99
CA GLN A 385 14.21 0.02 12.84
C GLN A 385 14.37 0.86 11.58
N LEU A 386 15.32 0.46 10.73
CA LEU A 386 15.61 1.16 9.49
C LEU A 386 14.73 0.59 8.38
N GLU A 387 13.73 1.35 7.96
CA GLU A 387 12.87 0.96 6.85
C GLU A 387 13.43 1.53 5.55
N SER A 388 12.98 0.95 4.44
CA SER A 388 13.47 1.39 3.14
C SER A 388 12.45 1.06 2.07
N ILE A 389 12.48 1.85 1.00
CA ILE A 389 11.73 1.57 -0.23
C ILE A 389 12.75 1.61 -1.35
N ARG A 390 13.31 0.45 -1.68
CA ARG A 390 14.40 0.36 -2.64
C ARG A 390 13.85 0.05 -4.02
N THR A 391 14.06 0.96 -4.96
CA THR A 391 13.56 0.80 -6.32
C THR A 391 14.73 0.62 -7.28
N ARG A 392 14.39 0.38 -8.55
CA ARG A 392 15.37 0.18 -9.60
C ARG A 392 14.79 0.63 -10.92
N CYS A 393 15.66 0.92 -11.87
CA CYS A 393 15.25 1.25 -13.23
C CYS A 393 16.34 0.80 -14.18
N GLY A 394 15.94 0.55 -15.43
CA GLY A 394 16.84 0.04 -16.42
C GLY A 394 17.63 1.13 -17.12
N PRO A 395 18.46 0.74 -18.09
CA PRO A 395 19.24 1.73 -18.82
C PRO A 395 18.35 2.65 -19.65
N LEU A 396 18.87 3.85 -19.90
CA LEU A 396 18.20 4.89 -20.69
C LEU A 396 16.92 5.37 -19.99
N SER A 397 17.00 5.55 -18.67
CA SER A 397 15.93 6.17 -17.90
C SER A 397 16.28 7.64 -17.71
N SER A 398 15.38 8.52 -18.15
CA SER A 398 15.70 9.94 -18.27
C SER A 398 14.81 10.78 -17.36
N LEU A 399 15.36 11.89 -16.88
CA LEU A 399 14.63 12.89 -16.12
C LEU A 399 14.86 14.24 -16.78
N ASP A 400 13.79 14.89 -17.21
CA ASP A 400 13.86 16.22 -17.79
C ASP A 400 13.30 17.24 -16.81
N MET A 401 13.81 18.46 -16.89
CA MET A 401 13.49 19.48 -15.89
C MET A 401 13.68 20.85 -16.54
N SER A 402 12.58 21.48 -16.94
CA SER A 402 12.62 22.81 -17.52
C SER A 402 12.26 23.81 -16.43
N ILE A 403 13.24 24.63 -16.03
CA ILE A 403 13.09 25.59 -14.94
C ILE A 403 13.01 26.98 -15.55
N LEU A 404 11.89 27.66 -15.35
CA LEU A 404 11.73 29.02 -15.86
C LEU A 404 12.56 29.97 -15.01
N TRP A 405 13.35 30.82 -15.67
CA TRP A 405 14.24 31.75 -14.99
C TRP A 405 13.69 33.17 -14.96
N ILE A 406 12.50 33.40 -15.51
CA ILE A 406 11.88 34.71 -15.46
C ILE A 406 10.55 34.58 -14.75
N THR A 407 9.84 35.69 -14.60
CA THR A 407 8.54 35.70 -13.95
C THR A 407 7.53 36.40 -14.85
N THR A 408 6.34 35.82 -14.95
CA THR A 408 5.25 36.36 -15.75
C THR A 408 4.13 36.84 -14.82
N GLU A 409 3.00 37.22 -15.43
CA GLU A 409 1.84 37.62 -14.64
C GLU A 409 1.24 36.46 -13.86
N LYS A 410 1.64 35.23 -14.16
CA LYS A 410 1.21 34.06 -13.39
C LYS A 410 2.30 33.57 -12.44
N GLY A 411 3.36 34.35 -12.25
CA GLY A 411 4.48 33.93 -11.44
C GLY A 411 5.48 33.15 -12.26
N PHE A 412 6.16 32.18 -11.64
CA PHE A 412 7.10 31.33 -12.35
C PHE A 412 6.72 29.88 -12.12
N TYR A 413 7.25 29.00 -12.97
CA TYR A 413 6.93 27.59 -12.90
C TYR A 413 8.12 26.77 -13.34
N TRP A 414 8.06 25.47 -13.08
CA TRP A 414 9.06 24.55 -13.59
C TRP A 414 8.41 23.19 -13.81
N ASN A 415 8.77 22.54 -14.92
CA ASN A 415 8.21 21.27 -15.31
C ASN A 415 9.13 20.13 -14.89
N MET A 416 8.70 18.91 -15.16
CA MET A 416 9.48 17.71 -14.89
C MET A 416 8.89 16.56 -15.68
N LYS A 417 9.76 15.78 -16.31
CA LYS A 417 9.33 14.63 -17.11
C LYS A 417 10.31 13.48 -16.84
N ALA A 418 9.97 12.64 -15.86
CA ALA A 418 10.75 11.45 -15.56
C ALA A 418 10.22 10.27 -16.36
N GLU A 419 11.10 9.31 -16.60
CA GLU A 419 10.74 8.08 -17.30
C GLU A 419 11.68 6.98 -16.85
N PHE A 420 11.16 6.01 -16.11
CA PHE A 420 11.96 4.90 -15.58
C PHE A 420 11.53 3.62 -16.30
N LEU A 421 12.43 3.08 -17.10
CA LEU A 421 12.16 1.82 -17.78
C LEU A 421 12.36 0.66 -16.83
N ASN A 422 11.47 -0.32 -16.91
CA ASN A 422 11.52 -1.52 -16.05
C ASN A 422 11.61 -1.13 -14.57
N PHE A 423 10.76 -0.19 -14.18
CA PHE A 423 10.78 0.30 -12.81
C PHE A 423 10.25 -0.76 -11.86
N GLU A 424 11.09 -1.19 -10.92
CA GLU A 424 10.74 -2.24 -9.96
C GLU A 424 11.01 -1.72 -8.56
N ALA A 425 10.03 -1.88 -7.68
CA ALA A 425 10.12 -1.36 -6.32
C ALA A 425 9.94 -2.49 -5.32
N THR A 426 10.66 -2.40 -4.20
CA THR A 426 10.54 -3.36 -3.11
C THR A 426 10.64 -2.61 -1.79
N THR A 427 10.12 -3.22 -0.74
CA THR A 427 10.07 -2.61 0.58
C THR A 427 10.93 -3.40 1.56
N SER A 428 10.95 -2.93 2.80
CA SER A 428 11.74 -3.54 3.86
C SER A 428 10.89 -4.41 4.79
N LEU A 429 9.62 -4.61 4.46
CA LEU A 429 8.74 -5.43 5.28
C LEU A 429 9.15 -6.90 5.18
N ILE A 430 8.46 -7.74 5.95
CA ILE A 430 8.70 -9.18 5.84
C ILE A 430 8.29 -9.69 4.47
N PHE A 431 7.23 -9.11 3.90
CA PHE A 431 6.84 -9.36 2.52
C PHE A 431 7.38 -8.19 1.69
N THR A 432 8.48 -8.43 0.98
CA THR A 432 9.22 -7.34 0.36
C THR A 432 8.64 -6.88 -0.96
N LYS A 433 7.99 -7.78 -1.71
CA LYS A 433 7.51 -7.42 -3.04
C LYS A 433 6.50 -6.28 -2.96
N LEU A 434 6.76 -5.20 -3.68
CA LEU A 434 5.87 -4.05 -3.68
C LEU A 434 5.30 -3.73 -5.05
N PHE A 435 6.14 -3.57 -6.06
CA PHE A 435 5.68 -3.01 -7.32
C PHE A 435 6.63 -3.39 -8.43
N SER A 436 6.13 -3.31 -9.67
CA SER A 436 6.93 -3.60 -10.86
C SER A 436 6.15 -3.14 -12.08
N CYS A 437 6.86 -2.60 -13.06
CA CYS A 437 6.25 -2.19 -14.32
C CYS A 437 7.35 -2.11 -15.37
N LYS A 438 6.93 -2.13 -16.64
CA LYS A 438 7.88 -2.04 -17.73
C LYS A 438 8.20 -0.60 -18.11
N LYS A 439 7.41 0.37 -17.66
CA LYS A 439 7.70 1.78 -17.92
C LYS A 439 6.90 2.62 -16.94
N PHE A 440 7.53 3.71 -16.47
CA PHE A 440 6.93 4.59 -15.48
C PHE A 440 7.22 6.03 -15.90
N ASN A 441 6.18 6.82 -16.12
CA ASN A 441 6.31 8.19 -16.58
C ASN A 441 5.68 9.14 -15.58
N VAL A 442 6.38 10.23 -15.27
CA VAL A 442 5.89 11.26 -14.35
C VAL A 442 6.01 12.61 -15.05
N ASP A 443 4.90 13.33 -15.12
CA ASP A 443 4.85 14.68 -15.70
C ASP A 443 4.32 15.63 -14.65
N GLY A 444 5.21 16.35 -13.98
CA GLY A 444 4.84 17.29 -12.93
C GLY A 444 5.06 18.72 -13.36
N SER A 445 4.06 19.56 -13.12
CA SER A 445 4.13 20.99 -13.39
C SER A 445 3.81 21.73 -12.10
N PHE A 446 4.73 22.61 -11.68
CA PHE A 446 4.62 23.29 -10.40
C PHE A 446 4.61 24.79 -10.63
N VAL A 447 3.54 25.45 -10.21
CA VAL A 447 3.30 26.86 -10.50
C VAL A 447 3.33 27.64 -9.20
N TYR A 448 4.08 28.74 -9.18
CA TYR A 448 4.19 29.62 -8.05
C TYR A 448 3.70 31.01 -8.43
N PRO A 449 2.77 31.59 -7.69
CA PRO A 449 2.23 32.91 -8.06
C PRO A 449 3.20 34.02 -7.69
N LEU A 450 2.80 35.25 -8.03
CA LEU A 450 3.65 36.41 -7.74
C LEU A 450 3.84 36.58 -6.23
N THR A 451 2.76 36.59 -5.48
CA THR A 451 2.85 36.77 -4.04
C THR A 451 3.51 35.55 -3.41
N TRP A 452 4.43 35.79 -2.48
CA TRP A 452 5.12 34.69 -1.81
C TRP A 452 4.14 33.85 -1.00
N ASN A 453 3.04 34.44 -0.57
CA ASN A 453 2.01 33.75 0.21
C ASN A 453 0.90 33.18 -0.67
N GLY A 454 0.98 33.36 -1.98
CA GLY A 454 -0.10 32.92 -2.85
C GLY A 454 -0.18 31.41 -2.95
N GLU A 455 -1.28 30.96 -3.53
CA GLU A 455 -1.57 29.54 -3.61
C GLU A 455 -0.79 28.91 -4.75
N GLN A 456 0.13 28.01 -4.41
CA GLN A 456 0.86 27.23 -5.41
C GLN A 456 -0.04 26.14 -5.98
N THR A 457 0.34 25.65 -7.16
CA THR A 457 -0.43 24.62 -7.84
C THR A 457 0.51 23.56 -8.37
N TRP A 458 0.36 22.33 -7.88
CA TRP A 458 1.12 21.19 -8.37
C TRP A 458 0.20 20.30 -9.19
N THR A 459 0.63 19.95 -10.39
CA THR A 459 -0.14 19.09 -11.28
C THR A 459 0.76 17.94 -11.71
N ILE A 460 0.65 16.80 -11.04
CA ILE A 460 1.50 15.65 -11.27
C ILE A 460 0.66 14.56 -11.93
N ASP A 461 1.11 14.08 -13.08
CA ASP A 461 0.47 12.98 -13.79
C ASP A 461 1.40 11.78 -13.79
N TYR A 462 0.91 10.65 -13.31
CA TYR A 462 1.64 9.41 -13.29
C TYR A 462 1.09 8.47 -14.36
N ALA A 463 1.98 7.70 -14.98
CA ALA A 463 1.59 6.74 -15.98
C ALA A 463 2.41 5.48 -15.82
N PHE A 464 1.76 4.34 -15.90
CA PHE A 464 2.41 3.04 -15.82
C PHE A 464 2.01 2.20 -17.02
N THR A 465 2.90 1.32 -17.44
CA THR A 465 2.64 0.38 -18.52
C THR A 465 2.89 -1.02 -18.01
N LYS A 466 1.87 -1.87 -18.09
CA LYS A 466 1.93 -3.27 -17.66
C LYS A 466 2.51 -3.38 -16.25
N ALA A 467 1.80 -2.77 -15.31
CA ALA A 467 2.24 -2.68 -13.93
C ALA A 467 1.56 -3.73 -13.07
N ASN A 468 2.34 -4.36 -12.19
CA ASN A 468 1.83 -5.29 -11.21
C ASN A 468 2.32 -4.89 -9.83
N ALA A 469 1.45 -4.99 -8.85
CA ALA A 469 1.75 -4.56 -7.49
C ALA A 469 1.21 -5.58 -6.50
N TRP A 470 1.85 -5.62 -5.33
CA TRP A 470 1.37 -6.37 -4.19
C TRP A 470 0.92 -5.38 -3.13
N PHE A 471 -0.33 -5.49 -2.69
CA PHE A 471 -0.88 -4.58 -1.70
C PHE A 471 -1.19 -5.35 -0.43
N VAL A 472 -0.62 -4.90 0.69
CA VAL A 472 -0.98 -5.36 2.02
C VAL A 472 -1.28 -4.12 2.84
N TRP A 473 -2.05 -4.30 3.91
CA TRP A 473 -2.35 -3.14 4.74
C TRP A 473 -1.11 -2.64 5.46
N ASP A 474 -0.11 -3.49 5.64
CA ASP A 474 1.16 -3.03 6.19
C ASP A 474 1.84 -2.04 5.26
N HIS A 475 1.58 -2.14 3.96
CA HIS A 475 2.09 -1.14 3.02
C HIS A 475 1.48 0.22 3.30
N LYS A 476 0.18 0.27 3.57
CA LYS A 476 -0.45 1.54 3.94
C LYS A 476 0.14 2.09 5.23
N ARG A 477 0.39 1.21 6.21
CA ARG A 477 1.02 1.64 7.45
C ARG A 477 2.43 2.16 7.21
N LEU A 478 3.18 1.49 6.34
CA LEU A 478 4.55 1.90 6.05
C LEU A 478 4.58 3.26 5.36
N PHE A 479 3.73 3.46 4.37
CA PHE A 479 3.74 4.73 3.63
C PHE A 479 3.19 5.87 4.47
N THR A 480 2.23 5.58 5.36
CA THR A 480 1.75 6.63 6.27
C THR A 480 2.86 7.09 7.19
N ASP A 481 3.66 6.16 7.72
CA ASP A 481 4.79 6.53 8.56
C ASP A 481 5.83 7.29 7.77
N LEU A 482 6.06 6.90 6.51
CA LEU A 482 7.01 7.63 5.68
C LEU A 482 6.56 9.05 5.43
N ILE A 483 5.28 9.26 5.14
CA ILE A 483 4.77 10.59 4.86
C ILE A 483 4.82 11.46 6.11
N ASN A 484 4.45 10.89 7.26
CA ASN A 484 4.51 11.65 8.50
C ASN A 484 5.94 12.04 8.83
N ASP A 485 6.89 11.13 8.62
CA ASP A 485 8.29 11.45 8.84
C ASP A 485 8.77 12.52 7.85
N TRP A 486 8.32 12.44 6.61
CA TRP A 486 8.73 13.41 5.59
C TRP A 486 8.24 14.81 5.94
N ILE A 487 6.99 14.93 6.38
CA ILE A 487 6.44 16.24 6.72
C ILE A 487 7.19 16.84 7.91
N GLY A 488 7.48 16.02 8.91
CA GLY A 488 8.20 16.47 10.09
C GLY A 488 7.27 16.88 11.21
N ASP A 489 7.88 17.27 12.32
CA ASP A 489 7.17 17.64 13.53
C ASP A 489 7.17 19.15 13.79
N ASP A 490 7.65 19.94 12.84
CA ASP A 490 7.69 21.38 13.03
C ASP A 490 6.27 21.95 13.12
N PRO A 491 6.04 22.93 13.98
CA PRO A 491 4.68 23.48 14.12
C PRO A 491 4.29 24.31 12.92
N SER A 492 2.97 24.41 12.70
CA SER A 492 2.44 25.23 11.64
C SER A 492 2.43 26.70 12.07
N ASP A 493 2.96 27.57 11.20
CA ASP A 493 3.10 28.99 11.48
C ASP A 493 2.37 29.76 10.40
N ILE A 494 1.53 30.72 10.80
CA ILE A 494 0.77 31.48 9.82
C ILE A 494 1.71 32.34 8.96
N SER A 495 2.79 32.84 9.55
CA SER A 495 3.74 33.66 8.81
C SER A 495 4.58 32.83 7.85
N LYS A 496 4.56 31.51 7.95
CA LYS A 496 5.25 30.63 7.03
C LYS A 496 4.28 29.76 6.24
N PHE A 497 2.99 30.01 6.34
CA PHE A 497 1.99 29.18 5.70
C PHE A 497 1.80 29.60 4.25
N VAL A 498 1.91 28.65 3.33
CA VAL A 498 1.66 28.87 1.91
C VAL A 498 0.62 27.86 1.45
N PRO A 499 -0.57 28.28 1.06
CA PRO A 499 -1.55 27.34 0.53
C PRO A 499 -1.09 26.75 -0.81
N PHE A 500 -1.49 25.51 -1.06
CA PHE A 500 -1.16 24.87 -2.32
C PHE A 500 -2.06 23.68 -2.55
N ARG A 501 -2.37 23.43 -3.82
CA ARG A 501 -3.17 22.29 -4.25
C ARG A 501 -2.29 21.33 -5.03
N VAL A 502 -2.55 20.03 -4.85
CA VAL A 502 -1.85 18.98 -5.58
C VAL A 502 -2.88 18.18 -6.36
N HIS A 503 -2.70 18.09 -7.67
CA HIS A 503 -3.59 17.33 -8.55
C HIS A 503 -2.83 16.09 -9.01
N ASN A 504 -3.12 14.95 -8.38
CA ASN A 504 -2.50 13.69 -8.74
C ASN A 504 -3.44 12.92 -9.66
N ARG A 505 -2.91 12.42 -10.78
CA ARG A 505 -3.68 11.63 -11.73
C ARG A 505 -2.81 10.46 -12.15
N MET A 506 -3.03 9.30 -11.54
CA MET A 506 -2.30 8.09 -11.85
C MET A 506 -3.07 7.27 -12.87
N LYS A 507 -2.38 6.83 -13.92
CA LYS A 507 -2.94 5.98 -14.95
C LYS A 507 -2.08 4.74 -15.11
N VAL A 508 -2.71 3.60 -15.34
CA VAL A 508 -2.03 2.37 -15.71
C VAL A 508 -2.66 1.86 -16.99
N VAL A 509 -1.83 1.53 -17.98
CA VAL A 509 -2.29 1.07 -19.27
C VAL A 509 -1.57 -0.22 -19.61
N ASP A 510 -2.09 -0.93 -20.62
CA ASP A 510 -1.53 -2.20 -21.09
C ASP A 510 -1.55 -3.26 -20.00
N GLY A 511 -2.48 -3.15 -19.06
CA GLY A 511 -2.65 -4.18 -18.06
C GLY A 511 -2.16 -3.82 -16.68
N PHE A 512 -2.99 -4.06 -15.67
CA PHE A 512 -2.60 -3.89 -14.28
C PHE A 512 -2.89 -5.18 -13.53
N GLU A 513 -2.29 -5.30 -12.34
CA GLU A 513 -2.47 -6.49 -11.53
C GLU A 513 -2.15 -6.14 -10.09
N VAL A 514 -3.12 -6.28 -9.19
CA VAL A 514 -2.93 -6.03 -7.77
C VAL A 514 -3.16 -7.34 -7.04
N ILE A 515 -2.14 -7.83 -6.33
CA ILE A 515 -2.20 -9.09 -5.61
C ILE A 515 -2.32 -8.79 -4.12
N MET A 516 -3.34 -9.35 -3.49
CA MET A 516 -3.61 -9.16 -2.08
C MET A 516 -3.47 -10.50 -1.36
N LEU A 517 -2.72 -10.49 -0.26
CA LEU A 517 -2.49 -11.72 0.50
C LEU A 517 -3.66 -11.95 1.46
N LEU A 518 -4.39 -13.03 1.26
CA LEU A 518 -5.61 -13.31 1.99
C LEU A 518 -5.50 -14.61 2.78
N ASN A 519 -4.32 -14.88 3.34
CA ASN A 519 -4.18 -16.00 4.26
C ASN A 519 -5.00 -15.75 5.52
N GLU A 520 -5.56 -16.82 6.07
CA GLU A 520 -6.35 -16.72 7.27
C GLU A 520 -5.47 -16.25 8.43
N SER A 521 -6.00 -15.33 9.24
CA SER A 521 -5.28 -14.68 10.33
C SER A 521 -4.08 -13.87 9.83
N ASN A 522 -4.01 -13.63 8.52
CA ASN A 522 -2.94 -12.85 7.89
C ASN A 522 -1.56 -13.41 8.21
N TRP A 523 -1.40 -14.72 8.04
CA TRP A 523 -0.07 -15.29 7.97
C TRP A 523 0.55 -14.97 6.62
N VAL A 524 1.88 -14.98 6.59
CA VAL A 524 2.62 -14.77 5.34
C VAL A 524 3.77 -15.76 5.26
N ASP A 525 3.99 -16.30 4.07
CA ASP A 525 5.16 -17.10 3.78
C ASP A 525 6.17 -16.19 3.09
N THR A 526 7.26 -15.88 3.78
CA THR A 526 8.25 -14.92 3.29
C THR A 526 9.30 -15.57 2.38
N ALA A 527 9.14 -16.85 2.06
CA ALA A 527 10.07 -17.51 1.16
C ALA A 527 10.07 -16.83 -0.21
N ASP A 528 11.27 -16.64 -0.76
CA ASP A 528 11.39 -15.98 -2.05
C ASP A 528 10.74 -16.79 -3.16
N MET A 529 10.93 -18.10 -3.15
CA MET A 529 10.39 -18.98 -4.17
C MET A 529 9.37 -19.93 -3.57
N ASN A 530 8.33 -20.24 -4.34
CA ASN A 530 7.27 -21.16 -3.93
C ASN A 530 6.59 -20.67 -2.64
N ALA A 531 6.26 -19.39 -2.62
CA ALA A 531 5.53 -18.82 -1.48
C ALA A 531 4.11 -19.37 -1.47
N GLU A 532 3.77 -20.10 -0.42
CA GLU A 532 2.47 -20.78 -0.33
C GLU A 532 1.45 -19.85 0.32
N ASN A 533 1.15 -18.77 -0.39
CA ASN A 533 0.23 -17.76 0.10
C ASN A 533 -1.08 -17.83 -0.67
N VAL A 534 -2.20 -17.75 0.05
CA VAL A 534 -3.48 -17.52 -0.60
C VAL A 534 -3.50 -16.08 -1.11
N GLU A 535 -3.64 -15.93 -2.42
CA GLU A 535 -3.53 -14.63 -3.06
C GLU A 535 -4.74 -14.38 -3.95
N VAL A 536 -5.21 -13.14 -3.96
CA VAL A 536 -6.27 -12.71 -4.86
C VAL A 536 -5.71 -11.59 -5.73
N ALA A 537 -5.79 -11.77 -7.04
CA ALA A 537 -5.28 -10.80 -7.99
C ALA A 537 -6.44 -10.13 -8.70
N ILE A 538 -6.48 -8.80 -8.65
CA ILE A 538 -7.41 -8.01 -9.43
C ILE A 538 -6.64 -7.52 -10.66
N VAL A 539 -7.02 -8.01 -11.83
CA VAL A 539 -6.34 -7.68 -13.08
C VAL A 539 -7.32 -6.92 -13.96
N GLY A 540 -6.76 -6.32 -15.01
CA GLY A 540 -7.56 -5.55 -15.94
C GLY A 540 -6.64 -4.81 -16.89
N GLU A 541 -7.26 -4.04 -17.78
CA GLU A 541 -6.49 -3.34 -18.79
C GLU A 541 -6.07 -1.95 -18.33
N LYS A 542 -7.04 -1.12 -17.96
CA LYS A 542 -6.79 0.26 -17.57
C LYS A 542 -7.12 0.45 -16.10
N LEU A 543 -6.22 1.11 -15.38
CA LEU A 543 -6.44 1.48 -14.00
C LEU A 543 -6.26 2.99 -13.87
N SER A 544 -7.09 3.61 -13.05
CA SER A 544 -7.05 5.05 -12.85
C SER A 544 -7.09 5.37 -11.37
N PHE A 545 -6.55 6.52 -11.00
CA PHE A 545 -6.58 6.98 -9.61
C PHE A 545 -6.35 8.48 -9.60
N GLU A 546 -7.35 9.23 -9.16
CA GLU A 546 -7.26 10.67 -9.08
C GLU A 546 -7.42 11.11 -7.62
N CYS A 547 -6.67 12.15 -7.25
CA CYS A 547 -6.67 12.61 -5.86
C CYS A 547 -6.21 14.06 -5.85
N GLU A 548 -7.07 14.97 -5.42
CA GLU A 548 -6.70 16.37 -5.23
C GLU A 548 -6.50 16.64 -3.75
N LEU A 549 -5.45 17.39 -3.43
CA LEU A 549 -5.10 17.72 -2.05
C LEU A 549 -5.19 19.24 -1.89
N PRO A 550 -6.35 19.75 -1.50
CA PRO A 550 -6.55 21.20 -1.37
C PRO A 550 -6.15 21.73 0.01
N PHE A 551 -4.85 21.82 0.23
CA PHE A 551 -4.31 22.33 1.50
C PHE A 551 -4.23 23.85 1.43
N VAL A 552 -5.40 24.48 1.36
CA VAL A 552 -5.52 25.91 1.14
C VAL A 552 -6.02 26.65 2.38
N ASP A 553 -6.07 25.99 3.52
CA ASP A 553 -6.48 26.62 4.77
C ASP A 553 -5.44 26.34 5.84
N PHE A 554 -5.22 27.33 6.71
CA PHE A 554 -4.27 27.20 7.80
C PHE A 554 -4.96 26.59 9.00
N LEU A 555 -4.56 25.37 9.36
CA LEU A 555 -5.13 24.64 10.48
C LEU A 555 -6.67 24.63 10.42
N PRO A 556 -7.26 24.09 9.35
CA PRO A 556 -8.72 24.04 9.28
C PRO A 556 -9.26 23.06 10.30
N GLN A 557 -10.51 23.29 10.72
CA GLN A 557 -11.14 22.35 11.63
C GLN A 557 -11.28 20.98 10.97
N THR A 558 -11.70 20.94 9.71
CA THR A 558 -11.85 19.69 8.98
C THR A 558 -11.25 19.84 7.59
N GLN A 559 -10.56 18.80 7.14
CA GLN A 559 -9.94 18.74 5.82
C GLN A 559 -10.63 17.66 5.00
N MET A 560 -11.03 18.00 3.79
CA MET A 560 -11.77 17.10 2.92
C MET A 560 -10.92 16.73 1.71
N VAL A 561 -10.69 15.42 1.52
CA VAL A 561 -9.92 14.90 0.39
C VAL A 561 -10.74 13.82 -0.28
N LYS A 562 -10.87 13.89 -1.60
CA LYS A 562 -11.64 12.92 -2.37
C LYS A 562 -10.73 12.09 -3.27
N TYR A 563 -10.97 10.79 -3.28
CA TYR A 563 -10.22 9.85 -4.10
C TYR A 563 -11.14 9.17 -5.10
N GLU A 564 -10.58 8.81 -6.25
CA GLU A 564 -11.30 8.03 -7.25
C GLU A 564 -10.38 6.94 -7.76
N MET A 565 -10.98 5.84 -8.24
CA MET A 565 -10.21 4.73 -8.75
C MET A 565 -11.11 3.90 -9.66
N ARG A 566 -10.60 3.54 -10.84
CA ARG A 566 -11.38 2.78 -11.81
C ARG A 566 -10.53 1.67 -12.41
N GLY A 567 -11.08 0.47 -12.47
CA GLY A 567 -10.58 -0.58 -13.32
C GLY A 567 -11.52 -0.70 -14.49
N GLU A 568 -11.08 -0.37 -15.70
CA GLU A 568 -11.97 0.08 -16.75
C GLU A 568 -12.26 -0.93 -17.84
N LYS A 569 -11.49 -2.01 -17.98
CA LYS A 569 -11.77 -2.92 -19.08
C LYS A 569 -11.23 -4.31 -18.76
N SER A 570 -12.03 -5.33 -19.08
CA SER A 570 -11.66 -6.74 -18.93
C SER A 570 -11.08 -7.03 -17.55
N VAL A 571 -11.74 -6.50 -16.53
CA VAL A 571 -11.30 -6.70 -15.16
C VAL A 571 -11.64 -8.12 -14.72
N ALA A 572 -10.74 -8.73 -13.94
CA ALA A 572 -10.96 -10.07 -13.44
C ALA A 572 -10.40 -10.20 -12.05
N MET A 573 -10.88 -11.19 -11.32
CA MET A 573 -10.39 -11.52 -10.00
C MET A 573 -9.98 -12.98 -9.99
N ARG A 574 -8.73 -13.25 -9.64
CA ARG A 574 -8.19 -14.60 -9.62
C ARG A 574 -7.78 -14.95 -8.20
N ALA A 575 -7.88 -16.24 -7.86
CA ALA A 575 -7.53 -16.71 -6.54
C ALA A 575 -6.58 -17.88 -6.64
N LYS A 576 -5.48 -17.80 -5.91
CA LYS A 576 -4.48 -18.86 -5.85
C LYS A 576 -4.45 -19.43 -4.45
N PHE A 577 -4.29 -20.75 -4.35
CA PHE A 577 -4.17 -21.42 -3.07
C PHE A 577 -2.92 -22.28 -3.08
N PRO A 578 -2.30 -22.50 -1.92
CA PRO A 578 -1.08 -23.31 -1.86
C PRO A 578 -1.34 -24.69 -2.42
N PRO A 579 -0.38 -25.26 -3.14
CA PRO A 579 -0.64 -26.52 -3.86
C PRO A 579 -1.01 -27.67 -2.95
N ASP A 580 -0.60 -27.64 -1.69
CA ASP A 580 -0.92 -28.72 -0.76
C ASP A 580 -1.70 -28.18 0.43
N SER A 581 -2.71 -27.36 0.16
CA SER A 581 -3.46 -26.68 1.19
C SER A 581 -4.80 -27.33 1.52
N ALA A 582 -5.10 -28.48 0.91
CA ALA A 582 -6.38 -29.20 1.03
C ALA A 582 -7.54 -28.41 0.43
N THR A 583 -7.31 -27.23 -0.11
CA THR A 583 -8.31 -26.46 -0.84
C THR A 583 -8.00 -26.36 -2.31
N ALA A 584 -6.73 -26.23 -2.67
CA ALA A 584 -6.36 -26.16 -4.09
C ALA A 584 -6.72 -27.42 -4.86
N PRO A 585 -6.43 -28.64 -4.39
CA PRO A 585 -6.87 -29.82 -5.17
C PRO A 585 -8.38 -29.92 -5.32
N ILE A 586 -9.14 -29.57 -4.28
CA ILE A 586 -10.59 -29.61 -4.37
C ILE A 586 -11.09 -28.56 -5.35
N ARG A 587 -10.52 -27.35 -5.30
CA ARG A 587 -10.90 -26.31 -6.24
C ARG A 587 -10.51 -26.70 -7.67
N ALA A 588 -9.32 -27.22 -7.86
CA ALA A 588 -8.85 -27.55 -9.21
C ALA A 588 -9.67 -28.70 -9.79
N ALA A 589 -10.02 -29.68 -8.98
CA ALA A 589 -10.92 -30.74 -9.44
C ALA A 589 -12.29 -30.17 -9.80
N LEU A 590 -12.79 -29.25 -8.98
CA LEU A 590 -14.10 -28.65 -9.23
C LEU A 590 -14.10 -27.88 -10.54
N SER A 591 -13.04 -27.11 -10.80
CA SER A 591 -12.97 -26.31 -12.02
C SER A 591 -12.86 -27.21 -13.25
N ARG A 592 -12.05 -28.26 -13.17
CA ARG A 592 -11.88 -29.16 -14.30
C ARG A 592 -13.18 -29.89 -14.63
N LEU A 593 -13.88 -30.38 -13.62
CA LEU A 593 -15.05 -31.23 -13.82
C LEU A 593 -16.36 -30.46 -13.96
N ALA A 594 -16.36 -29.15 -13.73
CA ALA A 594 -17.57 -28.37 -13.88
C ALA A 594 -17.79 -28.02 -15.34
N ARG A 595 -18.99 -28.29 -15.85
CA ARG A 595 -19.34 -27.99 -17.23
C ARG A 595 -20.06 -26.65 -17.25
N CYS A 596 -19.27 -25.59 -17.17
CA CYS A 596 -19.78 -24.22 -17.09
C CYS A 596 -19.44 -23.47 -18.36
N ASN A 597 -20.42 -22.78 -18.92
CA ASN A 597 -20.21 -21.89 -20.06
C ASN A 597 -20.27 -20.46 -19.56
N SER A 598 -19.28 -19.66 -19.95
CA SER A 598 -19.13 -18.30 -19.47
C SER A 598 -19.46 -17.31 -20.57
N TYR A 599 -20.22 -16.28 -20.23
CA TYR A 599 -20.51 -15.19 -21.15
C TYR A 599 -19.38 -14.19 -21.27
N ALA A 600 -18.42 -14.23 -20.35
CA ALA A 600 -17.31 -13.29 -20.34
C ALA A 600 -16.05 -14.00 -20.82
N PRO A 601 -15.43 -13.55 -21.90
CA PRO A 601 -14.17 -14.17 -22.33
C PRO A 601 -13.10 -13.98 -21.27
N PRO A 602 -12.24 -14.98 -21.08
CA PRO A 602 -11.19 -14.86 -20.05
C PRO A 602 -10.27 -13.69 -20.35
N SER A 603 -9.85 -13.00 -19.30
CA SER A 603 -8.94 -11.87 -19.44
C SER A 603 -7.51 -12.36 -19.59
N LYS A 604 -6.74 -11.67 -20.43
CA LYS A 604 -5.35 -12.00 -20.66
C LYS A 604 -4.40 -11.11 -19.88
N HIS A 605 -4.91 -10.32 -18.95
CA HIS A 605 -4.10 -9.38 -18.21
C HIS A 605 -3.51 -10.03 -16.98
N GLY A 606 -2.69 -9.28 -16.25
CA GLY A 606 -1.91 -9.82 -15.17
C GLY A 606 -0.52 -10.25 -15.63
N THR A 607 0.36 -10.45 -14.66
CA THR A 607 1.71 -10.93 -14.96
C THR A 607 2.07 -12.18 -14.17
N HIS A 608 1.66 -12.26 -12.91
CA HIS A 608 1.98 -13.40 -12.06
C HIS A 608 0.79 -14.32 -11.85
N SER A 609 -0.29 -14.14 -12.58
CA SER A 609 -1.51 -14.93 -12.37
C SER A 609 -2.05 -15.50 -13.68
N LEU A 610 -1.18 -15.72 -14.67
CA LEU A 610 -1.63 -16.30 -15.91
C LEU A 610 -1.69 -17.82 -15.88
N ASP A 611 -1.07 -18.44 -14.88
CA ASP A 611 -1.04 -19.90 -14.80
C ASP A 611 -2.41 -20.40 -14.36
N THR A 612 -3.23 -20.80 -15.33
CA THR A 612 -4.61 -21.20 -15.03
C THR A 612 -4.67 -22.46 -14.17
N ASP A 613 -3.63 -23.30 -14.20
CA ASP A 613 -3.64 -24.51 -13.38
C ASP A 613 -3.61 -24.20 -11.90
N VAL A 614 -3.04 -23.07 -11.51
CA VAL A 614 -2.93 -22.71 -10.11
C VAL A 614 -3.75 -21.47 -9.75
N TRP A 615 -4.08 -20.61 -10.70
CA TRP A 615 -4.91 -19.44 -10.46
C TRP A 615 -6.32 -19.68 -10.95
N PHE A 616 -7.30 -19.31 -10.13
CA PHE A 616 -8.71 -19.56 -10.39
C PHE A 616 -9.40 -18.23 -10.67
N GLU A 617 -9.73 -17.99 -11.93
CA GLU A 617 -10.40 -16.76 -12.35
C GLU A 617 -11.88 -16.91 -12.08
N LEU A 618 -12.34 -16.31 -10.98
CA LEU A 618 -13.70 -16.53 -10.49
C LEU A 618 -14.63 -15.34 -10.70
N TRP A 619 -14.12 -14.17 -11.05
CA TRP A 619 -14.97 -13.00 -11.27
C TRP A 619 -14.52 -12.30 -12.53
N ARG A 620 -15.48 -11.81 -13.31
CA ARG A 620 -15.20 -11.11 -14.56
C ARG A 620 -16.16 -9.94 -14.68
N THR A 621 -15.60 -8.72 -14.65
CA THR A 621 -16.36 -7.50 -14.77
C THR A 621 -15.66 -6.58 -15.76
N GLU A 622 -16.40 -5.60 -16.27
CA GLU A 622 -15.85 -4.62 -17.18
C GLU A 622 -15.60 -3.26 -16.56
N LEU A 623 -15.98 -3.07 -15.28
CA LEU A 623 -15.79 -1.79 -14.63
C LEU A 623 -15.89 -1.96 -13.13
N VAL A 624 -14.92 -1.41 -12.40
CA VAL A 624 -14.94 -1.34 -10.95
C VAL A 624 -14.49 0.06 -10.56
N LYS A 625 -15.42 0.88 -10.09
CA LYS A 625 -15.11 2.25 -9.67
C LYS A 625 -15.32 2.40 -8.17
N MET A 626 -14.29 2.87 -7.48
CA MET A 626 -14.32 3.08 -6.04
C MET A 626 -14.05 4.54 -5.74
N ASP A 627 -14.94 5.15 -4.95
CA ASP A 627 -14.81 6.55 -4.55
C ASP A 627 -14.63 6.64 -3.04
N PHE A 628 -13.77 7.55 -2.62
CA PHE A 628 -13.52 7.79 -1.21
C PHE A 628 -13.69 9.27 -0.91
N ASP A 629 -14.34 9.57 0.21
CA ASP A 629 -14.61 10.95 0.63
C ASP A 629 -14.14 11.06 2.07
N HIS A 630 -12.92 11.55 2.26
CA HIS A 630 -12.28 11.56 3.56
C HIS A 630 -12.39 12.94 4.19
N HIS A 631 -13.08 13.03 5.32
CA HIS A 631 -13.09 14.22 6.15
C HIS A 631 -12.33 13.91 7.43
N TYR A 632 -11.36 14.74 7.79
CA TYR A 632 -10.56 14.45 8.97
C TYR A 632 -10.10 15.75 9.61
N ARG A 633 -10.04 15.73 10.93
CA ARG A 633 -9.39 16.80 11.68
C ARG A 633 -7.90 16.57 11.64
N PRO A 634 -7.10 17.51 11.11
CA PRO A 634 -5.65 17.29 11.04
C PRO A 634 -5.06 17.06 12.43
N LEU A 635 -4.12 16.13 12.50
CA LEU A 635 -3.49 15.77 13.77
C LEU A 635 -2.32 16.71 14.02
N ILE A 636 -2.51 17.66 14.92
CA ILE A 636 -1.51 18.66 15.26
C ILE A 636 -0.83 18.24 16.56
N VAL A 637 0.49 18.17 16.55
CA VAL A 637 1.24 17.84 17.75
C VAL A 637 1.34 19.10 18.61
N LYS A 638 0.39 19.26 19.53
CA LYS A 638 0.30 20.47 20.33
C LYS A 638 1.45 20.62 21.32
N SER A 639 2.22 19.57 21.56
CA SER A 639 3.40 19.69 22.42
C SER A 639 4.54 20.41 21.73
N ASN A 640 4.48 20.59 20.41
CA ASN A 640 5.53 21.27 19.66
C ASN A 640 5.19 22.72 19.38
N ILE A 641 4.10 23.24 19.93
CA ILE A 641 3.75 24.64 19.75
C ILE A 641 4.76 25.49 20.52
N PRO A 642 5.44 26.43 19.87
CA PRO A 642 6.44 27.27 20.56
C PRO A 642 5.79 28.36 21.40
N SER A 643 5.39 27.99 22.61
CA SER A 643 4.73 28.90 23.54
C SER A 643 5.70 29.30 24.65
N ASP A 644 5.95 30.60 24.76
CA ASP A 644 6.75 31.15 25.84
C ASP A 644 5.92 31.51 27.07
N ILE A 645 4.60 31.45 26.97
CA ILE A 645 3.72 31.73 28.11
C ILE A 645 3.89 30.62 29.13
N PRO A 646 3.93 30.92 30.43
CA PRO A 646 4.01 29.86 31.44
C PRO A 646 2.82 28.92 31.35
N PHE A 647 3.08 27.63 31.58
CA PHE A 647 2.05 26.62 31.42
C PHE A 647 0.91 26.79 32.41
N SER A 648 1.20 27.39 33.58
CA SER A 648 0.18 27.50 34.62
C SER A 648 -1.00 28.34 34.15
N ILE A 649 -0.75 29.46 33.48
CA ILE A 649 -1.82 30.30 32.99
C ILE A 649 -2.17 30.02 31.54
N LEU A 650 -1.29 29.35 30.80
CA LEU A 650 -1.61 28.94 29.43
C LEU A 650 -2.75 27.93 29.42
N SER A 651 -2.75 27.00 30.38
CA SER A 651 -3.82 26.00 30.45
C SER A 651 -5.16 26.64 30.75
N ASP A 652 -5.17 27.80 31.41
CA ASP A 652 -6.43 28.47 31.71
C ASP A 652 -7.12 28.95 30.44
N TYR A 653 -6.36 29.50 29.50
CA TYR A 653 -6.96 30.00 28.26
C TYR A 653 -7.33 28.87 27.31
N LEU A 654 -6.50 27.84 27.22
CA LEU A 654 -6.75 26.75 26.30
C LEU A 654 -7.96 25.93 26.76
N PRO A 655 -8.71 25.37 25.81
CA PRO A 655 -9.81 24.49 26.18
C PRO A 655 -9.29 23.21 26.82
N PRO A 656 -10.06 22.60 27.72
CA PRO A 656 -9.59 21.39 28.41
C PRO A 656 -9.36 20.26 27.42
N PRO A 657 -8.30 19.48 27.62
CA PRO A 657 -8.05 18.35 26.71
C PRO A 657 -9.03 17.22 26.93
N ALA A 658 -9.19 16.39 25.91
CA ALA A 658 -10.09 15.26 25.96
C ALA A 658 -9.49 14.14 26.78
N ASN A 659 -10.27 13.60 27.71
CA ASN A 659 -9.79 12.49 28.54
C ASN A 659 -9.81 11.16 27.77
N HIS A 660 -10.75 10.99 26.86
CA HIS A 660 -10.92 9.74 26.14
C HIS A 660 -11.06 10.01 24.65
N PRO A 661 -10.62 9.09 23.80
CA PRO A 661 -10.80 9.28 22.35
C PRO A 661 -12.25 9.40 21.91
N TRP A 662 -13.20 8.87 22.69
CA TRP A 662 -14.60 9.01 22.33
C TRP A 662 -15.17 10.36 22.69
N ASP A 663 -14.41 11.22 23.36
CA ASP A 663 -14.84 12.60 23.60
C ASP A 663 -14.59 13.50 22.41
N LEU A 664 -13.86 13.03 21.41
CA LEU A 664 -13.52 13.81 20.22
C LEU A 664 -14.59 13.64 19.15
N GLU A 665 -14.73 14.67 18.32
CA GLU A 665 -15.63 14.56 17.17
C GLU A 665 -15.00 13.64 16.14
N PRO A 666 -15.70 12.60 15.70
CA PRO A 666 -15.09 11.61 14.81
C PRO A 666 -14.84 12.17 13.42
N ASP A 667 -13.92 11.52 12.72
CA ASP A 667 -13.66 11.82 11.31
C ASP A 667 -14.76 11.19 10.46
N TYR A 668 -14.62 11.26 9.14
CA TYR A 668 -15.60 10.70 8.22
C TYR A 668 -14.88 10.05 7.05
N LEU A 669 -15.51 9.04 6.48
CA LEU A 669 -14.97 8.35 5.31
C LEU A 669 -16.14 7.75 4.54
N GLY A 670 -16.45 8.31 3.38
CA GLY A 670 -17.50 7.76 2.54
C GLY A 670 -16.94 6.90 1.43
N VAL A 671 -17.22 5.60 1.48
CA VAL A 671 -16.77 4.66 0.47
C VAL A 671 -17.94 4.34 -0.46
N ASP A 672 -17.70 4.36 -1.76
CA ASP A 672 -18.75 4.12 -2.75
C ASP A 672 -18.16 3.25 -3.86
N ILE A 673 -18.47 1.96 -3.82
CA ILE A 673 -17.92 0.97 -4.74
C ILE A 673 -19.02 0.50 -5.68
N LEU A 674 -18.68 0.35 -6.97
CA LEU A 674 -19.63 -0.10 -7.97
C LEU A 674 -19.00 -1.17 -8.83
N ILE A 675 -19.72 -2.27 -9.05
CA ILE A 675 -19.35 -3.31 -10.00
C ILE A 675 -20.45 -3.36 -11.05
N GLU A 676 -20.12 -2.96 -12.28
CA GLU A 676 -21.16 -2.72 -13.28
C GLU A 676 -21.84 -4.01 -13.72
N GLY A 677 -21.06 -5.02 -14.10
CA GLY A 677 -21.60 -6.31 -14.45
C GLY A 677 -20.65 -7.39 -13.97
N SER A 678 -21.10 -8.64 -14.06
CA SER A 678 -20.21 -9.69 -13.57
C SER A 678 -20.63 -11.03 -14.14
N ASP A 679 -19.62 -11.88 -14.37
CA ASP A 679 -19.80 -13.27 -14.74
C ASP A 679 -18.96 -14.06 -13.74
N VAL A 680 -19.62 -14.57 -12.71
CA VAL A 680 -18.94 -15.15 -11.55
C VAL A 680 -18.97 -16.67 -11.67
N LYS A 681 -17.87 -17.32 -11.27
CA LYS A 681 -17.84 -18.76 -11.04
C LYS A 681 -18.02 -18.95 -9.53
N PHE A 682 -19.27 -18.90 -9.10
CA PHE A 682 -19.54 -18.88 -7.67
C PHE A 682 -19.16 -20.20 -7.02
N THR A 683 -18.62 -20.10 -5.82
CA THR A 683 -18.30 -21.25 -4.99
C THR A 683 -18.15 -20.74 -3.56
N GLY A 684 -18.05 -21.67 -2.62
CA GLY A 684 -17.87 -21.27 -1.23
C GLY A 684 -16.58 -20.51 -0.99
N LEU A 685 -15.63 -20.59 -1.92
CA LEU A 685 -14.38 -19.87 -1.75
C LEU A 685 -14.56 -18.37 -1.87
N LEU A 686 -15.55 -17.92 -2.66
CA LEU A 686 -15.81 -16.49 -2.77
C LEU A 686 -16.23 -15.92 -1.41
N VAL A 687 -17.05 -16.65 -0.67
CA VAL A 687 -17.41 -16.23 0.68
C VAL A 687 -16.18 -16.25 1.59
N LYS A 688 -15.36 -17.30 1.48
CA LYS A 688 -14.18 -17.42 2.32
C LYS A 688 -13.22 -16.26 2.08
N LEU A 689 -13.00 -15.89 0.83
CA LEU A 689 -12.05 -14.82 0.51
C LEU A 689 -12.57 -13.46 0.96
N LEU A 690 -13.88 -13.23 0.89
CA LEU A 690 -14.43 -11.98 1.38
C LEU A 690 -14.26 -11.85 2.89
N PHE A 691 -14.42 -12.95 3.62
CA PHE A 691 -14.18 -12.92 5.06
C PHE A 691 -12.71 -12.61 5.36
N GLU A 692 -11.79 -13.23 4.61
CA GLU A 692 -10.38 -12.98 4.85
C GLU A 692 -9.99 -11.57 4.42
N LEU A 693 -10.66 -11.01 3.41
CA LEU A 693 -10.41 -9.64 3.02
C LEU A 693 -10.74 -8.68 4.17
N LYS A 694 -11.88 -8.90 4.82
CA LYS A 694 -12.26 -8.04 5.93
C LYS A 694 -11.29 -8.20 7.10
N ASN A 695 -10.92 -9.44 7.42
CA ASN A 695 -10.03 -9.67 8.56
C ASN A 695 -8.65 -9.08 8.32
N ASN A 696 -8.14 -9.18 7.09
CA ASN A 696 -6.76 -8.80 6.81
C ASN A 696 -6.59 -7.34 6.42
N TYR A 697 -7.67 -6.66 6.05
CA TYR A 697 -7.57 -5.28 5.60
C TYR A 697 -8.48 -4.31 6.34
N PHE A 698 -9.61 -4.76 6.86
CA PHE A 698 -10.54 -3.89 7.57
C PHE A 698 -10.90 -4.48 8.93
N GLY A 699 -10.01 -5.27 9.51
CA GLY A 699 -10.31 -5.95 10.74
C GLY A 699 -9.16 -5.98 11.72
N TRP A 700 -9.13 -6.99 12.59
CA TRP A 700 -8.13 -7.06 13.64
C TRP A 700 -6.78 -7.52 13.13
N TYR A 701 -6.72 -8.16 11.97
CA TYR A 701 -5.51 -8.82 11.50
C TYR A 701 -4.82 -8.04 10.39
N ASP A 702 -4.79 -6.70 10.52
CA ASP A 702 -4.20 -5.85 9.49
C ASP A 702 -2.69 -6.05 9.35
N SER A 703 -2.05 -6.65 10.34
CA SER A 703 -0.60 -6.80 10.33
C SER A 703 -0.22 -8.23 9.95
N MET A 704 0.74 -8.36 9.04
CA MET A 704 1.22 -9.67 8.62
C MET A 704 2.03 -10.32 9.74
N THR A 705 2.08 -11.66 9.70
CA THR A 705 2.88 -12.42 10.64
C THR A 705 3.59 -13.53 9.88
N SER A 706 4.91 -13.51 9.89
CA SER A 706 5.67 -14.57 9.25
C SER A 706 5.46 -15.89 9.98
N VAL A 707 5.53 -16.99 9.22
CA VAL A 707 5.26 -18.32 9.78
C VAL A 707 6.47 -18.90 10.51
N ASP A 708 7.54 -18.14 10.68
CA ASP A 708 8.76 -18.64 11.29
C ASP A 708 9.13 -17.95 12.60
N ASP A 709 8.35 -16.96 13.04
CA ASP A 709 8.76 -16.16 14.20
C ASP A 709 7.88 -16.34 15.42
N GLU A 710 6.68 -16.90 15.28
CA GLU A 710 5.69 -16.91 16.37
C GLU A 710 5.97 -18.07 17.32
N LYS A 711 7.03 -17.91 18.12
CA LYS A 711 7.43 -18.88 19.13
C LYS A 711 7.68 -18.13 20.45
N ILE A 712 6.61 -17.92 21.22
CA ILE A 712 6.71 -17.31 22.54
C ILE A 712 5.83 -18.12 23.49
N ASP A 713 6.42 -18.57 24.60
CA ASP A 713 5.70 -19.37 25.57
C ASP A 713 5.41 -18.64 26.88
N ASP A 714 6.30 -17.76 27.32
CA ASP A 714 6.09 -17.03 28.55
C ASP A 714 5.12 -15.88 28.30
N PRO A 715 3.98 -15.83 28.98
CA PRO A 715 3.04 -14.72 28.76
C PRO A 715 3.61 -13.36 29.12
N ILE A 716 4.59 -13.31 30.02
CA ILE A 716 5.17 -12.02 30.40
C ILE A 716 5.86 -11.37 29.21
N LYS A 717 6.71 -12.14 28.51
CA LYS A 717 7.39 -11.59 27.35
C LYS A 717 6.45 -11.47 26.15
N LEU A 718 5.42 -12.31 26.08
CA LEU A 718 4.41 -12.15 25.04
C LEU A 718 3.69 -10.81 25.20
N LYS A 719 3.33 -10.47 26.43
CA LYS A 719 2.70 -9.17 26.68
C LYS A 719 3.67 -8.03 26.47
N ALA A 720 4.95 -8.24 26.79
CA ALA A 720 5.95 -7.19 26.58
C ALA A 720 6.07 -6.85 25.11
N SER A 721 6.14 -7.86 24.25
CA SER A 721 6.20 -7.62 22.81
C SER A 721 4.92 -6.97 22.30
N PHE A 722 3.78 -7.41 22.82
CA PHE A 722 2.51 -6.80 22.44
C PHE A 722 2.45 -5.34 22.85
N ASP A 723 2.97 -5.02 24.03
CA ASP A 723 2.98 -3.64 24.49
C ASP A 723 3.90 -2.78 23.63
N LYS A 724 5.04 -3.34 23.22
CA LYS A 724 6.00 -2.57 22.42
C LYS A 724 5.40 -2.16 21.08
N THR A 725 4.70 -3.09 20.41
CA THR A 725 4.08 -2.77 19.13
C THR A 725 3.00 -1.71 19.29
N ASN A 726 2.21 -1.80 20.37
CA ASN A 726 1.12 -0.86 20.63
C ASN A 726 1.61 0.17 21.65
N ALA A 727 2.30 1.19 21.16
CA ALA A 727 2.86 2.25 22.00
C ALA A 727 1.79 3.32 22.25
N ASN A 728 0.82 2.93 23.10
CA ASN A 728 -0.28 3.84 23.40
C ASN A 728 0.20 5.08 24.15
N GLY A 729 1.16 4.91 25.06
CA GLY A 729 1.62 6.03 25.87
C GLY A 729 2.42 7.06 25.11
N MET A 730 2.91 6.72 23.93
CA MET A 730 3.72 7.62 23.12
C MET A 730 2.90 8.45 22.15
N LYS A 731 1.56 8.34 22.21
CA LYS A 731 0.71 9.02 21.25
C LYS A 731 -0.27 9.93 21.96
N PRO A 732 -0.67 11.04 21.33
CA PRO A 732 -1.69 11.91 21.92
C PRO A 732 -3.06 11.26 21.87
N VAL A 733 -3.99 11.84 22.64
CA VAL A 733 -5.35 11.32 22.67
C VAL A 733 -6.02 11.48 21.31
N GLU A 734 -5.72 12.56 20.60
CA GLU A 734 -6.34 12.81 19.30
C GLU A 734 -5.84 11.86 18.22
N TYR A 735 -4.77 11.10 18.49
CA TYR A 735 -4.35 10.07 17.55
C TYR A 735 -5.40 8.97 17.42
N PHE A 736 -6.09 8.64 18.52
CA PHE A 736 -7.09 7.59 18.53
C PHE A 736 -8.48 8.12 18.20
N ARG A 737 -8.58 9.23 17.47
CA ARG A 737 -9.88 9.75 17.09
C ARG A 737 -10.61 8.73 16.21
N THR A 738 -11.87 8.46 16.55
CA THR A 738 -12.66 7.52 15.77
C THR A 738 -13.05 8.15 14.44
N MET A 739 -13.57 7.31 13.55
CA MET A 739 -13.96 7.76 12.21
C MET A 739 -15.27 7.10 11.83
N ASN A 740 -16.28 7.92 11.51
CA ASN A 740 -17.51 7.40 10.94
C ASN A 740 -17.27 7.02 9.49
N VAL A 741 -17.70 5.83 9.10
CA VAL A 741 -17.49 5.34 7.74
C VAL A 741 -18.83 4.90 7.17
N ASP A 742 -19.14 5.36 5.97
CA ASP A 742 -20.37 4.99 5.25
C ASP A 742 -19.97 4.26 3.98
N VAL A 743 -20.02 2.94 4.02
CA VAL A 743 -19.68 2.11 2.86
C VAL A 743 -20.93 1.86 2.05
N THR A 744 -20.78 1.84 0.72
CA THR A 744 -21.88 1.52 -0.18
C THR A 744 -21.31 0.74 -1.36
N VAL A 745 -21.42 -0.58 -1.30
CA VAL A 745 -20.97 -1.47 -2.37
C VAL A 745 -22.19 -1.92 -3.16
N ARG A 746 -22.16 -1.70 -4.47
CA ARG A 746 -23.27 -2.07 -5.35
C ARG A 746 -22.76 -2.96 -6.46
N VAL A 747 -23.21 -4.21 -6.48
CA VAL A 747 -22.84 -5.18 -7.50
C VAL A 747 -24.04 -5.40 -8.39
N CYS A 748 -23.87 -5.19 -9.69
CA CYS A 748 -24.99 -5.12 -10.63
C CYS A 748 -24.90 -6.22 -11.67
N ASN A 749 -26.05 -6.79 -12.03
CA ASN A 749 -26.18 -7.73 -13.14
C ASN A 749 -25.22 -8.91 -12.98
N VAL A 750 -25.42 -9.66 -11.90
CA VAL A 750 -24.53 -10.77 -11.55
C VAL A 750 -25.09 -12.06 -12.12
N ARG A 751 -24.33 -12.69 -13.02
CA ARG A 751 -24.62 -14.02 -13.51
C ARG A 751 -23.57 -14.96 -12.93
N ALA A 752 -23.99 -15.86 -12.04
CA ALA A 752 -23.09 -16.72 -11.29
C ALA A 752 -23.26 -18.17 -11.73
N GLU A 753 -22.15 -18.88 -11.81
CA GLU A 753 -22.13 -20.31 -12.13
C GLU A 753 -21.98 -21.09 -10.83
N MET A 754 -22.98 -21.90 -10.51
CA MET A 754 -22.93 -22.73 -9.31
C MET A 754 -22.12 -23.98 -9.66
N LEU A 755 -20.81 -23.85 -9.55
CA LEU A 755 -19.91 -24.92 -9.95
C LEU A 755 -20.15 -26.18 -9.14
N LEU A 756 -20.20 -27.31 -9.84
CA LEU A 756 -20.33 -28.60 -9.21
C LEU A 756 -19.63 -29.63 -10.09
N TYR A 757 -19.74 -30.89 -9.73
CA TYR A 757 -19.21 -31.98 -10.53
C TYR A 757 -20.30 -32.38 -11.53
N SER A 758 -20.23 -31.79 -12.71
CA SER A 758 -21.29 -32.00 -13.70
C SER A 758 -21.32 -33.46 -14.14
N PRO A 759 -22.52 -34.03 -14.33
CA PRO A 759 -22.63 -35.49 -14.48
C PRO A 759 -22.01 -36.04 -15.76
N ALA A 760 -22.11 -37.34 -15.95
CA ALA A 760 -21.61 -37.97 -17.16
C ALA A 760 -22.47 -37.58 -18.35
N ILE A 761 -21.86 -37.63 -19.54
CA ILE A 761 -22.52 -37.25 -20.78
C ILE A 761 -23.07 -38.50 -21.45
N ASP A 762 -24.35 -38.45 -21.82
CA ASP A 762 -24.97 -39.50 -22.63
C ASP A 762 -24.90 -39.10 -24.10
N GLU A 763 -24.63 -40.08 -24.96
CA GLU A 763 -24.37 -39.77 -26.37
C GLU A 763 -25.56 -39.11 -27.04
N GLY A 764 -26.76 -39.60 -26.77
CA GLY A 764 -27.93 -39.07 -27.43
C GLY A 764 -28.52 -37.81 -26.84
N ALA A 765 -27.91 -37.27 -25.77
CA ALA A 765 -28.47 -36.13 -25.07
C ALA A 765 -27.43 -35.02 -24.95
N GLU A 766 -27.94 -33.79 -24.89
CA GLU A 766 -27.08 -32.63 -24.69
C GLU A 766 -26.47 -32.66 -23.29
N PRO A 767 -25.18 -32.34 -23.15
CA PRO A 767 -24.56 -32.38 -21.83
C PRO A 767 -25.22 -31.41 -20.86
N GLU A 768 -25.31 -31.81 -19.60
CA GLU A 768 -25.95 -31.01 -18.57
C GLU A 768 -24.94 -30.03 -18.00
N LYS A 769 -25.18 -28.74 -18.20
CA LYS A 769 -24.27 -27.71 -17.75
C LYS A 769 -24.50 -27.39 -16.27
N VAL A 770 -23.65 -26.51 -15.75
CA VAL A 770 -23.70 -26.05 -14.37
C VAL A 770 -24.84 -25.05 -14.19
N PRO A 771 -25.56 -25.09 -13.07
CA PRO A 771 -26.67 -24.15 -12.87
C PRO A 771 -26.19 -22.71 -12.82
N VAL A 772 -27.04 -21.80 -13.27
CA VAL A 772 -26.70 -20.39 -13.36
C VAL A 772 -27.71 -19.59 -12.54
N VAL A 773 -27.20 -18.69 -11.70
CA VAL A 773 -28.02 -17.82 -10.86
C VAL A 773 -27.91 -16.40 -11.39
N PHE A 774 -29.05 -15.74 -11.58
CA PHE A 774 -29.11 -14.39 -12.13
C PHE A 774 -29.66 -13.45 -11.06
N VAL A 775 -28.81 -12.56 -10.56
CA VAL A 775 -29.18 -11.55 -9.58
C VAL A 775 -29.03 -10.19 -10.25
N GLU A 776 -30.08 -9.38 -10.20
CA GLU A 776 -30.02 -8.09 -10.88
C GLU A 776 -29.19 -7.07 -10.11
N GLU A 777 -29.13 -7.18 -8.78
CA GLU A 777 -28.40 -6.19 -7.99
C GLU A 777 -28.23 -6.70 -6.57
N VAL A 778 -27.05 -6.46 -6.01
CA VAL A 778 -26.76 -6.70 -4.60
C VAL A 778 -26.17 -5.41 -4.04
N ALA A 779 -26.86 -4.80 -3.08
CA ALA A 779 -26.43 -3.54 -2.49
C ALA A 779 -26.05 -3.77 -1.03
N VAL A 780 -24.88 -3.30 -0.65
CA VAL A 780 -24.37 -3.43 0.71
C VAL A 780 -24.11 -2.03 1.25
N GLU A 781 -24.64 -1.75 2.44
CA GLU A 781 -24.44 -0.46 3.10
C GLU A 781 -24.00 -0.71 4.53
N VAL A 782 -22.91 -0.08 4.93
CA VAL A 782 -22.42 -0.14 6.30
C VAL A 782 -22.34 1.29 6.83
N LYS A 783 -23.08 1.57 7.90
CA LYS A 783 -23.07 2.88 8.54
C LYS A 783 -22.47 2.71 9.93
N LYS A 784 -21.16 2.87 10.04
CA LYS A 784 -20.45 2.70 11.29
C LYS A 784 -20.25 4.07 11.92
N THR A 785 -20.71 4.22 13.17
CA THR A 785 -20.54 5.42 13.96
C THR A 785 -19.73 5.07 15.20
N LYS A 786 -19.64 6.03 16.12
CA LYS A 786 -18.79 5.84 17.29
C LYS A 786 -19.25 4.67 18.14
N THR A 787 -20.56 4.53 18.33
CA THR A 787 -21.10 3.55 19.27
C THR A 787 -21.75 2.35 18.62
N GLN A 788 -21.96 2.35 17.31
CA GLN A 788 -22.66 1.24 16.68
C GLN A 788 -22.32 1.17 15.21
N ALA A 789 -22.61 0.02 14.60
CA ALA A 789 -22.46 -0.19 13.18
C ALA A 789 -23.74 -0.83 12.64
N LEU A 790 -24.18 -0.34 11.49
CA LEU A 790 -25.41 -0.84 10.85
C LEU A 790 -25.02 -1.45 9.50
N ILE A 791 -24.87 -2.76 9.47
CA ILE A 791 -24.62 -3.49 8.23
C ILE A 791 -25.96 -3.85 7.61
N GLN A 792 -26.06 -3.71 6.29
CA GLN A 792 -27.31 -3.93 5.58
C GLN A 792 -27.02 -4.41 4.18
N VAL A 793 -27.55 -5.59 3.82
CA VAL A 793 -27.39 -6.16 2.49
C VAL A 793 -28.78 -6.33 1.88
N GLY A 794 -28.98 -5.77 0.70
CA GLY A 794 -30.23 -5.93 -0.02
C GLY A 794 -30.03 -6.61 -1.35
N VAL A 795 -30.87 -7.59 -1.66
CA VAL A 795 -30.76 -8.38 -2.88
C VAL A 795 -32.07 -8.28 -3.64
N SER A 796 -31.99 -8.02 -4.94
CA SER A 796 -33.12 -7.94 -5.84
C SER A 796 -33.67 -9.34 -6.09
N PRO A 797 -34.76 -9.51 -6.84
CA PRO A 797 -35.19 -10.87 -7.21
C PRO A 797 -34.08 -11.61 -7.93
N ALA A 798 -33.96 -12.90 -7.62
CA ALA A 798 -32.89 -13.75 -8.14
C ALA A 798 -33.47 -15.00 -8.76
N CYS A 799 -33.01 -15.34 -9.96
CA CYS A 799 -33.41 -16.56 -10.65
C CYS A 799 -32.33 -17.62 -10.49
N ALA A 800 -32.68 -18.84 -10.91
CA ALA A 800 -31.73 -19.95 -10.92
C ALA A 800 -32.19 -20.91 -12.00
N TYR A 801 -31.54 -20.87 -13.16
CA TYR A 801 -31.86 -21.76 -14.26
C TYR A 801 -31.01 -23.01 -14.16
N LEU A 802 -31.67 -24.16 -13.98
CA LEU A 802 -30.99 -25.44 -13.89
C LEU A 802 -31.14 -26.16 -15.22
N ASP A 803 -30.03 -26.66 -15.75
CA ASP A 803 -30.03 -27.23 -17.09
C ASP A 803 -30.84 -28.52 -17.14
N LYS A 804 -31.41 -28.78 -18.31
CA LYS A 804 -32.17 -30.01 -18.50
C LYS A 804 -31.27 -31.23 -18.36
N SER A 805 -31.76 -32.24 -17.66
CA SER A 805 -30.99 -33.46 -17.46
C SER A 805 -31.10 -34.37 -18.68
N SER A 806 -30.19 -35.35 -18.73
CA SER A 806 -30.22 -36.32 -19.81
C SER A 806 -31.43 -37.23 -19.75
N GLN A 807 -32.02 -37.41 -18.56
CA GLN A 807 -33.21 -38.25 -18.45
C GLN A 807 -34.39 -37.64 -19.20
N GLY A 808 -34.38 -36.33 -19.40
CA GLY A 808 -35.33 -35.69 -20.30
C GLY A 808 -36.54 -35.04 -19.67
N SER A 809 -36.55 -34.86 -18.35
CA SER A 809 -37.72 -34.23 -17.72
C SER A 809 -37.88 -32.79 -18.19
N GLY A 810 -36.77 -32.04 -18.26
CA GLY A 810 -36.82 -30.66 -18.65
C GLY A 810 -35.99 -29.79 -17.71
N PRO A 811 -35.78 -28.53 -18.08
CA PRO A 811 -35.00 -27.63 -17.23
C PRO A 811 -35.73 -27.28 -15.95
N GLY A 812 -34.95 -26.86 -14.96
CA GLY A 812 -35.51 -26.45 -13.69
C GLY A 812 -35.37 -24.96 -13.46
N CYS A 813 -36.12 -24.44 -12.49
CA CYS A 813 -36.06 -23.03 -12.16
C CYS A 813 -36.26 -22.85 -10.66
N ILE A 814 -35.55 -21.89 -10.08
CA ILE A 814 -35.73 -21.48 -8.69
C ILE A 814 -35.83 -19.97 -8.66
N THR A 815 -36.80 -19.46 -7.90
CA THR A 815 -37.11 -18.05 -7.86
C THR A 815 -37.07 -17.56 -6.42
N LEU A 816 -36.39 -16.45 -6.18
CA LEU A 816 -36.36 -15.80 -4.88
C LEU A 816 -36.83 -14.36 -5.06
N SER A 817 -37.90 -13.99 -4.36
CA SER A 817 -38.48 -12.66 -4.53
C SER A 817 -37.60 -11.57 -3.94
N GLY A 818 -36.71 -11.91 -3.01
CA GLY A 818 -35.83 -10.92 -2.44
C GLY A 818 -35.14 -11.48 -1.21
N PHE A 819 -34.14 -10.74 -0.75
CA PHE A 819 -33.38 -11.10 0.43
C PHE A 819 -32.85 -9.84 1.08
N GLN A 820 -32.84 -9.82 2.41
CA GLN A 820 -32.30 -8.69 3.15
C GLN A 820 -31.60 -9.18 4.39
N PHE A 821 -30.43 -8.61 4.67
CA PHE A 821 -29.68 -8.86 5.88
C PHE A 821 -29.51 -7.55 6.63
N ARG A 822 -29.64 -7.60 7.96
CA ARG A 822 -29.45 -6.42 8.79
C ARG A 822 -28.70 -6.83 10.04
N GLY A 823 -27.55 -6.20 10.27
CA GLY A 823 -26.75 -6.48 11.45
C GLY A 823 -26.48 -5.23 12.25
N HIS A 824 -26.96 -5.20 13.48
CA HIS A 824 -26.75 -4.08 14.39
C HIS A 824 -25.70 -4.49 15.39
N ALA A 825 -24.50 -3.92 15.25
CA ALA A 825 -23.41 -4.15 16.19
C ALA A 825 -23.37 -3.01 17.19
N MET A 826 -23.31 -3.34 18.47
CA MET A 826 -23.29 -2.37 19.55
C MET A 826 -21.89 -2.31 20.15
N TYR A 827 -21.35 -1.10 20.26
CA TYR A 827 -19.98 -0.88 20.67
C TYR A 827 -19.93 -0.13 21.99
N SER A 828 -18.81 -0.28 22.68
CA SER A 828 -18.51 0.48 23.88
C SER A 828 -17.01 0.53 24.05
N ALA A 829 -16.54 1.47 24.86
CA ALA A 829 -15.12 1.67 25.08
C ALA A 829 -14.73 1.51 26.54
N LYS A 830 -15.58 0.90 27.36
CA LYS A 830 -15.29 0.76 28.77
C LYS A 830 -14.24 -0.32 29.00
N GLU A 831 -13.16 0.06 29.69
CA GLU A 831 -12.07 -0.86 29.99
C GLU A 831 -11.47 -1.48 28.74
N VAL A 832 -11.34 -0.68 27.69
CA VAL A 832 -10.80 -1.13 26.40
C VAL A 832 -9.53 -0.36 26.13
N ALA A 833 -8.47 -1.08 25.77
CA ALA A 833 -7.22 -0.44 25.39
C ALA A 833 -7.45 0.45 24.18
N TRP A 834 -6.78 1.61 24.17
CA TRP A 834 -7.05 2.60 23.13
C TRP A 834 -6.63 2.15 21.74
N ASN A 835 -5.72 1.18 21.64
CA ASN A 835 -5.34 0.66 20.32
C ASN A 835 -6.53 -0.02 19.65
N MET A 836 -7.32 -0.78 20.41
CA MET A 836 -8.57 -1.31 19.90
C MET A 836 -9.67 -0.26 19.94
N GLY A 837 -9.84 0.38 21.10
CA GLY A 837 -10.78 1.47 21.24
C GLY A 837 -12.23 1.09 21.07
N LEU A 838 -12.54 -0.20 21.12
CA LEU A 838 -13.88 -0.65 20.80
C LEU A 838 -14.07 -2.11 21.17
N VAL A 839 -15.16 -2.42 21.88
CA VAL A 839 -15.57 -3.79 22.15
C VAL A 839 -17.03 -3.91 21.78
N GLU A 840 -17.40 -5.04 21.17
CA GLU A 840 -18.75 -5.28 20.72
C GLU A 840 -19.46 -6.16 21.74
N TYR A 841 -20.43 -5.60 22.45
CA TYR A 841 -21.20 -6.33 23.43
C TYR A 841 -22.55 -6.81 22.91
N GLY A 842 -22.97 -6.34 21.75
CA GLY A 842 -24.22 -6.77 21.17
C GLY A 842 -24.09 -6.96 19.67
N TRP A 843 -24.75 -7.98 19.13
CA TRP A 843 -24.66 -8.29 17.71
C TRP A 843 -25.99 -8.93 17.30
N ILE A 844 -26.89 -8.13 16.75
CA ILE A 844 -28.20 -8.57 16.33
C ILE A 844 -28.20 -8.71 14.82
N MET A 845 -28.61 -9.87 14.33
CA MET A 845 -28.73 -10.13 12.90
C MET A 845 -30.17 -10.44 12.55
N GLU A 846 -30.57 -10.06 11.33
CA GLU A 846 -31.94 -10.29 10.87
C GLU A 846 -31.88 -10.64 9.39
N ILE A 847 -32.11 -11.91 9.08
CA ILE A 847 -32.17 -12.40 7.72
C ILE A 847 -33.64 -12.48 7.30
N LEU A 848 -33.99 -11.78 6.23
CA LEU A 848 -35.34 -11.82 5.67
C LEU A 848 -35.25 -12.40 4.27
N VAL A 849 -35.78 -13.61 4.11
CA VAL A 849 -35.84 -14.27 2.81
C VAL A 849 -37.25 -14.16 2.28
N GLY A 850 -37.37 -13.83 1.00
CA GLY A 850 -38.68 -13.64 0.40
C GLY A 850 -39.36 -14.94 0.04
N ASP A 851 -39.98 -14.99 -1.13
CA ASP A 851 -40.71 -16.17 -1.58
C ASP A 851 -39.81 -17.04 -2.44
N ILE A 852 -39.70 -18.31 -2.07
CA ILE A 852 -38.91 -19.29 -2.80
C ILE A 852 -39.89 -20.17 -3.58
N ALA A 853 -39.83 -20.09 -4.90
CA ALA A 853 -40.68 -20.90 -5.77
C ALA A 853 -39.79 -21.64 -6.77
N GLY A 854 -39.85 -22.96 -6.74
CA GLY A 854 -39.00 -23.76 -7.60
C GLY A 854 -39.76 -24.89 -8.25
N THR A 855 -39.32 -25.22 -9.47
CA THR A 855 -39.85 -26.36 -10.23
C THR A 855 -38.64 -27.17 -10.69
N LEU A 856 -38.19 -28.09 -9.85
CA LEU A 856 -37.04 -28.92 -10.12
C LEU A 856 -37.50 -30.30 -10.60
N ASP A 857 -36.63 -30.97 -11.34
CA ASP A 857 -36.92 -32.32 -11.80
C ASP A 857 -36.17 -33.32 -10.95
N PHE A 858 -36.77 -34.48 -10.77
CA PHE A 858 -36.19 -35.47 -9.89
C PHE A 858 -35.59 -36.62 -10.70
N PRO A 859 -34.43 -37.15 -10.29
CA PRO A 859 -33.60 -36.75 -9.15
C PRO A 859 -32.46 -35.83 -9.52
N ALA A 860 -32.45 -35.31 -10.75
CA ALA A 860 -31.26 -34.59 -11.25
C ALA A 860 -31.03 -33.31 -10.47
N HIS A 861 -32.07 -32.47 -10.33
CA HIS A 861 -31.90 -31.20 -9.66
C HIS A 861 -31.87 -31.35 -8.15
N ALA A 862 -32.45 -32.42 -7.61
CA ALA A 862 -32.23 -32.75 -6.21
C ALA A 862 -30.75 -33.08 -5.97
N HIS A 863 -30.13 -33.80 -6.90
CA HIS A 863 -28.70 -34.05 -6.83
C HIS A 863 -27.91 -32.75 -6.99
N VAL A 864 -28.40 -31.84 -7.84
CA VAL A 864 -27.72 -30.57 -8.05
C VAL A 864 -27.68 -29.77 -6.76
N LEU A 865 -28.82 -29.69 -6.06
CA LEU A 865 -28.86 -28.98 -4.79
C LEU A 865 -27.98 -29.67 -3.75
N HIS A 866 -27.90 -30.99 -3.81
CA HIS A 866 -27.09 -31.73 -2.84
C HIS A 866 -25.62 -31.33 -2.92
N GLN A 867 -25.03 -31.39 -4.12
CA GLN A 867 -23.60 -31.12 -4.23
C GLN A 867 -23.28 -29.64 -4.24
N ILE A 868 -24.26 -28.78 -4.52
CA ILE A 868 -24.05 -27.34 -4.35
C ILE A 868 -23.88 -27.00 -2.89
N MET A 869 -24.75 -27.55 -2.04
CA MET A 869 -24.61 -27.35 -0.60
C MET A 869 -23.36 -28.02 -0.07
N GLU A 870 -23.00 -29.17 -0.64
CA GLU A 870 -21.80 -29.87 -0.19
C GLU A 870 -20.55 -29.03 -0.42
N SER A 871 -20.36 -28.54 -1.64
CA SER A 871 -19.17 -27.74 -1.93
C SER A 871 -19.19 -26.41 -1.22
N LEU A 872 -20.37 -25.78 -1.13
CA LEU A 872 -20.48 -24.48 -0.47
C LEU A 872 -20.11 -24.58 1.00
N LEU A 873 -20.68 -25.54 1.71
CA LEU A 873 -20.38 -25.69 3.13
C LEU A 873 -18.92 -26.11 3.34
N MET A 874 -18.40 -26.98 2.48
CA MET A 874 -17.01 -27.42 2.63
C MET A 874 -16.04 -26.25 2.47
N PHE A 875 -16.27 -25.39 1.48
CA PHE A 875 -15.35 -24.29 1.24
C PHE A 875 -15.51 -23.16 2.25
N VAL A 876 -16.74 -22.90 2.71
CA VAL A 876 -16.93 -21.85 3.70
C VAL A 876 -16.31 -22.25 5.03
N ILE A 877 -16.58 -23.46 5.49
CA ILE A 877 -16.01 -23.92 6.76
C ILE A 877 -14.50 -24.12 6.64
N SER A 878 -14.07 -24.83 5.61
CA SER A 878 -12.67 -25.16 5.39
C SER A 878 -12.01 -25.73 6.66
N PRO A 879 -12.43 -26.91 7.11
CA PRO A 879 -11.86 -27.47 8.35
C PRO A 879 -10.36 -27.70 8.29
N ASP A 880 -9.82 -28.10 7.14
CA ASP A 880 -8.39 -28.34 7.02
C ASP A 880 -7.60 -27.08 6.68
N ASP A 881 -8.25 -26.10 6.05
CA ASP A 881 -7.57 -24.85 5.71
C ASP A 881 -7.58 -23.85 6.87
N ALA A 882 -8.30 -24.14 7.94
CA ALA A 882 -8.35 -23.23 9.07
C ALA A 882 -6.99 -23.13 9.74
N THR A 883 -6.64 -21.92 10.17
CA THR A 883 -5.32 -21.62 10.71
C THR A 883 -5.44 -21.11 12.13
N LYS A 884 -4.41 -21.39 12.93
CA LYS A 884 -4.33 -20.86 14.28
C LYS A 884 -4.08 -19.36 14.24
N VAL A 885 -4.77 -18.64 15.10
CA VAL A 885 -4.55 -17.18 15.20
C VAL A 885 -3.19 -16.92 15.83
N PRO A 886 -2.42 -15.95 15.34
CA PRO A 886 -1.15 -15.64 15.99
C PRO A 886 -1.36 -15.18 17.42
N ASP A 887 -0.38 -15.51 18.27
CA ASP A 887 -0.51 -15.22 19.69
C ASP A 887 -0.69 -13.73 19.96
N ARG A 888 -0.11 -12.88 19.12
CA ARG A 888 -0.21 -11.43 19.29
C ARG A 888 -1.47 -10.85 18.67
N MET A 889 -2.29 -11.65 18.00
CA MET A 889 -3.53 -11.18 17.40
C MET A 889 -4.76 -11.74 18.10
N GLN A 890 -4.58 -12.45 19.23
CA GLN A 890 -5.69 -13.01 19.98
C GLN A 890 -6.19 -11.97 20.97
N PHE A 891 -6.98 -11.03 20.46
CA PHE A 891 -7.43 -9.90 21.26
C PHE A 891 -8.53 -10.34 22.23
N CYS A 892 -8.99 -9.40 23.04
CA CYS A 892 -9.96 -9.70 24.09
C CYS A 892 -11.06 -8.66 24.16
N GLN A 893 -11.87 -8.75 25.22
CA GLN A 893 -12.86 -7.73 25.48
C GLN A 893 -12.23 -6.42 25.94
N HIS A 894 -11.02 -6.46 26.47
CA HIS A 894 -10.32 -5.27 26.94
C HIS A 894 -9.25 -4.80 25.98
N GLY A 895 -9.16 -5.39 24.79
CA GLY A 895 -8.17 -5.01 23.82
C GLY A 895 -6.79 -5.60 24.04
N GLN A 896 -6.62 -6.44 25.04
CA GLN A 896 -5.35 -7.09 25.32
C GLN A 896 -5.39 -8.53 24.79
N LEU A 897 -4.37 -9.31 25.13
CA LEU A 897 -4.23 -10.64 24.60
C LEU A 897 -4.94 -11.67 25.47
N ILE A 898 -5.34 -12.79 24.85
CA ILE A 898 -6.06 -13.84 25.57
C ILE A 898 -5.23 -14.35 26.74
N LYS A 899 -3.96 -14.65 26.48
CA LYS A 899 -3.00 -14.85 27.53
C LYS A 899 -2.37 -13.51 27.87
N ALA A 900 -2.03 -13.32 29.14
CA ALA A 900 -1.38 -12.09 29.62
C ALA A 900 -2.28 -10.87 29.38
N CYS A 901 -3.39 -10.87 30.12
CA CYS A 901 -4.33 -9.76 30.15
C CYS A 901 -4.21 -9.05 31.49
N SER A 902 -4.05 -7.72 31.45
CA SER A 902 -3.87 -6.98 32.70
C SER A 902 -5.16 -6.89 33.50
N ILE A 903 -6.28 -6.63 32.82
CA ILE A 903 -7.55 -6.49 33.53
C ILE A 903 -7.95 -7.80 34.20
N ALA A 904 -7.80 -8.92 33.49
CA ALA A 904 -8.05 -10.21 34.12
C ALA A 904 -7.08 -10.48 35.25
N GLY A 905 -5.87 -9.92 35.17
CA GLY A 905 -4.93 -10.05 36.26
C GLY A 905 -5.41 -9.36 37.52
N LYS A 906 -6.10 -8.23 37.39
CA LYS A 906 -6.62 -7.53 38.55
C LYS A 906 -7.61 -8.41 39.32
N LYS A 907 -8.45 -9.14 38.59
CA LYS A 907 -9.45 -9.99 39.22
C LYS A 907 -8.82 -11.14 40.00
N THR A 908 -7.76 -11.73 39.45
CA THR A 908 -7.02 -12.79 40.12
C THR A 908 -5.92 -12.26 41.04
N ASN A 909 -5.81 -10.94 41.17
CA ASN A 909 -4.80 -10.29 42.02
C ASN A 909 -3.38 -10.68 41.60
N GLU A 910 -3.17 -10.91 40.31
CA GLU A 910 -1.87 -11.17 39.74
C GLU A 910 -1.53 -10.02 38.77
N ILE A 911 -0.34 -10.09 38.18
CA ILE A 911 0.03 -9.09 37.18
C ILE A 911 -0.74 -9.30 35.90
N LEU A 912 -0.84 -10.53 35.43
CA LEU A 912 -1.50 -10.85 34.17
C LEU A 912 -2.25 -12.16 34.31
N GLY A 913 -3.47 -12.19 33.78
CA GLY A 913 -4.28 -13.39 33.78
C GLY A 913 -4.93 -13.60 32.44
N PRO A 914 -5.48 -14.80 32.22
CA PRO A 914 -6.15 -15.08 30.93
C PRO A 914 -7.49 -14.36 30.84
N CYS A 915 -7.62 -13.49 29.84
CA CYS A 915 -8.89 -12.83 29.57
C CYS A 915 -9.79 -13.73 28.73
N LYS A 916 -10.93 -13.19 28.35
CA LYS A 916 -11.90 -13.88 27.52
C LYS A 916 -12.25 -13.00 26.33
N THR A 917 -12.34 -13.60 25.15
CA THR A 917 -12.58 -12.81 23.95
C THR A 917 -14.01 -12.29 23.93
N GLU A 918 -14.21 -11.21 23.16
CA GLU A 918 -15.53 -10.60 23.07
C GLU A 918 -16.53 -11.52 22.40
N GLU A 919 -16.08 -12.52 21.65
CA GLU A 919 -17.00 -13.44 21.00
C GLU A 919 -17.73 -14.30 22.03
N GLN A 920 -17.04 -14.67 23.10
CA GLN A 920 -17.65 -15.48 24.14
C GLN A 920 -18.60 -14.68 25.02
N MET A 921 -18.36 -13.38 25.17
CA MET A 921 -19.13 -12.56 26.10
C MET A 921 -20.24 -11.76 25.44
N LYS A 922 -20.11 -11.44 24.15
CA LYS A 922 -21.09 -10.58 23.50
C LYS A 922 -22.44 -11.26 23.42
N TYR A 923 -23.49 -10.46 23.42
CA TYR A 923 -24.86 -10.94 23.24
C TYR A 923 -25.15 -11.01 21.75
N ARG A 924 -25.35 -12.21 21.24
CA ARG A 924 -25.64 -12.41 19.83
C ARG A 924 -27.07 -12.93 19.68
N GLN A 925 -27.75 -12.47 18.64
CA GLN A 925 -29.11 -12.89 18.37
C GLN A 925 -29.36 -12.85 16.87
N ILE A 926 -29.88 -13.94 16.32
CA ILE A 926 -30.13 -14.05 14.88
C ILE A 926 -31.62 -14.32 14.67
N ARG A 927 -32.25 -13.49 13.84
CA ARG A 927 -33.63 -13.67 13.44
C ARG A 927 -33.67 -14.06 11.98
N ILE A 928 -34.32 -15.18 11.67
CA ILE A 928 -34.43 -15.68 10.31
C ILE A 928 -35.90 -15.81 9.97
N SER A 929 -36.30 -15.27 8.83
CA SER A 929 -37.68 -15.35 8.37
C SER A 929 -37.69 -15.71 6.90
N VAL A 930 -38.44 -16.74 6.54
CA VAL A 930 -38.65 -17.14 5.15
C VAL A 930 -40.13 -16.98 4.87
N ASP A 931 -40.46 -16.13 3.90
CA ASP A 931 -41.87 -15.81 3.64
C ASP A 931 -42.64 -17.02 3.15
N SER A 932 -42.07 -17.79 2.22
CA SER A 932 -42.75 -18.98 1.71
C SER A 932 -41.74 -19.84 0.96
N VAL A 933 -42.03 -21.14 0.92
CA VAL A 933 -41.29 -22.10 0.14
C VAL A 933 -42.28 -22.94 -0.64
N ASN A 934 -42.07 -23.06 -1.95
CA ASN A 934 -42.94 -23.87 -2.81
C ASN A 934 -42.05 -24.56 -3.84
N LEU A 935 -41.55 -25.74 -3.49
CA LEU A 935 -40.65 -26.50 -4.34
C LEU A 935 -41.36 -27.73 -4.87
N THR A 936 -41.35 -27.90 -6.18
CA THR A 936 -41.98 -29.02 -6.85
C THR A 936 -40.91 -29.90 -7.49
N PHE A 937 -40.94 -31.19 -7.18
CA PHE A 937 -40.04 -32.16 -7.78
C PHE A 937 -40.83 -32.95 -8.83
N VAL A 938 -40.45 -32.79 -10.09
CA VAL A 938 -41.20 -33.31 -11.22
C VAL A 938 -40.54 -34.57 -11.74
N GLU A 939 -41.31 -35.65 -11.85
CA GLU A 939 -40.92 -36.89 -12.47
C GLU A 939 -41.82 -37.12 -13.69
N GLU A 940 -41.60 -38.24 -14.37
CA GLU A 940 -42.37 -38.53 -15.58
C GLU A 940 -43.85 -38.67 -15.27
N LYS A 941 -44.19 -39.42 -14.22
CA LYS A 941 -45.57 -39.74 -13.89
C LYS A 941 -45.96 -39.30 -12.49
N THR A 942 -45.18 -38.42 -11.88
CA THR A 942 -45.40 -38.01 -10.50
C THR A 942 -44.85 -36.61 -10.30
N ILE A 943 -45.53 -35.81 -9.47
CA ILE A 943 -44.97 -34.57 -8.95
C ILE A 943 -45.13 -34.58 -7.44
N LEU A 944 -44.25 -33.86 -6.77
CA LEU A 944 -44.24 -33.80 -5.30
C LEU A 944 -43.97 -32.36 -4.90
N GLN A 945 -45.03 -31.64 -4.53
CA GLN A 945 -44.93 -30.24 -4.16
C GLN A 945 -44.83 -30.10 -2.65
N ILE A 946 -43.84 -29.36 -2.18
CA ILE A 946 -43.65 -29.06 -0.77
C ILE A 946 -43.89 -27.57 -0.58
N SER A 947 -44.96 -27.23 0.11
CA SER A 947 -45.33 -25.84 0.35
C SER A 947 -45.17 -25.51 1.83
N ALA A 948 -44.79 -24.27 2.11
CA ALA A 948 -44.52 -23.83 3.46
C ALA A 948 -45.13 -22.46 3.70
N ASP A 949 -45.45 -22.19 4.96
CA ASP A 949 -45.95 -20.90 5.42
C ASP A 949 -44.75 -20.09 5.90
N PRO A 950 -44.94 -18.81 6.28
CA PRO A 950 -43.81 -18.05 6.83
C PRO A 950 -43.12 -18.74 8.00
N VAL A 951 -41.85 -19.10 7.81
CA VAL A 951 -41.07 -19.82 8.81
C VAL A 951 -40.17 -18.83 9.53
N ARG A 952 -40.23 -18.83 10.86
CA ARG A 952 -39.38 -17.99 11.69
C ARG A 952 -38.47 -18.87 12.54
N VAL A 953 -37.17 -18.63 12.48
CA VAL A 953 -36.19 -19.30 13.32
C VAL A 953 -35.36 -18.23 14.00
N THR A 954 -35.15 -18.40 15.31
CA THR A 954 -34.44 -17.41 16.10
C THR A 954 -33.39 -18.10 16.96
N ILE A 955 -32.19 -17.54 17.01
CA ILE A 955 -31.13 -18.01 17.89
C ILE A 955 -30.78 -16.86 18.84
N CYS A 956 -30.95 -17.09 20.14
CA CYS A 956 -30.73 -16.07 21.16
C CYS A 956 -29.87 -16.69 22.25
N ASN A 957 -28.68 -16.15 22.47
CA ASN A 957 -27.79 -16.68 23.50
C ASN A 957 -28.07 -16.08 24.87
N ALA A 958 -28.97 -15.10 24.97
CA ALA A 958 -29.50 -14.63 26.25
C ALA A 958 -31.02 -14.56 26.09
N HIS A 959 -31.67 -15.70 26.28
CA HIS A 959 -33.10 -15.82 26.07
C HIS A 959 -33.79 -15.85 27.43
N GLU A 960 -34.74 -14.93 27.63
CA GLU A 960 -35.39 -14.73 28.92
C GLU A 960 -34.28 -14.45 29.93
N SER A 961 -34.26 -15.12 31.09
CA SER A 961 -33.22 -14.87 32.09
C SER A 961 -31.99 -15.73 31.89
N ARG A 962 -32.03 -16.69 30.97
CA ARG A 962 -30.95 -17.66 30.81
C ARG A 962 -29.96 -17.16 29.77
N PHE A 963 -28.69 -17.07 30.15
CA PHE A 963 -27.63 -16.67 29.24
C PHE A 963 -26.94 -17.89 28.64
N THR A 964 -27.74 -18.72 27.97
CA THR A 964 -27.27 -19.86 27.22
C THR A 964 -27.86 -19.81 25.82
N GLU A 965 -27.37 -20.68 24.95
CA GLU A 965 -27.83 -20.69 23.57
C GLU A 965 -29.26 -21.23 23.49
N HIS A 966 -30.10 -20.55 22.71
CA HIS A 966 -31.48 -20.94 22.51
C HIS A 966 -31.82 -20.90 21.02
N VAL A 967 -32.69 -21.82 20.61
CA VAL A 967 -33.18 -21.88 19.24
C VAL A 967 -34.71 -21.96 19.31
N CYS A 968 -35.38 -21.01 18.68
CA CYS A 968 -36.84 -20.96 18.64
C CYS A 968 -37.30 -21.19 17.21
N ILE A 969 -38.18 -22.16 17.01
CA ILE A 969 -38.68 -22.54 15.70
C ILE A 969 -40.18 -22.26 15.66
N ARG A 970 -40.63 -21.55 14.64
CA ARG A 970 -42.04 -21.24 14.45
C ARG A 970 -42.40 -21.62 13.01
N VAL A 971 -43.05 -22.76 12.84
CA VAL A 971 -43.52 -23.21 11.54
C VAL A 971 -45.03 -23.35 11.58
N PRO A 972 -45.78 -22.32 11.20
CA PRO A 972 -47.25 -22.41 11.27
C PRO A 972 -47.85 -23.49 10.37
N GLY A 973 -47.15 -23.90 9.31
CA GLY A 973 -47.68 -24.96 8.48
C GLY A 973 -46.85 -25.30 7.26
N ILE A 974 -46.64 -26.59 7.03
CA ILE A 974 -46.01 -27.10 5.82
C ILE A 974 -46.82 -28.28 5.31
N SER A 975 -47.04 -28.32 3.99
CA SER A 975 -47.82 -29.38 3.37
C SER A 975 -47.01 -30.02 2.25
N ILE A 976 -47.22 -31.32 2.07
CA ILE A 976 -46.61 -32.07 0.99
C ILE A 976 -47.73 -32.74 0.21
N ARG A 977 -47.81 -32.45 -1.09
CA ARG A 977 -48.84 -32.99 -1.95
C ARG A 977 -48.19 -33.77 -3.08
N GLN A 978 -48.85 -34.86 -3.48
CA GLN A 978 -48.36 -35.68 -4.58
C GLN A 978 -49.47 -35.90 -5.59
N ALA A 979 -49.13 -35.79 -6.87
CA ALA A 979 -50.07 -36.04 -7.96
C ALA A 979 -49.49 -37.13 -8.85
N VAL A 980 -50.32 -38.11 -9.18
CA VAL A 980 -49.93 -39.25 -10.01
C VAL A 980 -50.65 -39.12 -11.35
N ARG A 981 -49.89 -39.21 -12.44
CA ARG A 981 -50.44 -39.03 -13.77
C ARG A 981 -50.91 -40.37 -14.33
N ILE A 982 -52.15 -40.37 -14.83
CA ILE A 982 -52.73 -41.52 -15.53
C ILE A 982 -53.05 -41.06 -16.94
N LYS A 983 -52.48 -41.73 -17.93
CA LYS A 983 -52.48 -41.26 -19.31
C LYS A 983 -53.31 -42.14 -20.23
N GLU A 984 -54.50 -42.52 -19.78
CA GLU A 984 -55.44 -43.27 -20.61
C GLU A 984 -56.27 -42.36 -21.51
N LYS A 985 -56.08 -41.05 -21.42
CA LYS A 985 -56.83 -40.05 -22.14
C LYS A 985 -55.88 -39.10 -22.85
N PRO A 986 -56.30 -38.53 -23.98
CA PRO A 986 -55.47 -37.47 -24.59
C PRO A 986 -55.23 -36.28 -23.66
N GLU A 987 -56.11 -36.05 -22.71
CA GLU A 987 -55.90 -35.07 -21.66
C GLU A 987 -55.35 -35.75 -20.41
N ASN A 988 -54.32 -35.16 -19.82
CA ASN A 988 -53.70 -35.75 -18.65
C ASN A 988 -54.67 -35.78 -17.48
N ILE A 989 -54.61 -36.85 -16.71
CA ILE A 989 -55.42 -37.01 -15.51
C ILE A 989 -54.48 -37.20 -14.33
N TRP A 990 -54.61 -36.34 -13.32
CA TRP A 990 -53.82 -36.43 -12.11
C TRP A 990 -54.75 -36.60 -10.92
N ILE A 991 -54.30 -37.37 -9.92
CA ILE A 991 -55.06 -37.54 -8.69
C ILE A 991 -54.12 -37.29 -7.51
N GLU A 992 -54.71 -36.88 -6.39
CA GLU A 992 -53.97 -36.63 -5.16
C GLU A 992 -53.71 -37.95 -4.48
N GLY A 993 -52.64 -38.64 -4.89
CA GLY A 993 -52.33 -39.92 -4.29
C GLY A 993 -52.03 -39.83 -2.81
N ALA A 994 -51.32 -38.78 -2.40
CA ALA A 994 -50.93 -38.64 -1.00
C ALA A 994 -50.97 -37.17 -0.61
N ASN A 995 -51.12 -36.94 0.70
CA ASN A 995 -51.11 -35.60 1.28
C ASN A 995 -50.44 -35.65 2.63
N ALA A 996 -49.95 -34.50 3.07
CA ALA A 996 -49.38 -34.35 4.40
C ALA A 996 -49.51 -32.90 4.81
N ALA A 997 -49.57 -32.67 6.11
CA ALA A 997 -49.71 -31.30 6.62
C ALA A 997 -49.31 -31.29 8.09
N ILE A 998 -48.31 -30.47 8.41
CA ILE A 998 -47.89 -30.25 9.79
C ILE A 998 -48.17 -28.79 10.10
N GLU A 999 -49.01 -28.53 11.09
CA GLU A 999 -49.43 -27.18 11.43
C GLU A 999 -49.00 -26.85 12.85
N GLY A 1000 -48.85 -25.55 13.11
CA GLY A 1000 -48.65 -25.05 14.45
C GLY A 1000 -47.42 -25.55 15.19
N VAL A 1001 -46.27 -25.53 14.53
CA VAL A 1001 -45.02 -25.90 15.18
C VAL A 1001 -44.47 -24.69 15.91
N SER A 1002 -44.20 -24.85 17.21
CA SER A 1002 -43.62 -23.77 18.01
C SER A 1002 -42.75 -24.43 19.08
N LEU A 1003 -41.46 -24.56 18.78
CA LEU A 1003 -40.52 -25.23 19.66
C LEU A 1003 -39.51 -24.25 20.22
N ASP A 1004 -39.17 -24.42 21.49
CA ASP A 1004 -38.15 -23.61 22.17
C ASP A 1004 -37.06 -24.56 22.67
N ILE A 1005 -35.91 -24.53 22.02
CA ILE A 1005 -34.79 -25.39 22.35
C ILE A 1005 -33.81 -24.60 23.20
N GLU A 1006 -33.46 -25.15 24.36
CA GLU A 1006 -32.45 -24.56 25.23
C GLU A 1006 -31.21 -25.43 25.14
N LEU A 1007 -30.27 -25.04 24.29
CA LEU A 1007 -29.05 -25.81 24.13
C LEU A 1007 -28.20 -25.72 25.41
N PRO A 1008 -27.47 -26.77 25.74
CA PRO A 1008 -26.65 -26.75 26.96
C PRO A 1008 -25.48 -25.79 26.80
N THR A 1009 -24.86 -25.48 27.93
CA THR A 1009 -23.69 -24.62 27.92
C THR A 1009 -22.57 -25.29 27.13
N PRO A 1010 -21.75 -24.51 26.42
CA PRO A 1010 -20.67 -25.13 25.64
C PRO A 1010 -19.66 -25.81 26.54
N LYS A 1011 -19.00 -26.84 26.01
CA LYS A 1011 -18.02 -27.58 26.77
C LYS A 1011 -16.84 -26.69 27.14
N SER A 1012 -16.16 -27.05 28.22
CA SER A 1012 -14.97 -26.36 28.72
C SER A 1012 -15.26 -24.89 29.03
N ALA A 1013 -16.50 -24.58 29.37
CA ALA A 1013 -16.89 -23.24 29.80
C ALA A 1013 -17.05 -23.20 31.31
N SER A 1014 -16.70 -22.07 31.91
CA SER A 1014 -16.78 -21.94 33.34
C SER A 1014 -18.24 -22.03 33.80
N PRO A 1015 -18.50 -22.53 35.01
CA PRO A 1015 -19.89 -22.64 35.48
C PRO A 1015 -20.59 -21.30 35.62
N THR A 1016 -19.85 -20.21 35.76
CA THR A 1016 -20.43 -18.89 35.93
C THR A 1016 -20.42 -18.07 34.65
N ILE A 1017 -20.55 -18.71 33.50
CA ILE A 1017 -20.58 -17.98 32.24
C ILE A 1017 -21.82 -17.10 32.16
N GLY A 1018 -22.94 -17.58 32.69
CA GLY A 1018 -24.16 -16.78 32.65
C GLY A 1018 -24.04 -15.50 33.46
N LYS A 1019 -23.43 -15.60 34.65
CA LYS A 1019 -23.24 -14.41 35.47
C LYS A 1019 -22.22 -13.46 34.86
N GLU A 1020 -21.11 -14.00 34.35
CA GLU A 1020 -20.10 -13.16 33.73
C GLU A 1020 -20.65 -12.46 32.49
N ARG A 1021 -21.42 -13.19 31.68
CA ARG A 1021 -22.01 -12.58 30.49
C ARG A 1021 -23.02 -11.51 30.85
N LEU A 1022 -23.82 -11.73 31.89
CA LEU A 1022 -24.78 -10.71 32.29
C LEU A 1022 -24.08 -9.44 32.77
N GLU A 1023 -23.04 -9.60 33.59
CA GLU A 1023 -22.28 -8.43 34.05
C GLU A 1023 -21.61 -7.72 32.88
N PHE A 1024 -21.05 -8.49 31.94
CA PHE A 1024 -20.42 -7.90 30.78
C PHE A 1024 -21.41 -7.11 29.95
N VAL A 1025 -22.60 -7.68 29.74
CA VAL A 1025 -23.57 -7.06 28.84
C VAL A 1025 -24.12 -5.77 29.45
N ARG A 1026 -24.45 -5.80 30.75
CA ARG A 1026 -25.01 -4.61 31.38
C ARG A 1026 -23.96 -3.59 31.80
N MET A 1027 -22.68 -3.97 31.83
CA MET A 1027 -21.63 -2.98 32.03
C MET A 1027 -21.48 -2.09 30.80
N HIS A 1028 -21.44 -2.70 29.61
CA HIS A 1028 -21.23 -1.97 28.38
C HIS A 1028 -22.49 -1.36 27.81
N ASP A 1029 -23.66 -1.73 28.32
CA ASP A 1029 -24.92 -1.18 27.83
C ASP A 1029 -25.50 -0.12 28.74
N ALA A 1030 -24.88 0.16 29.88
CA ALA A 1030 -25.39 1.18 30.79
C ALA A 1030 -25.38 2.55 30.14
N ASP A 1031 -24.34 2.85 29.36
CA ASP A 1031 -24.19 4.17 28.78
C ASP A 1031 -25.31 4.52 27.81
N THR A 1032 -25.79 3.53 27.05
CA THR A 1032 -26.75 3.79 25.99
C THR A 1032 -28.12 3.15 26.20
N LYS A 1033 -28.23 2.12 27.04
CA LYS A 1033 -29.50 1.45 27.33
C LYS A 1033 -30.16 0.94 26.05
N ARG A 1034 -29.35 0.31 25.19
CA ARG A 1034 -29.87 -0.19 23.91
C ARG A 1034 -30.48 -1.58 24.01
N LEU A 1035 -29.93 -2.44 24.87
CA LEU A 1035 -30.54 -3.74 25.14
C LEU A 1035 -31.59 -3.52 26.22
N HIS A 1036 -32.81 -3.19 25.79
CA HIS A 1036 -33.84 -2.74 26.71
C HIS A 1036 -34.18 -3.80 27.74
N PHE A 1037 -34.04 -5.08 27.40
CA PHE A 1037 -34.48 -6.14 28.27
C PHE A 1037 -33.66 -6.25 29.55
N LEU A 1038 -32.51 -5.59 29.63
CA LEU A 1038 -31.72 -5.60 30.85
C LEU A 1038 -32.31 -4.68 31.91
N TRP A 1039 -32.84 -3.52 31.49
CA TRP A 1039 -33.27 -2.51 32.44
C TRP A 1039 -34.79 -2.30 32.40
N ALA A 1040 -35.53 -3.40 32.34
CA ALA A 1040 -36.98 -3.35 32.41
C ALA A 1040 -37.45 -4.22 33.57
N ASP A 1041 -38.40 -3.70 34.35
CA ASP A 1041 -38.94 -4.42 35.49
C ASP A 1041 -39.95 -5.45 34.99
N HIS A 1042 -39.46 -6.64 34.65
CA HIS A 1042 -40.31 -7.73 34.18
C HIS A 1042 -39.73 -9.05 34.65
N SER A 1043 -40.63 -9.98 34.99
CA SER A 1043 -40.18 -11.34 35.31
C SER A 1043 -39.60 -12.03 34.08
N VAL A 1044 -40.30 -11.97 32.95
CA VAL A 1044 -39.74 -12.42 31.69
C VAL A 1044 -38.70 -11.41 31.24
N TRP A 1045 -37.46 -11.85 31.08
CA TRP A 1045 -36.33 -10.96 30.95
C TRP A 1045 -36.05 -10.52 29.53
N GLY A 1046 -36.86 -10.95 28.56
CA GLY A 1046 -36.74 -10.43 27.21
C GLY A 1046 -35.54 -10.91 26.41
N CYS A 1047 -35.70 -10.90 25.09
CA CYS A 1047 -34.65 -11.21 24.12
C CYS A 1047 -34.88 -10.30 22.92
N ALA A 1048 -33.86 -10.13 22.09
CA ALA A 1048 -34.06 -9.45 20.81
C ALA A 1048 -35.00 -10.23 19.90
N CYS A 1049 -35.26 -11.50 20.24
CA CYS A 1049 -36.33 -12.32 19.70
C CYS A 1049 -37.61 -11.50 19.59
N PHE A 1050 -37.90 -10.73 20.63
CA PHE A 1050 -38.99 -9.78 20.66
C PHE A 1050 -38.42 -8.37 20.47
N GLY A 1051 -39.29 -7.37 20.52
CA GLY A 1051 -38.83 -6.02 20.26
C GLY A 1051 -38.19 -5.34 21.46
N ASN A 1052 -37.39 -6.08 22.22
CA ASN A 1052 -36.82 -5.61 23.47
C ASN A 1052 -35.39 -5.13 23.32
N THR A 1053 -34.98 -4.73 22.12
CA THR A 1053 -33.65 -4.21 21.87
C THR A 1053 -33.74 -3.03 20.91
N CYS A 1054 -32.63 -2.32 20.80
CA CYS A 1054 -32.50 -1.21 19.84
C CYS A 1054 -31.93 -1.80 18.55
N PHE A 1055 -32.80 -2.00 17.57
CA PHE A 1055 -32.40 -2.57 16.29
C PHE A 1055 -32.71 -1.56 15.19
N PHE A 1056 -31.67 -0.91 14.67
CA PHE A 1056 -31.79 0.10 13.61
C PHE A 1056 -32.72 1.24 14.04
N GLY A 1057 -32.83 1.46 15.33
CA GLY A 1057 -33.74 2.45 15.87
C GLY A 1057 -34.09 2.12 17.30
N ASP A 1058 -34.63 3.11 18.01
CA ASP A 1058 -34.95 2.93 19.41
C ASP A 1058 -36.03 1.87 19.61
N VAL A 1059 -37.03 1.86 18.73
CA VAL A 1059 -38.13 0.90 18.80
C VAL A 1059 -37.96 -0.11 17.67
N ASP A 1060 -37.93 -1.39 18.04
CA ASP A 1060 -37.78 -2.48 17.08
C ASP A 1060 -39.17 -2.89 16.61
N GLU A 1061 -39.62 -2.28 15.52
CA GLU A 1061 -40.97 -2.52 15.02
C GLU A 1061 -41.12 -3.94 14.47
N ILE A 1062 -40.18 -4.36 13.62
CA ILE A 1062 -40.28 -5.68 13.01
C ILE A 1062 -40.04 -6.78 14.03
N GLY A 1063 -39.10 -6.56 14.95
CA GLY A 1063 -38.77 -7.58 15.93
C GLY A 1063 -39.84 -7.78 16.99
N SER A 1064 -40.73 -6.80 17.18
CA SER A 1064 -41.76 -6.94 18.21
C SER A 1064 -42.74 -8.05 17.87
N THR A 1065 -43.11 -8.18 16.59
CA THR A 1065 -44.05 -9.21 16.15
C THR A 1065 -43.37 -10.27 15.30
N PHE A 1066 -42.08 -10.55 15.56
CA PHE A 1066 -41.34 -11.49 14.74
C PHE A 1066 -41.79 -12.92 14.99
N MET A 1067 -41.94 -13.31 16.24
CA MET A 1067 -42.31 -14.67 16.60
C MET A 1067 -43.82 -14.90 16.59
N GLU A 1068 -44.61 -13.87 16.29
CA GLU A 1068 -46.06 -13.99 16.25
C GLU A 1068 -46.46 -14.52 14.87
N THR A 1069 -46.48 -15.85 14.76
CA THR A 1069 -46.84 -16.51 13.51
C THR A 1069 -48.33 -16.80 13.39
N LEU A 1070 -49.13 -16.45 14.40
CA LEU A 1070 -50.57 -16.68 14.30
C LEU A 1070 -51.18 -15.88 13.16
N THR A 1071 -50.76 -14.63 13.00
CA THR A 1071 -51.26 -13.81 11.89
C THR A 1071 -50.74 -14.31 10.55
N LYS A 1072 -49.60 -14.99 10.53
CA LYS A 1072 -49.04 -15.57 9.31
C LYS A 1072 -48.80 -14.48 8.25
N LYS A 1073 -47.92 -13.55 8.59
CA LYS A 1073 -47.69 -12.35 7.80
C LYS A 1073 -46.29 -12.37 7.22
N LYS A 1074 -46.17 -11.94 5.96
CA LYS A 1074 -44.87 -11.82 5.32
C LYS A 1074 -44.12 -10.62 5.87
N PHE A 1075 -42.81 -10.80 6.09
CA PHE A 1075 -41.98 -9.73 6.60
C PHE A 1075 -41.18 -9.01 5.52
N PHE A 1076 -41.03 -9.60 4.34
CA PHE A 1076 -40.26 -8.97 3.26
C PHE A 1076 -41.21 -8.16 2.39
N VAL A 1077 -41.60 -6.99 2.90
CA VAL A 1077 -42.38 -6.03 2.14
C VAL A 1077 -41.60 -4.73 2.08
N PRO A 1078 -41.02 -4.37 0.93
CA PRO A 1078 -40.27 -3.11 0.84
C PRO A 1078 -41.16 -1.91 1.11
N GLY A 1079 -40.58 -0.91 1.77
CA GLY A 1079 -41.30 0.32 2.09
C GLY A 1079 -40.32 1.36 2.60
N ILE A 1080 -40.83 2.58 2.75
CA ILE A 1080 -40.02 3.72 3.18
C ILE A 1080 -40.63 4.28 4.45
N GLU A 1081 -39.81 4.44 5.47
CA GLU A 1081 -40.19 5.08 6.72
C GLU A 1081 -39.56 6.47 6.77
N ARG A 1082 -40.40 7.49 6.90
CA ARG A 1082 -39.95 8.88 6.81
C ARG A 1082 -39.69 9.52 8.16
N ASN A 1083 -39.82 8.77 9.26
CA ASN A 1083 -39.46 9.28 10.58
C ASN A 1083 -38.03 8.90 10.89
N PRO A 1084 -37.12 9.85 11.05
CA PRO A 1084 -35.71 9.50 11.31
C PRO A 1084 -35.52 8.69 12.58
N GLU A 1085 -36.34 8.90 13.62
CA GLU A 1085 -36.17 8.15 14.85
C GLU A 1085 -36.65 6.71 14.71
N LYS A 1086 -37.75 6.49 13.97
CA LYS A 1086 -38.24 5.15 13.76
C LYS A 1086 -37.30 4.35 12.87
N GLN A 1087 -37.27 3.04 13.09
CA GLN A 1087 -36.39 2.18 12.32
C GLN A 1087 -36.83 2.14 10.86
N PRO A 1088 -35.90 2.03 9.93
CA PRO A 1088 -36.28 1.98 8.51
C PRO A 1088 -37.00 0.69 8.18
N GLN A 1089 -37.84 0.74 7.16
CA GLN A 1089 -38.58 -0.43 6.72
C GLN A 1089 -37.68 -1.31 5.85
N VAL A 1090 -38.25 -2.42 5.38
CA VAL A 1090 -37.48 -3.39 4.60
C VAL A 1090 -37.03 -2.76 3.29
N MET A 1091 -35.78 -3.01 2.91
CA MET A 1091 -35.18 -2.52 1.68
C MET A 1091 -35.20 -0.99 1.63
N GLN A 1092 -34.77 -0.37 2.73
CA GLN A 1092 -34.61 1.07 2.81
C GLN A 1092 -33.20 1.38 3.26
N SER A 1093 -32.51 2.26 2.52
CA SER A 1093 -31.12 2.54 2.80
C SER A 1093 -30.96 3.26 4.13
N VAL A 1094 -29.90 2.90 4.86
CA VAL A 1094 -29.53 3.62 6.08
C VAL A 1094 -28.50 4.70 5.81
N ILE A 1095 -27.88 4.70 4.64
CA ILE A 1095 -26.93 5.76 4.29
C ILE A 1095 -27.67 6.99 3.79
N LEU A 1096 -28.56 6.82 2.81
CA LEU A 1096 -29.37 7.91 2.30
C LEU A 1096 -30.58 8.12 3.20
N LYS A 1097 -31.48 9.01 2.81
CA LYS A 1097 -32.71 9.24 3.57
C LYS A 1097 -33.89 9.14 2.63
N ASN A 1098 -34.92 8.41 3.06
CA ASN A 1098 -36.16 8.23 2.30
C ASN A 1098 -35.90 7.62 0.93
N LYS A 1099 -34.88 6.79 0.82
CA LYS A 1099 -34.53 6.14 -0.43
C LYS A 1099 -34.36 4.65 -0.22
N PRO A 1100 -34.81 3.82 -1.15
CA PRO A 1100 -34.56 2.39 -1.04
C PRO A 1100 -33.09 2.06 -1.25
N ILE A 1101 -32.66 0.95 -0.65
CA ILE A 1101 -31.28 0.50 -0.79
C ILE A 1101 -31.00 0.04 -2.21
N LEU A 1102 -32.02 -0.37 -2.95
CA LEU A 1102 -31.88 -0.84 -4.32
C LEU A 1102 -32.35 0.25 -5.28
N SER A 1103 -31.52 0.54 -6.28
CA SER A 1103 -31.85 1.49 -7.33
C SER A 1103 -31.94 0.77 -8.66
N ASN A 1104 -33.08 0.91 -9.34
CA ASN A 1104 -33.31 0.25 -10.62
C ASN A 1104 -32.69 1.10 -11.72
N GLN A 1105 -31.39 0.93 -11.91
CA GLN A 1105 -30.68 1.67 -12.92
C GLN A 1105 -30.07 0.72 -13.95
N PRO A 1106 -29.99 1.12 -15.22
CA PRO A 1106 -29.34 0.27 -16.21
C PRO A 1106 -27.87 0.09 -15.90
N HIS A 1107 -27.35 -1.09 -16.24
CA HIS A 1107 -25.95 -1.41 -15.97
C HIS A 1107 -25.45 -2.34 -17.08
N MET A 1108 -24.12 -2.45 -17.14
CA MET A 1108 -23.48 -3.31 -18.13
C MET A 1108 -23.72 -4.78 -17.81
N PHE A 1109 -23.83 -5.59 -18.86
CA PHE A 1109 -23.99 -7.03 -18.70
C PHE A 1109 -23.35 -7.74 -19.88
N TYR A 1110 -22.99 -8.99 -19.67
CA TYR A 1110 -22.41 -9.82 -20.71
C TYR A 1110 -23.52 -10.52 -21.50
N LYS A 1111 -23.47 -10.41 -22.81
CA LYS A 1111 -24.43 -11.06 -23.68
C LYS A 1111 -24.03 -12.50 -23.96
N LYS A 1112 -24.98 -13.28 -24.46
CA LYS A 1112 -24.72 -14.69 -24.74
C LYS A 1112 -23.78 -14.83 -25.92
N PRO A 1113 -22.68 -15.55 -25.79
CA PRO A 1113 -21.83 -15.82 -26.95
C PRO A 1113 -22.53 -16.76 -27.93
N LYS A 1114 -22.17 -16.63 -29.19
CA LYS A 1114 -22.77 -17.44 -30.24
C LYS A 1114 -22.11 -18.82 -30.31
N LEU A 1147 -50.16 -46.79 -11.43
CA LEU A 1147 -50.29 -48.24 -11.55
C LEU A 1147 -50.09 -48.68 -12.99
N GLN A 1148 -50.09 -50.00 -13.19
CA GLN A 1148 -49.90 -50.60 -14.49
C GLN A 1148 -51.19 -50.94 -15.20
N SER A 1149 -52.31 -50.95 -14.49
CA SER A 1149 -53.60 -51.38 -15.03
C SER A 1149 -54.51 -50.17 -15.22
N MET A 1150 -55.14 -50.10 -16.39
CA MET A 1150 -56.10 -49.04 -16.65
C MET A 1150 -57.32 -49.17 -15.73
N GLU A 1151 -57.79 -50.40 -15.50
CA GLU A 1151 -58.98 -50.60 -14.68
C GLU A 1151 -58.73 -50.13 -13.24
N MET A 1152 -57.58 -50.49 -12.68
CA MET A 1152 -57.27 -50.09 -11.31
C MET A 1152 -57.07 -48.57 -11.21
N SER A 1153 -56.35 -47.99 -12.17
CA SER A 1153 -56.10 -46.56 -12.13
C SER A 1153 -57.38 -45.76 -12.30
N SER A 1154 -58.28 -46.23 -13.17
CA SER A 1154 -59.57 -45.55 -13.33
C SER A 1154 -60.43 -45.70 -12.09
N SER A 1155 -60.29 -46.82 -11.36
CA SER A 1155 -61.03 -47.00 -10.13
C SER A 1155 -60.62 -45.96 -9.08
N TYR A 1156 -59.32 -45.67 -8.97
CA TYR A 1156 -58.88 -44.65 -8.04
C TYR A 1156 -59.24 -43.25 -8.53
N ALA A 1157 -59.35 -43.07 -9.85
CA ALA A 1157 -59.68 -41.75 -10.37
C ALA A 1157 -61.10 -41.34 -10.02
N THR A 1158 -62.04 -42.29 -9.95
CA THR A 1158 -63.41 -41.97 -9.63
C THR A 1158 -63.60 -41.62 -8.16
N PHE A 1159 -62.69 -42.04 -7.29
CA PHE A 1159 -62.79 -41.77 -5.87
C PHE A 1159 -61.83 -40.69 -5.38
N VAL A 1160 -60.54 -40.82 -5.69
CA VAL A 1160 -59.57 -39.81 -5.27
C VAL A 1160 -59.77 -38.53 -6.06
N ASP A 1161 -59.51 -37.40 -5.41
CA ASP A 1161 -59.76 -36.10 -6.03
C ASP A 1161 -58.82 -35.86 -7.20
N ASN A 1162 -59.40 -35.51 -8.35
CA ASN A 1162 -58.61 -35.18 -9.52
C ASN A 1162 -58.12 -33.73 -9.44
N VAL A 1163 -56.87 -33.51 -9.85
CA VAL A 1163 -56.25 -32.20 -9.79
C VAL A 1163 -55.65 -31.85 -11.14
N ARG A 1164 -55.46 -30.55 -11.36
CA ARG A 1164 -54.78 -30.03 -12.53
C ARG A 1164 -53.40 -29.56 -12.13
N VAL A 1165 -52.37 -30.00 -12.85
CA VAL A 1165 -51.00 -29.60 -12.59
C VAL A 1165 -50.58 -28.63 -13.67
N GLU A 1166 -50.17 -27.43 -13.26
CA GLU A 1166 -49.78 -26.37 -14.17
C GLU A 1166 -48.31 -26.03 -13.90
N LEU A 1167 -47.41 -26.68 -14.65
CA LEU A 1167 -46.00 -26.36 -14.56
C LEU A 1167 -45.75 -24.99 -15.18
N PRO A 1168 -44.61 -24.37 -14.86
CA PRO A 1168 -44.24 -23.14 -15.57
C PRO A 1168 -44.16 -23.39 -17.07
N SER A 1169 -44.58 -22.38 -17.84
CA SER A 1169 -44.87 -22.58 -19.26
C SER A 1169 -43.67 -23.15 -20.01
N ALA A 1170 -42.60 -22.37 -20.10
CA ALA A 1170 -41.40 -22.81 -20.83
C ALA A 1170 -40.20 -22.13 -20.17
N ILE A 1171 -39.48 -22.88 -19.35
CA ILE A 1171 -38.35 -22.34 -18.60
C ILE A 1171 -37.24 -22.03 -19.60
N THR A 1172 -36.98 -20.74 -19.81
CA THR A 1172 -35.93 -20.29 -20.71
C THR A 1172 -34.73 -19.80 -19.90
N VAL A 1173 -33.67 -19.43 -20.60
CA VAL A 1173 -32.49 -18.86 -19.96
C VAL A 1173 -32.72 -17.36 -19.80
N PRO A 1174 -32.73 -16.84 -18.57
CA PRO A 1174 -32.93 -15.41 -18.40
C PRO A 1174 -31.75 -14.60 -18.91
N GLN A 1175 -32.05 -13.40 -19.39
CA GLN A 1175 -31.05 -12.43 -19.84
C GLN A 1175 -31.34 -11.10 -19.17
N PHE A 1176 -30.28 -10.41 -18.74
CA PHE A 1176 -30.44 -9.24 -17.88
C PHE A 1176 -31.18 -8.11 -18.59
N GLY A 1177 -30.70 -7.71 -19.77
CA GLY A 1177 -31.39 -6.69 -20.53
C GLY A 1177 -31.66 -5.43 -19.72
N GLU A 1178 -32.90 -4.95 -19.78
CA GLU A 1178 -33.33 -3.78 -19.06
C GLU A 1178 -33.54 -4.08 -17.58
N PRO A 1179 -33.51 -3.07 -16.72
CA PRO A 1179 -33.82 -3.30 -15.30
C PRO A 1179 -35.23 -3.83 -15.13
N GLY A 1180 -35.39 -4.73 -14.17
CA GLY A 1180 -36.66 -5.38 -13.94
C GLY A 1180 -36.91 -6.61 -14.79
N ALA A 1181 -36.01 -6.94 -15.71
CA ALA A 1181 -36.19 -8.13 -16.54
C ALA A 1181 -36.02 -9.41 -15.75
N ILE A 1182 -35.14 -9.41 -14.75
CA ILE A 1182 -35.01 -10.57 -13.88
C ILE A 1182 -36.28 -10.77 -13.07
N LEU A 1183 -36.91 -9.67 -12.65
CA LEU A 1183 -38.20 -9.77 -11.96
C LEU A 1183 -39.26 -10.36 -12.87
N GLU A 1184 -39.27 -9.96 -14.15
CA GLU A 1184 -40.28 -10.48 -15.07
C GLU A 1184 -40.08 -11.96 -15.33
N TRP A 1185 -38.83 -12.43 -15.39
CA TRP A 1185 -38.58 -13.86 -15.53
C TRP A 1185 -39.08 -14.61 -14.30
N CYS A 1186 -38.85 -14.06 -13.10
CA CYS A 1186 -39.39 -14.66 -11.89
C CYS A 1186 -40.90 -14.66 -11.91
N GLN A 1187 -41.51 -13.58 -12.40
CA GLN A 1187 -42.96 -13.48 -12.43
C GLN A 1187 -43.57 -14.42 -13.46
N ALA A 1188 -42.84 -14.71 -14.54
CA ALA A 1188 -43.36 -15.64 -15.55
C ALA A 1188 -43.29 -17.08 -15.06
N HIS A 1189 -42.19 -17.46 -14.42
CA HIS A 1189 -41.97 -18.83 -13.96
C HIS A 1189 -42.27 -18.89 -12.47
N GLN A 1190 -43.56 -18.89 -12.14
CA GLN A 1190 -44.00 -18.99 -10.76
C GLN A 1190 -44.03 -20.46 -10.32
N ALA A 1191 -44.48 -20.68 -9.09
CA ALA A 1191 -44.59 -22.04 -8.58
C ALA A 1191 -45.67 -22.80 -9.34
N THR A 1192 -45.49 -24.12 -9.43
CA THR A 1192 -46.50 -24.95 -10.07
C THR A 1192 -47.76 -24.95 -9.22
N ARG A 1193 -48.90 -24.98 -9.90
CA ARG A 1193 -50.20 -24.95 -9.23
C ARG A 1193 -50.86 -26.32 -9.36
N ILE A 1194 -51.36 -26.83 -8.24
CA ILE A 1194 -52.14 -28.05 -8.20
C ILE A 1194 -53.57 -27.65 -7.87
N ILE A 1195 -54.39 -27.48 -8.88
CA ILE A 1195 -55.73 -26.94 -8.73
C ILE A 1195 -56.70 -28.09 -8.52
N ASN A 1196 -57.39 -28.08 -7.38
CA ASN A 1196 -58.42 -29.08 -7.10
C ASN A 1196 -59.68 -28.78 -7.91
N ASP A 1197 -60.37 -29.85 -8.29
CA ASP A 1197 -61.64 -29.75 -9.00
C ASP A 1197 -62.77 -30.06 -8.04
N VAL A 1198 -63.73 -29.14 -7.95
CA VAL A 1198 -64.87 -29.37 -7.06
C VAL A 1198 -65.74 -30.51 -7.58
N ASN A 1199 -65.90 -30.60 -8.90
CA ASN A 1199 -66.74 -31.64 -9.49
C ASN A 1199 -66.18 -33.03 -9.22
N THR A 1200 -64.86 -33.15 -9.07
CA THR A 1200 -64.23 -34.44 -8.82
C THR A 1200 -63.64 -34.55 -7.41
N SER A 1201 -64.14 -33.74 -6.48
CA SER A 1201 -63.67 -33.82 -5.10
C SER A 1201 -63.94 -35.20 -4.54
N GLY A 1202 -62.97 -35.73 -3.79
CA GLY A 1202 -63.05 -37.10 -3.36
C GLY A 1202 -62.97 -37.34 -1.87
N VAL A 1203 -62.34 -38.45 -1.49
CA VAL A 1203 -62.33 -38.93 -0.11
C VAL A 1203 -61.06 -38.49 0.60
N ASN A 1204 -60.37 -37.50 0.04
CA ASN A 1204 -59.12 -37.05 0.62
C ASN A 1204 -59.31 -36.33 1.95
N GLU A 1205 -60.53 -35.88 2.24
CA GLU A 1205 -60.76 -35.02 3.41
C GLU A 1205 -61.87 -35.53 4.31
N VAL A 1206 -62.21 -36.81 4.25
CA VAL A 1206 -63.24 -37.38 5.12
C VAL A 1206 -62.54 -37.97 6.34
N ARG A 1207 -62.78 -37.38 7.51
CA ARG A 1207 -62.15 -37.82 8.74
C ARG A 1207 -63.11 -37.64 9.91
N PHE A 1208 -63.09 -38.59 10.83
CA PHE A 1208 -63.97 -38.58 11.99
C PHE A 1208 -63.54 -39.63 13.01
N LEU A 1232 -31.03 -30.21 25.08
CA LEU A 1232 -31.14 -30.26 26.53
C LEU A 1232 -32.60 -30.13 26.96
N ALA A 1233 -33.14 -28.92 26.84
CA ALA A 1233 -34.52 -28.63 27.21
C ALA A 1233 -35.32 -28.26 25.97
N ILE A 1234 -36.44 -28.95 25.76
CA ILE A 1234 -37.33 -28.70 24.64
C ILE A 1234 -38.71 -28.40 25.18
N ASN A 1235 -39.33 -27.33 24.69
CA ASN A 1235 -40.64 -26.90 25.15
C ASN A 1235 -41.46 -26.45 23.95
N GLY A 1236 -42.72 -26.11 24.21
CA GLY A 1236 -43.62 -25.66 23.18
C GLY A 1236 -44.54 -26.76 22.69
N VAL A 1237 -45.10 -26.54 21.50
CA VAL A 1237 -45.97 -27.50 20.85
C VAL A 1237 -45.23 -28.05 19.64
N ALA A 1238 -45.12 -29.39 19.58
CA ALA A 1238 -44.50 -30.01 18.42
C ALA A 1238 -45.29 -29.74 17.15
N ALA A 1239 -46.61 -29.82 17.24
CA ALA A 1239 -47.51 -29.47 16.15
C ALA A 1239 -48.93 -29.40 16.68
N THR A 1240 -49.74 -28.53 16.09
CA THR A 1240 -51.16 -28.50 16.41
C THR A 1240 -51.88 -29.71 15.80
N SER A 1241 -51.59 -30.00 14.54
CA SER A 1241 -52.28 -31.08 13.83
C SER A 1241 -51.32 -31.72 12.85
N LEU A 1242 -51.66 -32.94 12.43
CA LEU A 1242 -50.82 -33.67 11.48
C LEU A 1242 -51.75 -34.51 10.60
N ASP A 1243 -52.07 -34.01 9.42
CA ASP A 1243 -52.88 -34.73 8.46
C ASP A 1243 -52.00 -35.61 7.58
N LEU A 1244 -52.57 -36.73 7.13
CA LEU A 1244 -51.84 -37.65 6.27
C LEU A 1244 -52.85 -38.49 5.51
N PHE A 1245 -52.87 -38.36 4.19
CA PHE A 1245 -53.71 -39.16 3.32
C PHE A 1245 -52.81 -40.01 2.44
N VAL A 1246 -53.10 -41.31 2.36
CA VAL A 1246 -52.30 -42.24 1.57
C VAL A 1246 -53.22 -43.19 0.84
N THR A 1247 -52.87 -43.51 -0.40
CA THR A 1247 -53.50 -44.52 -1.22
C THR A 1247 -52.42 -45.43 -1.79
N PRO A 1248 -52.76 -46.66 -2.15
CA PRO A 1248 -51.75 -47.53 -2.77
C PRO A 1248 -51.17 -46.95 -4.04
N ILE A 1249 -51.96 -46.20 -4.81
CA ILE A 1249 -51.44 -45.55 -5.99
C ILE A 1249 -50.46 -44.44 -5.61
N GLY A 1250 -50.65 -43.83 -4.44
CA GLY A 1250 -49.68 -42.86 -3.97
C GLY A 1250 -48.33 -43.47 -3.67
N ILE A 1251 -48.32 -44.64 -3.03
CA ILE A 1251 -47.05 -45.34 -2.77
C ILE A 1251 -46.43 -45.82 -4.07
N GLU A 1252 -47.25 -46.18 -5.06
CA GLU A 1252 -46.74 -46.49 -6.38
C GLU A 1252 -45.96 -45.31 -6.96
N ALA A 1253 -46.48 -44.10 -6.76
CA ALA A 1253 -45.80 -42.92 -7.26
C ALA A 1253 -44.46 -42.71 -6.54
N PHE A 1254 -44.41 -42.99 -5.24
CA PHE A 1254 -43.14 -42.89 -4.52
C PHE A 1254 -42.13 -43.91 -5.04
N GLU A 1255 -42.60 -45.09 -5.42
CA GLU A 1255 -41.71 -46.07 -6.04
C GLU A 1255 -41.14 -45.52 -7.35
N ARG A 1256 -41.94 -44.75 -8.07
CA ARG A 1256 -41.45 -44.13 -9.31
C ARG A 1256 -40.27 -43.21 -9.03
N LEU A 1257 -40.36 -42.42 -7.96
CA LEU A 1257 -39.26 -41.53 -7.61
C LEU A 1257 -38.02 -42.30 -7.20
N VAL A 1258 -38.18 -43.37 -6.41
CA VAL A 1258 -37.03 -44.14 -5.96
C VAL A 1258 -36.37 -44.86 -7.13
N THR A 1259 -37.18 -45.41 -8.04
CA THR A 1259 -36.62 -46.04 -9.23
C THR A 1259 -35.89 -45.03 -10.10
N ALA A 1260 -36.46 -43.83 -10.25
CA ALA A 1260 -35.79 -42.78 -11.01
C ALA A 1260 -34.49 -42.37 -10.32
N ALA A 1261 -34.48 -42.37 -8.98
CA ALA A 1261 -33.26 -42.03 -8.26
C ALA A 1261 -32.15 -43.05 -8.53
N SER A 1262 -32.49 -44.33 -8.53
CA SER A 1262 -31.47 -45.36 -8.73
C SER A 1262 -30.97 -45.38 -10.17
N HIS A 1263 -31.80 -45.00 -11.13
CA HIS A 1263 -31.38 -45.01 -12.52
C HIS A 1263 -30.25 -44.01 -12.76
N SER A 1264 -30.32 -42.84 -12.11
CA SER A 1264 -29.37 -41.78 -12.33
C SER A 1264 -28.08 -41.94 -11.53
N VAL A 1265 -27.98 -42.97 -10.68
CA VAL A 1265 -26.77 -43.15 -9.88
C VAL A 1265 -25.52 -43.38 -10.73
N PRO A 1266 -25.52 -44.26 -11.74
CA PRO A 1266 -24.28 -44.47 -12.51
C PRO A 1266 -23.81 -43.23 -13.25
N ALA A 1267 -24.68 -42.25 -13.50
CA ALA A 1267 -24.29 -41.03 -14.18
C ALA A 1267 -23.68 -40.00 -13.24
N ILE A 1268 -23.58 -40.29 -11.95
CA ILE A 1268 -23.01 -39.37 -10.99
C ILE A 1268 -21.49 -39.39 -11.11
N ASN A 1269 -20.86 -38.25 -10.84
CA ASN A 1269 -19.40 -38.20 -10.82
C ASN A 1269 -18.86 -38.99 -9.64
N PRO A 1270 -17.79 -39.76 -9.82
CA PRO A 1270 -17.10 -40.33 -8.67
C PRO A 1270 -16.44 -39.29 -7.80
N CYS A 1271 -16.25 -38.06 -8.30
CA CYS A 1271 -15.57 -37.04 -7.51
C CYS A 1271 -16.39 -36.62 -6.31
N ILE A 1272 -17.72 -36.54 -6.46
CA ILE A 1272 -18.55 -36.22 -5.31
C ILE A 1272 -18.48 -37.34 -4.28
N LEU A 1273 -18.21 -38.57 -4.73
CA LEU A 1273 -18.01 -39.67 -3.80
C LEU A 1273 -16.73 -39.49 -2.99
N VAL A 1274 -15.66 -39.06 -3.66
CA VAL A 1274 -14.43 -38.74 -2.94
C VAL A 1274 -14.65 -37.53 -2.04
N HIS A 1275 -15.41 -36.55 -2.50
CA HIS A 1275 -15.70 -35.37 -1.69
C HIS A 1275 -16.48 -35.73 -0.44
N MET A 1276 -17.50 -36.58 -0.57
CA MET A 1276 -18.28 -36.97 0.59
C MET A 1276 -17.45 -37.82 1.56
N CYS A 1277 -16.60 -38.71 1.02
CA CYS A 1277 -15.72 -39.49 1.88
C CYS A 1277 -14.74 -38.60 2.63
N TYR A 1278 -14.19 -37.59 1.94
CA TYR A 1278 -13.30 -36.63 2.58
C TYR A 1278 -14.02 -35.84 3.65
N ARG A 1279 -15.27 -35.46 3.39
CA ARG A 1279 -16.04 -34.71 4.38
C ARG A 1279 -16.19 -35.48 5.68
N ASP A 1280 -16.27 -36.81 5.59
CA ASP A 1280 -16.41 -37.62 6.80
C ASP A 1280 -15.14 -37.56 7.65
N CYS A 1281 -13.96 -37.69 7.03
CA CYS A 1281 -12.72 -37.65 7.78
C CYS A 1281 -12.49 -36.28 8.41
N VAL A 1282 -12.75 -35.20 7.67
CA VAL A 1282 -12.43 -33.87 8.20
C VAL A 1282 -13.45 -33.42 9.23
N LEU A 1283 -14.73 -33.73 9.05
CA LEU A 1283 -15.74 -33.30 10.02
C LEU A 1283 -15.58 -33.99 11.36
N LYS A 1284 -14.86 -35.11 11.41
CA LYS A 1284 -14.54 -35.80 12.64
C LYS A 1284 -13.16 -35.42 13.17
N LYS A 1285 -12.55 -34.37 12.61
CA LYS A 1285 -11.18 -33.95 12.96
C LYS A 1285 -10.19 -35.06 12.70
N HIS A 1286 -10.42 -35.82 11.62
CA HIS A 1286 -9.54 -36.90 11.20
C HIS A 1286 -9.33 -37.92 12.31
N ARG A 1287 -10.41 -38.28 12.99
CA ARG A 1287 -10.33 -39.16 14.16
C ARG A 1287 -10.20 -40.62 13.72
N GLN A 1288 -9.03 -40.95 13.21
CA GLN A 1288 -8.65 -42.31 12.92
C GLN A 1288 -8.26 -43.02 14.21
N PRO A 1289 -8.21 -44.35 14.21
CA PRO A 1289 -7.59 -45.04 15.35
C PRO A 1289 -6.15 -44.64 15.59
N LEU A 1290 -5.44 -44.21 14.54
CA LEU A 1290 -4.05 -43.78 14.72
C LEU A 1290 -3.96 -42.42 15.41
N THR A 1291 -4.98 -41.58 15.26
CA THR A 1291 -4.94 -40.22 15.77
C THR A 1291 -5.74 -40.05 17.06
N GLU A 1292 -6.07 -41.15 17.73
CA GLU A 1292 -6.80 -41.05 18.99
C GLU A 1292 -5.98 -40.36 20.07
N SER A 1293 -4.67 -40.24 19.89
CA SER A 1293 -3.83 -39.55 20.86
C SER A 1293 -4.16 -38.06 20.92
N LEU A 1294 -4.63 -37.48 19.81
CA LEU A 1294 -4.91 -36.05 19.77
C LEU A 1294 -6.24 -35.67 20.38
N PHE A 1295 -7.07 -36.64 20.76
CA PHE A 1295 -8.38 -36.38 21.35
C PHE A 1295 -8.37 -36.86 22.79
N ALA A 1296 -8.12 -35.93 23.72
CA ALA A 1296 -8.13 -36.20 25.14
C ALA A 1296 -9.00 -35.17 25.86
N ASP A 1297 -10.17 -34.90 25.30
CA ASP A 1297 -11.09 -33.93 25.91
C ASP A 1297 -11.54 -34.39 27.30
N GLU A 1298 -11.88 -35.66 27.43
CA GLU A 1298 -12.33 -36.24 28.70
C GLU A 1298 -13.52 -35.47 29.28
N PRO A 1304 -25.46 -32.99 25.13
CA PRO A 1304 -25.82 -32.98 26.55
C PRO A 1304 -25.56 -34.32 27.22
N ILE A 1305 -25.07 -34.30 28.46
CA ILE A 1305 -24.80 -35.52 29.20
C ILE A 1305 -25.74 -35.71 30.38
N SER A 1306 -26.42 -34.67 30.83
CA SER A 1306 -27.33 -34.78 31.97
C SER A 1306 -28.39 -33.69 31.88
N GLU A 1307 -29.47 -33.89 32.63
CA GLU A 1307 -30.53 -32.90 32.79
C GLU A 1307 -31.20 -32.59 31.45
N VAL A 1308 -31.71 -33.62 30.79
CA VAL A 1308 -32.45 -33.49 29.55
C VAL A 1308 -33.93 -33.61 29.87
N ASP A 1309 -34.68 -32.54 29.63
CA ASP A 1309 -36.11 -32.51 29.91
C ASP A 1309 -36.87 -32.07 28.67
N ILE A 1310 -38.01 -32.70 28.42
CA ILE A 1310 -38.86 -32.40 27.28
C ILE A 1310 -40.27 -32.17 27.78
N THR A 1311 -40.87 -31.05 27.38
CA THR A 1311 -42.27 -30.73 27.72
C THR A 1311 -42.91 -30.20 26.44
N VAL A 1312 -43.45 -31.10 25.62
CA VAL A 1312 -43.95 -30.76 24.31
C VAL A 1312 -45.36 -31.33 24.15
N ASP A 1313 -46.11 -30.75 23.22
CA ASP A 1313 -47.47 -31.16 22.93
C ASP A 1313 -47.51 -31.84 21.56
N LEU A 1314 -47.91 -33.10 21.54
CA LEU A 1314 -48.01 -33.84 20.31
C LEU A 1314 -49.25 -33.42 19.52
N PRO A 1315 -49.21 -33.54 18.19
CA PRO A 1315 -50.33 -33.06 17.38
C PRO A 1315 -51.51 -34.00 17.42
N ARG A 1316 -52.63 -33.51 16.88
CA ARG A 1316 -53.84 -34.32 16.69
C ARG A 1316 -53.70 -35.00 15.34
N VAL A 1317 -53.06 -36.17 15.35
CA VAL A 1317 -52.83 -36.91 14.11
C VAL A 1317 -54.16 -37.42 13.56
N SER A 1318 -54.40 -37.17 12.28
CA SER A 1318 -55.60 -37.66 11.59
C SER A 1318 -55.17 -38.26 10.26
N ILE A 1319 -54.93 -39.56 10.25
CA ILE A 1319 -54.49 -40.28 9.06
C ILE A 1319 -55.71 -40.89 8.38
N GLY A 1320 -55.84 -40.65 7.08
CA GLY A 1320 -56.89 -41.26 6.31
C GLY A 1320 -56.36 -42.10 5.16
N LEU A 1321 -56.57 -43.40 5.21
CA LEU A 1321 -56.18 -44.31 4.14
C LEU A 1321 -57.36 -44.57 3.23
N PHE A 1322 -57.06 -45.02 2.02
CA PHE A 1322 -58.11 -45.36 1.06
C PHE A 1322 -57.58 -46.40 0.09
N GLN A 1323 -58.44 -47.34 -0.29
CA GLN A 1323 -58.07 -48.39 -1.25
C GLN A 1323 -59.33 -48.87 -1.93
N CYS A 1324 -59.33 -48.85 -3.26
CA CYS A 1324 -60.46 -49.33 -4.05
C CYS A 1324 -59.97 -50.36 -5.05
N GLY A 1325 -60.66 -51.50 -5.12
CA GLY A 1325 -60.32 -52.54 -6.06
C GLY A 1325 -61.53 -53.37 -6.46
N VAL A 1326 -61.78 -53.48 -7.76
CA VAL A 1326 -62.93 -54.21 -8.26
C VAL A 1326 -62.60 -55.70 -8.37
N THR A 1340 -66.44 -52.00 -3.02
CA THR A 1340 -65.14 -52.09 -3.69
C THR A 1340 -64.14 -51.11 -3.07
N ALA A 1341 -64.65 -50.08 -2.42
CA ALA A 1341 -63.83 -49.02 -1.85
C ALA A 1341 -63.87 -49.10 -0.34
N ASN A 1342 -62.71 -49.19 0.30
CA ASN A 1342 -62.59 -49.22 1.74
C ASN A 1342 -61.62 -48.13 2.18
N MET A 1343 -62.02 -47.34 3.17
CA MET A 1343 -61.18 -46.28 3.72
C MET A 1343 -61.08 -46.45 5.22
N GLY A 1344 -59.85 -46.39 5.74
CA GLY A 1344 -59.63 -46.50 7.16
C GLY A 1344 -59.16 -45.20 7.78
N LEU A 1345 -59.92 -44.68 8.73
CA LEU A 1345 -59.64 -43.39 9.35
C LEU A 1345 -59.06 -43.58 10.74
N LEU A 1346 -57.95 -42.91 11.01
CA LEU A 1346 -57.30 -42.93 12.31
C LEU A 1346 -57.25 -41.51 12.86
N LEU A 1347 -57.59 -41.37 14.14
CA LEU A 1347 -57.57 -40.07 14.79
C LEU A 1347 -56.98 -40.23 16.19
N ILE A 1348 -55.75 -39.75 16.36
CA ILE A 1348 -55.08 -39.74 17.66
C ILE A 1348 -55.21 -38.34 18.23
N ASP A 1349 -55.78 -38.23 19.41
CA ASP A 1349 -55.94 -36.92 20.03
C ASP A 1349 -54.61 -36.41 20.57
N ARG A 1350 -54.62 -35.15 21.00
CA ARG A 1350 -53.39 -34.50 21.44
C ARG A 1350 -52.80 -35.22 22.64
N ALA A 1351 -51.49 -35.44 22.60
CA ALA A 1351 -50.75 -36.01 23.71
C ALA A 1351 -49.81 -34.97 24.30
N PHE A 1352 -49.21 -35.32 25.44
CA PHE A 1352 -48.30 -34.42 26.12
C PHE A 1352 -47.18 -35.24 26.74
N ILE A 1353 -45.99 -34.64 26.84
CA ILE A 1353 -44.82 -35.27 27.44
C ILE A 1353 -44.32 -34.37 28.56
N GLN A 1354 -44.04 -34.97 29.71
CA GLN A 1354 -43.53 -34.21 30.85
C GLN A 1354 -42.14 -34.67 31.23
N LEU A 1381 -45.15 -38.29 30.42
CA LEU A 1381 -45.55 -38.87 29.15
C LEU A 1381 -46.98 -39.40 29.24
N ASN A 1382 -47.86 -38.89 28.38
CA ASN A 1382 -49.27 -39.26 28.44
C ASN A 1382 -49.82 -39.62 27.06
N GLY A 1383 -51.14 -39.76 26.98
CA GLY A 1383 -51.81 -40.05 25.74
C GLY A 1383 -53.26 -39.63 25.84
N SER A 1384 -54.02 -39.97 24.80
CA SER A 1384 -55.43 -39.61 24.75
C SER A 1384 -56.17 -40.63 23.87
N ALA A 1385 -57.39 -40.27 23.48
CA ALA A 1385 -58.24 -41.19 22.73
C ALA A 1385 -57.67 -41.49 21.36
N ILE A 1386 -57.70 -42.77 20.99
CA ILE A 1386 -57.29 -43.25 19.68
C ILE A 1386 -58.49 -43.94 19.04
N THR A 1387 -58.87 -43.48 17.85
CA THR A 1387 -60.01 -44.06 17.13
C THR A 1387 -59.52 -44.56 15.78
N VAL A 1388 -59.56 -45.88 15.59
CA VAL A 1388 -59.28 -46.52 14.32
C VAL A 1388 -60.61 -47.07 13.79
N GLN A 1389 -61.02 -46.61 12.61
CA GLN A 1389 -62.29 -46.98 12.02
C GLN A 1389 -62.05 -47.44 10.60
N LEU A 1390 -62.77 -48.49 10.19
CA LEU A 1390 -62.62 -49.06 8.85
C LEU A 1390 -63.97 -48.91 8.13
N LEU A 1391 -64.16 -47.77 7.48
CA LEU A 1391 -65.37 -47.52 6.73
C LEU A 1391 -65.39 -48.34 5.45
N GLN A 1392 -66.53 -48.33 4.78
CA GLN A 1392 -66.66 -48.96 3.47
C GLN A 1392 -67.80 -48.31 2.73
N LEU A 1393 -67.58 -47.98 1.45
CA LEU A 1393 -68.60 -47.34 0.63
C LEU A 1393 -69.58 -48.40 0.15
N THR A 1394 -70.55 -48.69 1.03
CA THR A 1394 -71.61 -49.66 0.75
C THR A 1394 -72.88 -48.91 0.39
N ASN A 1395 -73.51 -49.31 -0.70
CA ASN A 1395 -74.70 -48.62 -1.17
C ASN A 1395 -75.84 -48.73 -0.16
N ARG A 1396 -76.85 -47.88 -0.34
CA ARG A 1396 -78.00 -47.80 0.55
C ARG A 1396 -79.03 -48.89 0.29
N ASP A 1397 -78.68 -49.94 -0.45
CA ASP A 1397 -79.60 -51.02 -0.75
C ASP A 1397 -79.37 -52.26 0.11
N ALA A 1398 -78.25 -52.34 0.82
CA ALA A 1398 -77.93 -53.49 1.63
C ALA A 1398 -77.84 -53.09 3.11
N PRO A 1399 -78.47 -53.86 4.02
CA PRO A 1399 -78.47 -53.58 5.46
C PRO A 1399 -77.08 -53.66 6.07
N ARG A 1421 -71.69 -35.91 -2.60
CA ARG A 1421 -72.91 -35.74 -3.39
C ARG A 1421 -72.78 -36.40 -4.76
N MET A 1422 -71.54 -36.49 -5.27
CA MET A 1422 -71.31 -37.20 -6.51
C MET A 1422 -71.70 -38.66 -6.39
N ASN A 1423 -71.29 -39.30 -5.29
CA ASN A 1423 -71.71 -40.66 -4.98
C ASN A 1423 -72.91 -40.61 -4.03
N ASN A 1424 -74.04 -40.20 -4.59
CA ASN A 1424 -75.25 -39.94 -3.83
C ASN A 1424 -75.83 -41.20 -3.17
N LEU A 1425 -75.41 -42.38 -3.60
CA LEU A 1425 -75.90 -43.63 -3.04
C LEU A 1425 -74.83 -44.41 -2.31
N GLU A 1426 -73.79 -43.72 -1.82
CA GLU A 1426 -72.63 -44.38 -1.22
C GLU A 1426 -72.33 -43.77 0.15
N PRO A 1427 -73.01 -44.23 1.19
CA PRO A 1427 -72.65 -43.85 2.56
C PRO A 1427 -71.47 -44.69 3.04
N ARG A 1428 -71.10 -44.49 4.29
CA ARG A 1428 -69.99 -45.20 4.92
C ARG A 1428 -70.52 -46.05 6.06
N VAL A 1429 -70.16 -47.33 6.06
CA VAL A 1429 -70.52 -48.26 7.13
C VAL A 1429 -69.25 -48.60 7.91
N MET A 1430 -69.31 -48.42 9.23
CA MET A 1430 -68.11 -48.41 10.05
C MET A 1430 -67.85 -49.77 10.70
N MET A 1431 -66.57 -50.03 10.98
CA MET A 1431 -66.11 -51.14 11.82
C MET A 1431 -65.14 -50.52 12.83
N ASP A 1432 -65.70 -49.99 13.91
CA ASP A 1432 -64.99 -49.08 14.80
C ASP A 1432 -64.06 -49.82 15.76
N PHE A 1433 -63.11 -49.06 16.32
CA PHE A 1433 -62.16 -49.56 17.31
C PHE A 1433 -61.60 -48.35 18.04
N ASN A 1434 -61.77 -48.31 19.37
CA ASN A 1434 -61.37 -47.15 20.15
C ASN A 1434 -60.53 -47.56 21.34
N VAL A 1435 -59.66 -46.65 21.77
CA VAL A 1435 -58.88 -46.78 23.00
C VAL A 1435 -59.16 -45.56 23.86
N SER A 1436 -59.49 -45.80 25.14
CA SER A 1436 -59.92 -44.70 26.00
C SER A 1436 -58.79 -43.71 26.26
N ASP A 1437 -57.62 -44.21 26.67
CA ASP A 1437 -56.48 -43.36 26.99
C ASP A 1437 -55.24 -44.24 27.00
N THR A 1438 -54.10 -43.60 27.24
CA THR A 1438 -52.82 -44.30 27.28
C THR A 1438 -51.87 -43.55 28.19
N LEU A 1439 -51.17 -44.29 29.06
CA LEU A 1439 -50.19 -43.71 29.98
C LEU A 1439 -48.95 -44.57 29.96
N ILE A 1440 -47.87 -44.06 29.36
CA ILE A 1440 -46.57 -44.71 29.36
C ILE A 1440 -45.61 -43.82 30.15
N ILE A 1441 -44.89 -44.42 31.09
CA ILE A 1441 -43.92 -43.71 31.91
C ILE A 1441 -42.59 -44.43 31.78
N LEU A 1442 -41.74 -43.93 30.87
CA LEU A 1442 -40.39 -44.45 30.67
C LEU A 1442 -39.44 -43.25 30.67
N GLU A 1443 -38.99 -42.86 31.86
CA GLU A 1443 -38.11 -41.70 32.03
C GLU A 1443 -36.77 -42.18 32.59
N ARG A 1444 -35.69 -41.75 31.97
CA ARG A 1444 -34.35 -42.14 32.39
C ARG A 1444 -33.96 -41.49 33.70
N PRO A 1535 -68.39 -62.56 3.76
CA PRO A 1535 -68.42 -62.05 5.14
C PRO A 1535 -67.45 -60.90 5.35
N ILE A 1536 -67.04 -60.71 6.61
CA ILE A 1536 -66.06 -59.67 6.91
C ILE A 1536 -64.70 -60.02 6.31
N TYR A 1537 -64.34 -61.31 6.37
CA TYR A 1537 -63.06 -61.74 5.79
C TYR A 1537 -63.02 -61.50 4.29
N GLU A 1538 -64.14 -61.73 3.60
CA GLU A 1538 -64.17 -61.60 2.15
C GLU A 1538 -63.95 -60.15 1.71
N ALA A 1539 -64.45 -59.19 2.47
CA ALA A 1539 -64.29 -57.77 2.12
C ALA A 1539 -62.97 -57.19 2.62
N LEU A 1540 -62.46 -57.69 3.76
CA LEU A 1540 -61.20 -57.19 4.29
C LEU A 1540 -60.00 -57.75 3.54
N ALA A 1541 -60.13 -58.93 2.94
CA ALA A 1541 -59.00 -59.53 2.24
C ALA A 1541 -58.48 -58.68 1.08
N PRO A 1542 -59.32 -58.12 0.20
CA PRO A 1542 -58.75 -57.30 -0.89
C PRO A 1542 -57.96 -56.10 -0.38
N VAL A 1543 -58.37 -55.52 0.76
CA VAL A 1543 -57.63 -54.39 1.32
C VAL A 1543 -56.24 -54.83 1.76
N MET A 1544 -56.16 -55.96 2.46
CA MET A 1544 -54.87 -56.43 2.96
C MET A 1544 -53.96 -56.83 1.81
N VAL A 1545 -54.48 -57.57 0.85
CA VAL A 1545 -53.65 -58.02 -0.27
C VAL A 1545 -53.29 -56.90 -1.22
N SER A 1546 -53.95 -55.74 -1.11
CA SER A 1546 -53.58 -54.59 -1.92
C SER A 1546 -52.55 -53.71 -1.24
N TRP A 1547 -52.79 -53.35 0.02
CA TRP A 1547 -51.84 -52.52 0.76
C TRP A 1547 -50.52 -53.24 0.96
N LEU A 1548 -50.57 -54.50 1.37
CA LEU A 1548 -49.34 -55.23 1.65
C LEU A 1548 -48.52 -55.45 0.38
N SER A 1549 -49.19 -55.70 -0.75
CA SER A 1549 -48.46 -55.85 -2.00
C SER A 1549 -47.76 -54.58 -2.40
N VAL A 1550 -48.44 -53.43 -2.25
CA VAL A 1550 -47.84 -52.15 -2.64
C VAL A 1550 -46.71 -51.78 -1.68
N VAL A 1551 -46.90 -52.02 -0.39
CA VAL A 1551 -45.84 -51.76 0.58
C VAL A 1551 -44.65 -52.68 0.32
N GLU A 1552 -44.91 -53.94 -0.01
CA GLU A 1552 -43.84 -54.87 -0.31
C GLU A 1552 -43.03 -54.43 -1.53
N ASN A 1553 -43.72 -53.96 -2.58
CA ASN A 1553 -43.02 -53.47 -3.75
C ASN A 1553 -42.17 -52.26 -3.41
N PHE A 1554 -42.70 -51.36 -2.57
CA PHE A 1554 -41.96 -50.17 -2.19
C PHE A 1554 -40.69 -50.53 -1.42
N LEU A 1555 -40.80 -51.47 -0.48
CA LEU A 1555 -39.63 -51.86 0.30
C LEU A 1555 -38.60 -52.58 -0.56
N ARG A 1556 -39.04 -53.39 -1.52
CA ARG A 1556 -38.12 -54.02 -2.44
C ARG A 1556 -37.43 -52.98 -3.32
N THR A 1557 -38.18 -51.97 -3.78
CA THR A 1557 -37.59 -50.91 -4.57
C THR A 1557 -36.56 -50.12 -3.78
N VAL A 1558 -36.86 -49.84 -2.51
CA VAL A 1558 -35.90 -49.12 -1.66
C VAL A 1558 -34.64 -49.95 -1.47
N ASP A 1559 -34.78 -51.25 -1.22
CA ASP A 1559 -33.61 -52.11 -1.05
C ASP A 1559 -32.77 -52.17 -2.32
N LYS A 1560 -33.43 -52.22 -3.48
CA LYS A 1560 -32.70 -52.17 -4.74
C LYS A 1560 -31.93 -50.87 -4.89
N PHE A 1561 -32.53 -49.76 -4.49
CA PHE A 1561 -31.84 -48.47 -4.55
C PHE A 1561 -30.64 -48.45 -3.60
N ILE A 1562 -30.80 -48.98 -2.39
CA ILE A 1562 -29.70 -48.99 -1.43
C ILE A 1562 -28.54 -49.83 -1.95
N HIS A 1563 -28.84 -51.01 -2.48
CA HIS A 1563 -27.79 -51.85 -3.03
C HIS A 1563 -27.20 -51.25 -4.30
N THR A 1564 -28.00 -50.53 -5.09
CA THR A 1564 -27.48 -49.87 -6.27
C THR A 1564 -26.44 -48.82 -5.91
N VAL A 1565 -26.73 -48.02 -4.89
CA VAL A 1565 -25.78 -47.00 -4.46
C VAL A 1565 -24.53 -47.64 -3.87
N GLU A 1566 -24.70 -48.67 -3.05
CA GLU A 1566 -23.54 -49.33 -2.44
C GLU A 1566 -22.64 -49.97 -3.47
N CYS A 1567 -23.23 -50.65 -4.46
CA CYS A 1567 -22.44 -51.22 -5.54
C CYS A 1567 -21.77 -50.12 -6.35
N TRP A 1568 -22.48 -49.03 -6.61
CA TRP A 1568 -21.90 -47.92 -7.36
C TRP A 1568 -20.73 -47.30 -6.60
N LYS A 1569 -20.87 -47.15 -5.29
CA LYS A 1569 -19.81 -46.51 -4.51
C LYS A 1569 -18.50 -47.28 -4.63
N SER A 1570 -18.53 -48.59 -4.40
CA SER A 1570 -17.30 -49.37 -4.44
C SER A 1570 -16.73 -49.44 -5.84
N VAL A 1571 -17.58 -49.60 -6.86
CA VAL A 1571 -17.09 -49.73 -8.22
C VAL A 1571 -16.48 -48.42 -8.70
N ALA A 1572 -17.15 -47.30 -8.44
CA ALA A 1572 -16.61 -46.01 -8.86
C ALA A 1572 -15.36 -45.65 -8.08
N MET A 1573 -15.34 -45.93 -6.76
CA MET A 1573 -14.14 -45.66 -5.97
C MET A 1573 -12.97 -46.51 -6.44
N ALA A 1574 -13.22 -47.78 -6.75
CA ALA A 1574 -12.16 -48.63 -7.29
C ALA A 1574 -11.72 -48.14 -8.66
N LYS A 1575 -12.66 -47.66 -9.48
CA LYS A 1575 -12.32 -47.17 -10.81
C LYS A 1575 -11.34 -46.01 -10.73
N VAL A 1576 -11.60 -45.06 -9.83
CA VAL A 1576 -10.71 -43.91 -9.68
C VAL A 1576 -9.39 -44.35 -9.06
N LEU A 1577 -9.43 -45.28 -8.11
CA LEU A 1577 -8.20 -45.71 -7.43
C LEU A 1577 -7.22 -46.34 -8.42
N LYS A 1578 -7.70 -47.23 -9.28
CA LYS A 1578 -6.80 -47.86 -10.25
C LYS A 1578 -6.37 -46.88 -11.32
N LEU A 1579 -7.29 -46.01 -11.77
CA LEU A 1579 -6.93 -45.02 -12.78
C LEU A 1579 -5.88 -44.04 -12.25
N ALA A 1580 -6.04 -43.60 -11.00
CA ALA A 1580 -5.05 -42.71 -10.40
C ALA A 1580 -3.73 -43.42 -10.19
N LEU A 1581 -3.78 -44.69 -9.77
CA LEU A 1581 -2.56 -45.45 -9.55
C LEU A 1581 -1.80 -45.64 -10.86
N ASP A 1582 -2.51 -45.92 -11.94
CA ASP A 1582 -1.90 -46.12 -13.25
C ASP A 1582 -1.85 -44.80 -14.02
N SER A 1583 -1.15 -43.83 -13.44
CA SER A 1583 -1.02 -42.52 -14.06
C SER A 1583 0.39 -42.00 -13.77
N THR A 1584 1.03 -41.43 -14.79
CA THR A 1584 2.40 -40.94 -14.69
C THR A 1584 2.49 -39.42 -14.80
N ASP A 1585 1.38 -38.72 -14.64
CA ASP A 1585 1.40 -37.27 -14.71
C ASP A 1585 2.16 -36.70 -13.50
N GLU A 1586 2.96 -35.66 -13.77
CA GLU A 1586 3.79 -35.08 -12.72
C GLU A 1586 2.96 -34.42 -11.64
N LYS A 1587 1.89 -33.72 -12.03
CA LYS A 1587 1.11 -32.95 -11.06
C LYS A 1587 0.35 -33.87 -10.11
N VAL A 1588 -0.13 -35.00 -10.60
CA VAL A 1588 -0.85 -35.95 -9.75
C VAL A 1588 0.14 -36.66 -8.85
N VAL A 1589 0.27 -36.20 -7.61
CA VAL A 1589 1.26 -36.72 -6.68
C VAL A 1589 0.69 -36.64 -5.27
N VAL A 1590 1.23 -37.46 -4.37
CA VAL A 1590 0.71 -37.54 -3.02
C VAL A 1590 0.92 -36.24 -2.26
N LYS A 1591 2.12 -35.66 -2.37
CA LYS A 1591 2.44 -34.42 -1.67
C LYS A 1591 3.13 -33.46 -2.63
N VAL A 1592 2.72 -32.20 -2.59
CA VAL A 1592 3.28 -31.15 -3.42
C VAL A 1592 3.98 -30.14 -2.52
N GLY A 1593 5.23 -29.83 -2.84
CA GLY A 1593 5.95 -28.81 -2.09
C GLY A 1593 6.36 -29.27 -0.70
N LYS A 1594 6.86 -28.30 0.06
CA LYS A 1594 7.31 -28.54 1.43
C LYS A 1594 6.20 -28.38 2.45
N ASN A 1595 5.07 -27.79 2.07
CA ASN A 1595 3.93 -27.58 2.98
C ASN A 1595 4.35 -26.81 4.22
N ARG A 1596 5.05 -25.70 4.01
CA ARG A 1596 5.49 -24.87 5.12
C ARG A 1596 4.31 -24.25 5.87
N MET A 1597 3.30 -23.82 5.12
CA MET A 1597 2.12 -23.21 5.76
C MET A 1597 1.27 -24.21 6.52
N GLY A 1598 1.54 -25.51 6.36
CA GLY A 1598 0.78 -26.50 7.09
C GLY A 1598 0.97 -26.41 8.59
N ARG A 1599 2.12 -25.90 9.02
CA ARG A 1599 2.40 -25.77 10.45
C ARG A 1599 1.47 -24.77 11.13
N THR A 1600 0.91 -23.83 10.39
CA THR A 1600 0.08 -22.79 10.96
C THR A 1600 -1.39 -23.14 10.97
N ARG A 1601 -1.77 -24.34 10.55
CA ARG A 1601 -3.16 -24.72 10.41
C ARG A 1601 -3.62 -25.55 11.59
N VAL A 1602 -4.84 -25.28 12.08
CA VAL A 1602 -5.47 -26.19 13.01
C VAL A 1602 -5.69 -27.52 12.31
N LEU A 1603 -5.59 -28.61 13.08
CA LEU A 1603 -5.64 -29.97 12.54
C LEU A 1603 -4.46 -30.26 11.63
N SER A 1604 -3.34 -29.57 11.84
CA SER A 1604 -2.13 -29.88 11.08
C SER A 1604 -1.65 -31.30 11.37
N ALA A 1605 -1.65 -31.69 12.64
CA ALA A 1605 -1.27 -33.05 13.00
C ALA A 1605 -2.33 -34.05 12.56
N HIS A 1606 -3.61 -33.66 12.64
CA HIS A 1606 -4.68 -34.57 12.27
C HIS A 1606 -4.66 -34.89 10.78
N GLN A 1607 -4.60 -33.86 9.94
CA GLN A 1607 -4.67 -34.10 8.50
C GLN A 1607 -3.41 -34.76 7.96
N ALA A 1608 -2.28 -34.56 8.64
CA ALA A 1608 -1.06 -35.25 8.27
C ALA A 1608 -1.08 -36.72 8.63
N SER A 1609 -2.10 -37.17 9.37
CA SER A 1609 -2.25 -38.57 9.72
C SER A 1609 -3.69 -39.04 9.50
N CYS A 1610 -4.36 -38.51 8.48
CA CYS A 1610 -5.55 -39.13 7.93
C CYS A 1610 -5.07 -39.77 6.64
N PRO A 1611 -4.50 -40.98 6.69
CA PRO A 1611 -4.00 -41.59 5.44
C PRO A 1611 -5.11 -41.86 4.44
N SER A 1612 -6.32 -42.11 4.91
CA SER A 1612 -7.50 -42.23 4.06
C SER A 1612 -8.00 -40.89 3.59
N CYS A 1613 -7.22 -39.85 3.85
CA CYS A 1613 -7.60 -38.47 3.56
C CYS A 1613 -6.48 -37.81 2.76
N ILE A 1614 -5.24 -38.24 3.01
CA ILE A 1614 -4.15 -37.93 2.10
C ILE A 1614 -4.37 -38.61 0.76
N LEU A 1615 -4.88 -39.84 0.80
CA LEU A 1615 -5.20 -40.55 -0.44
C LEU A 1615 -6.29 -39.84 -1.22
N LEU A 1616 -7.33 -39.37 -0.52
CA LEU A 1616 -8.40 -38.64 -1.20
C LEU A 1616 -7.91 -37.33 -1.78
N LYS A 1617 -6.98 -36.66 -1.10
CA LYS A 1617 -6.38 -35.45 -1.66
C LYS A 1617 -5.60 -35.75 -2.93
N THR A 1618 -4.92 -36.90 -2.98
CA THR A 1618 -4.28 -37.32 -4.21
C THR A 1618 -5.29 -37.58 -5.30
N LEU A 1619 -6.44 -38.17 -4.95
CA LEU A 1619 -7.49 -38.40 -5.94
C LEU A 1619 -8.05 -37.08 -6.45
N PHE A 1620 -8.17 -36.08 -5.58
CA PHE A 1620 -8.56 -34.76 -6.03
C PHE A 1620 -7.57 -34.21 -7.04
N ARG A 1621 -6.27 -34.40 -6.77
CA ARG A 1621 -5.27 -33.98 -7.74
C ARG A 1621 -5.31 -34.80 -9.02
N TRP A 1622 -5.78 -36.05 -8.94
CA TRP A 1622 -5.95 -36.85 -10.14
C TRP A 1622 -7.10 -36.33 -11.00
N PHE A 1623 -8.24 -36.04 -10.37
CA PHE A 1623 -9.34 -35.44 -11.09
C PHE A 1623 -8.92 -34.12 -11.72
N ALA A 1624 -8.05 -33.38 -11.03
CA ALA A 1624 -7.69 -32.03 -11.45
C ALA A 1624 -6.72 -32.01 -12.63
N TYR A 1625 -5.72 -32.89 -12.62
CA TYR A 1625 -4.59 -32.74 -13.53
C TYR A 1625 -4.32 -33.94 -14.44
N ALA A 1626 -4.86 -35.12 -14.14
CA ALA A 1626 -4.60 -36.27 -14.99
C ALA A 1626 -5.28 -36.10 -16.35
N GLY A 1627 -4.57 -36.51 -17.40
CA GLY A 1627 -5.14 -36.40 -18.74
C GLY A 1627 -6.22 -37.43 -19.01
N ASN A 1628 -6.20 -38.54 -18.30
CA ASN A 1628 -7.23 -39.58 -18.44
C ASN A 1628 -8.37 -39.41 -17.46
N ALA A 1629 -8.34 -38.36 -16.63
CA ALA A 1629 -9.47 -38.08 -15.75
C ALA A 1629 -10.78 -37.87 -16.50
N PRO A 1630 -10.84 -37.17 -17.66
CA PRO A 1630 -12.10 -37.09 -18.39
C PRO A 1630 -12.57 -38.42 -18.97
N GLY A 1631 -11.87 -39.51 -18.64
CA GLY A 1631 -12.38 -40.83 -18.94
C GLY A 1631 -13.52 -41.29 -18.08
N ALA A 1632 -13.86 -40.53 -17.04
CA ALA A 1632 -14.98 -40.83 -16.16
C ALA A 1632 -16.20 -39.94 -16.44
N ILE A 1633 -16.21 -39.22 -17.55
CA ILE A 1633 -17.35 -38.38 -17.90
C ILE A 1633 -18.30 -39.18 -18.79
N ASN A 1634 -18.10 -40.49 -18.85
CA ASN A 1634 -18.97 -41.37 -19.61
C ASN A 1634 -19.91 -42.09 -18.65
N HIS A 1635 -21.17 -42.18 -19.05
CA HIS A 1635 -22.18 -42.93 -18.28
C HIS A 1635 -21.79 -44.40 -18.35
N ARG A 1636 -21.15 -44.90 -17.29
CA ARG A 1636 -20.50 -46.20 -17.33
C ARG A 1636 -21.01 -47.07 -16.20
N LEU A 1637 -21.45 -48.28 -16.55
CA LEU A 1637 -21.84 -49.28 -15.57
C LEU A 1637 -20.62 -50.14 -15.23
N ASP A 1638 -20.84 -51.25 -14.54
CA ASP A 1638 -19.74 -52.11 -14.12
C ASP A 1638 -19.00 -52.65 -15.34
N ILE A 1639 -17.68 -52.58 -15.30
CA ILE A 1639 -16.86 -53.05 -16.42
C ILE A 1639 -17.04 -54.54 -16.61
N ARG A 1640 -17.23 -55.29 -15.53
CA ARG A 1640 -17.50 -56.71 -15.59
C ARG A 1640 -18.80 -57.01 -14.86
N PRO A 1641 -19.49 -58.10 -15.22
CA PRO A 1641 -20.64 -58.53 -14.41
C PRO A 1641 -20.23 -59.13 -13.07
N GLU A 1642 -18.93 -59.33 -12.84
CA GLU A 1642 -18.45 -59.89 -11.58
C GLU A 1642 -18.61 -58.92 -10.43
N PHE A 1643 -18.66 -57.61 -10.70
CA PHE A 1643 -18.77 -56.62 -9.65
C PHE A 1643 -20.11 -56.64 -8.93
N GLU A 1644 -21.11 -57.36 -9.46
CA GLU A 1644 -22.38 -57.46 -8.79
C GLU A 1644 -22.25 -58.14 -7.44
N ILE A 1645 -21.38 -59.15 -7.36
CA ILE A 1645 -21.15 -59.87 -6.11
C ILE A 1645 -20.45 -58.93 -5.13
N GLU A 1646 -20.97 -58.87 -3.90
CA GLU A 1646 -20.42 -57.95 -2.91
C GLU A 1646 -18.97 -58.27 -2.59
N GLU A 1647 -18.63 -59.57 -2.47
CA GLU A 1647 -17.29 -59.94 -2.08
C GLU A 1647 -16.26 -59.48 -3.11
N THR A 1648 -16.57 -59.65 -4.40
CA THR A 1648 -15.60 -59.33 -5.44
C THR A 1648 -15.27 -57.85 -5.47
N ARG A 1649 -16.30 -56.99 -5.43
CA ARG A 1649 -16.05 -55.55 -5.51
C ARG A 1649 -15.40 -55.03 -4.23
N LYS A 1650 -15.79 -55.56 -3.08
CA LYS A 1650 -15.16 -55.12 -1.83
C LYS A 1650 -13.70 -55.52 -1.78
N THR A 1651 -13.37 -56.74 -2.21
CA THR A 1651 -11.97 -57.16 -2.21
C THR A 1651 -11.17 -56.40 -3.26
N ALA A 1652 -11.81 -56.03 -4.37
CA ALA A 1652 -11.12 -55.22 -5.37
C ALA A 1652 -10.72 -53.86 -4.78
N LEU A 1653 -11.62 -53.26 -4.01
CA LEU A 1653 -11.31 -51.98 -3.38
C LEU A 1653 -10.22 -52.14 -2.32
N MET A 1654 -10.29 -53.21 -1.53
CA MET A 1654 -9.27 -53.43 -0.50
C MET A 1654 -7.90 -53.66 -1.10
N ALA A 1655 -7.83 -54.41 -2.21
CA ALA A 1655 -6.56 -54.62 -2.88
C ALA A 1655 -5.98 -53.31 -3.41
N LEU A 1656 -6.83 -52.45 -3.98
CA LEU A 1656 -6.36 -51.16 -4.45
C LEU A 1656 -5.90 -50.27 -3.29
N LEU A 1657 -6.60 -50.36 -2.16
CA LEU A 1657 -6.16 -49.64 -0.97
C LEU A 1657 -4.77 -50.08 -0.55
N SER A 1658 -4.48 -51.38 -0.69
CA SER A 1658 -3.16 -51.89 -0.33
C SER A 1658 -2.09 -51.34 -1.27
N HIS A 1659 -2.38 -51.27 -2.56
CA HIS A 1659 -1.39 -50.76 -3.51
C HIS A 1659 -1.10 -49.29 -3.28
N TRP A 1660 -2.12 -48.53 -2.86
CA TRP A 1660 -1.91 -47.12 -2.54
C TRP A 1660 -1.20 -46.90 -1.21
N GLN A 1661 -1.22 -47.89 -0.31
CA GLN A 1661 -0.66 -47.68 1.02
C GLN A 1661 0.83 -47.38 0.96
N SER A 1662 1.58 -48.11 0.13
CA SER A 1662 3.02 -47.88 0.04
C SER A 1662 3.32 -46.49 -0.49
N ASP A 1663 2.57 -46.04 -1.50
CA ASP A 1663 2.78 -44.71 -2.06
C ASP A 1663 2.39 -43.62 -1.08
N VAL A 1664 1.31 -43.82 -0.33
CA VAL A 1664 0.83 -42.81 0.60
C VAL A 1664 1.77 -42.67 1.79
N GLY A 1665 2.29 -43.80 2.30
CA GLY A 1665 3.06 -43.80 3.52
C GLY A 1665 4.38 -43.06 3.45
N LYS A 1666 4.83 -42.69 2.25
CA LYS A 1666 6.11 -41.99 2.13
C LYS A 1666 6.08 -40.64 2.85
N GLU A 1667 4.99 -39.89 2.72
CA GLU A 1667 4.85 -38.59 3.36
C GLU A 1667 3.82 -38.60 4.47
N LEU A 1668 3.56 -39.76 5.07
CA LEU A 1668 2.58 -39.90 6.14
C LEU A 1668 3.29 -39.68 7.47
N LYS A 1669 2.96 -38.58 8.15
CA LYS A 1669 3.55 -38.27 9.45
C LYS A 1669 2.67 -38.87 10.53
N LEU A 1670 3.15 -39.94 11.15
CA LEU A 1670 2.39 -40.62 12.18
C LEU A 1670 2.33 -39.80 13.47
N VAL A 1671 1.14 -39.64 14.01
CA VAL A 1671 0.97 -39.01 15.32
C VAL A 1671 1.22 -40.08 16.37
N SER A 1672 2.26 -39.89 17.18
CA SER A 1672 2.71 -40.89 18.14
C SER A 1672 3.00 -42.18 17.36
N TYR A 1673 2.62 -43.35 17.87
CA TYR A 1673 2.79 -44.58 17.13
C TYR A 1673 1.76 -45.59 17.61
N GLU A 1674 1.28 -46.40 16.68
CA GLU A 1674 0.32 -47.47 16.99
C GLU A 1674 0.85 -48.76 16.36
N ASP A 1675 1.69 -49.47 17.11
CA ASP A 1675 2.23 -50.73 16.66
C ASP A 1675 1.25 -51.89 16.85
N ALA A 1676 0.14 -51.67 17.56
CA ALA A 1676 -0.89 -52.69 17.68
C ALA A 1676 -1.50 -53.01 16.32
N HIS A 1677 -1.73 -51.99 15.50
CA HIS A 1677 -2.23 -52.17 14.15
C HIS A 1677 -1.15 -52.61 13.17
N ARG A 1678 0.11 -52.57 13.58
CA ARG A 1678 1.20 -52.88 12.65
C ARG A 1678 1.24 -54.38 12.33
N PHE A 1679 1.03 -55.23 13.34
CA PHE A 1679 1.12 -56.67 13.14
C PHE A 1679 0.04 -57.18 12.20
N ASP B 7 93.23 12.29 -7.30
CA ASP B 7 92.78 13.68 -7.29
C ASP B 7 91.60 13.84 -6.34
N GLY B 8 91.78 14.70 -5.33
CA GLY B 8 90.72 14.93 -4.36
C GLY B 8 89.57 15.77 -4.90
N THR B 9 89.83 16.58 -5.93
CA THR B 9 88.77 17.41 -6.50
C THR B 9 87.67 16.56 -7.12
N SER B 10 88.06 15.48 -7.83
CA SER B 10 87.06 14.59 -8.42
C SER B 10 86.23 13.90 -7.35
N VAL B 11 86.87 13.48 -6.25
CA VAL B 11 86.14 12.85 -5.16
C VAL B 11 85.15 13.83 -4.54
N ILE B 12 85.57 15.08 -4.37
CA ILE B 12 84.67 16.10 -3.83
C ILE B 12 83.50 16.34 -4.76
N TYR B 13 83.76 16.42 -6.06
CA TYR B 13 82.70 16.69 -7.03
C TYR B 13 81.69 15.54 -7.09
N VAL B 14 82.17 14.30 -7.14
CA VAL B 14 81.25 13.18 -7.20
C VAL B 14 80.48 13.04 -5.90
N CYS B 15 81.11 13.35 -4.77
CA CYS B 15 80.41 13.37 -3.50
C CYS B 15 79.33 14.45 -3.49
N ALA B 16 79.64 15.62 -4.06
CA ALA B 16 78.66 16.71 -4.14
C ALA B 16 77.48 16.32 -5.01
N VAL B 17 77.74 15.66 -6.15
CA VAL B 17 76.65 15.29 -7.06
C VAL B 17 75.74 14.27 -6.41
N ILE B 18 76.30 13.25 -5.78
CA ILE B 18 75.48 12.18 -5.22
C ILE B 18 74.66 12.70 -4.05
N ILE B 19 75.24 13.56 -3.21
CA ILE B 19 74.49 14.09 -2.08
C ILE B 19 73.40 15.05 -2.56
N LEU B 20 73.67 15.79 -3.64
CA LEU B 20 72.65 16.69 -4.19
C LEU B 20 71.49 15.91 -4.76
N ILE B 21 71.76 14.82 -5.48
CA ILE B 21 70.70 13.99 -6.03
C ILE B 21 69.91 13.33 -4.90
N LEU B 22 70.60 12.88 -3.87
CA LEU B 22 69.91 12.28 -2.72
C LEU B 22 69.01 13.29 -2.03
N ILE B 23 69.47 14.54 -1.89
CA ILE B 23 68.64 15.57 -1.28
C ILE B 23 67.42 15.86 -2.14
N TRP B 24 67.63 16.00 -3.46
CA TRP B 24 66.52 16.30 -4.35
C TRP B 24 65.50 15.17 -4.37
N VAL B 25 65.97 13.92 -4.46
CA VAL B 25 65.04 12.80 -4.53
C VAL B 25 64.31 12.64 -3.20
N ALA B 26 64.95 13.03 -2.09
CA ALA B 26 64.29 12.95 -0.80
C ALA B 26 63.18 13.98 -0.68
N ILE B 27 63.47 15.23 -1.05
CA ILE B 27 62.47 16.29 -0.95
C ILE B 27 61.33 16.04 -1.92
N ILE B 28 61.66 15.68 -3.17
CA ILE B 28 60.63 15.44 -4.16
C ILE B 28 59.80 14.21 -3.81
N GLY B 29 60.45 13.20 -3.20
CA GLY B 29 59.71 12.02 -2.78
C GLY B 29 58.75 12.31 -1.64
N GLN B 30 59.20 13.07 -0.64
CA GLN B 30 58.34 13.41 0.48
C GLN B 30 57.17 14.28 0.03
N ARG B 31 57.42 15.24 -0.86
CA ARG B 31 56.35 16.07 -1.39
C ARG B 31 55.36 15.24 -2.21
N GLN B 32 55.87 14.31 -3.02
CA GLN B 32 54.99 13.48 -3.82
C GLN B 32 54.12 12.60 -2.94
N ILE B 33 54.67 12.09 -1.84
CA ILE B 33 53.86 11.34 -0.88
C ILE B 33 52.77 12.24 -0.30
N TRP B 34 53.11 13.47 0.02
CA TRP B 34 52.12 14.40 0.58
C TRP B 34 50.99 14.67 -0.40
N ARG B 35 51.32 14.86 -1.68
CA ARG B 35 50.28 15.11 -2.68
C ARG B 35 49.38 13.90 -2.84
N HIS B 36 49.95 12.70 -2.87
CA HIS B 36 49.16 11.50 -3.02
C HIS B 36 48.22 11.29 -1.84
N ARG B 37 48.71 11.54 -0.62
CA ARG B 37 47.87 11.38 0.56
C ARG B 37 46.72 12.38 0.58
N HIS B 38 46.98 13.61 0.16
CA HIS B 38 45.96 14.66 0.18
C HIS B 38 45.12 14.61 -1.10
N ASN B 39 44.32 13.55 -1.20
CA ASN B 39 43.34 13.41 -2.26
C ASN B 39 42.02 13.99 -1.77
N VAL B 40 41.56 15.05 -2.43
CA VAL B 40 40.37 15.77 -1.98
C VAL B 40 39.09 15.00 -2.22
N ALA B 41 39.12 13.97 -3.05
CA ALA B 41 37.95 13.13 -3.29
C ALA B 41 37.84 11.97 -2.31
N ARG B 42 38.81 11.80 -1.41
CA ARG B 42 38.77 10.74 -0.41
C ARG B 42 38.75 11.27 1.01
N VAL B 43 39.55 12.27 1.32
CA VAL B 43 39.61 12.80 2.69
C VAL B 43 38.45 13.75 2.90
N ARG B 44 37.68 13.50 3.95
CA ARG B 44 36.53 14.36 4.24
C ARG B 44 37.01 15.73 4.69
N PRO B 45 36.51 16.81 4.10
CA PRO B 45 36.93 18.15 4.49
C PRO B 45 36.26 18.57 5.80
N GLN B 46 36.62 19.75 6.27
CA GLN B 46 36.06 20.34 7.47
C GLN B 46 35.31 21.61 7.10
N VAL B 47 34.14 21.81 7.70
CA VAL B 47 33.33 22.98 7.42
C VAL B 47 33.96 24.27 7.93
N SER B 48 34.95 24.16 8.80
CA SER B 48 35.58 25.35 9.39
C SER B 48 36.26 26.18 8.31
N LEU B 49 36.12 27.50 8.42
CA LEU B 49 36.82 28.40 7.51
C LEU B 49 38.31 28.42 7.78
N SER B 50 38.71 28.20 9.04
CA SER B 50 40.12 28.24 9.40
C SER B 50 40.90 27.08 8.80
N SER B 51 40.22 26.01 8.39
CA SER B 51 40.91 24.88 7.78
C SER B 51 41.36 25.16 6.35
N ARG B 52 40.89 26.25 5.74
CA ARG B 52 41.29 26.62 4.39
C ARG B 52 41.94 27.98 4.29
N ILE B 53 41.78 28.86 5.27
CA ILE B 53 42.34 30.20 5.24
C ILE B 53 43.35 30.31 6.38
N SER B 54 44.59 30.61 6.03
CA SER B 54 45.63 30.73 7.05
C SER B 54 45.54 32.03 7.82
N SER B 55 45.18 33.13 7.15
CA SER B 55 45.14 34.43 7.80
C SER B 55 43.96 34.50 8.77
N LYS B 56 44.23 34.99 9.98
CA LYS B 56 43.17 35.13 10.97
C LYS B 56 42.28 36.32 10.68
N LYS B 57 42.81 37.36 10.04
CA LYS B 57 41.99 38.53 9.72
C LYS B 57 40.90 38.17 8.73
N ALA B 58 41.23 37.40 7.70
CA ALA B 58 40.23 37.00 6.70
C ALA B 58 39.18 36.10 7.32
N VAL B 59 39.60 35.17 8.20
CA VAL B 59 38.63 34.30 8.87
C VAL B 59 37.71 35.12 9.75
N LEU B 60 38.26 36.06 10.52
CA LEU B 60 37.44 36.88 11.40
C LEU B 60 36.46 37.73 10.60
N LEU B 61 36.88 38.25 9.45
CA LEU B 61 35.98 39.06 8.63
C LEU B 61 34.78 38.24 8.17
N ARG B 62 35.01 37.00 7.75
CA ARG B 62 33.91 36.18 7.27
C ARG B 62 33.07 35.62 8.41
N GLU B 63 33.66 35.43 9.59
CA GLU B 63 32.87 35.02 10.74
C GLU B 63 31.87 36.09 11.15
N THR B 64 32.29 37.36 11.15
CA THR B 64 31.37 38.44 11.47
C THR B 64 30.30 38.60 10.39
N GLN B 65 30.68 38.39 9.12
CA GLN B 65 29.69 38.43 8.06
C GLN B 65 28.66 37.32 8.21
N LEU B 66 29.10 36.12 8.61
CA LEU B 66 28.16 35.05 8.89
C LEU B 66 27.26 35.40 10.06
N ASP B 67 27.82 36.01 11.10
CA ASP B 67 27.01 36.42 12.25
C ASP B 67 25.99 37.48 11.84
N THR B 68 26.39 38.42 10.99
CA THR B 68 25.45 39.42 10.51
C THR B 68 24.34 38.78 9.69
N VAL B 69 24.68 37.78 8.89
CA VAL B 69 23.65 37.06 8.13
C VAL B 69 22.68 36.36 9.08
N MET B 70 23.20 35.73 10.14
CA MET B 70 22.33 35.05 11.08
C MET B 70 21.43 36.03 11.83
N ARG B 71 21.96 37.20 12.19
CA ARG B 71 21.12 38.24 12.77
C ARG B 71 20.04 38.68 11.80
N LEU B 72 20.39 38.82 10.52
CA LEU B 72 19.41 39.20 9.51
C LEU B 72 18.32 38.14 9.38
N ARG B 73 18.70 36.86 9.47
CA ARG B 73 17.71 35.80 9.38
C ARG B 73 16.71 35.87 10.53
N CYS B 74 17.21 36.15 11.74
CA CYS B 74 16.32 36.31 12.89
C CYS B 74 15.43 37.52 12.72
N GLU B 75 15.99 38.63 12.22
CA GLU B 75 15.23 39.86 12.06
C GLU B 75 14.34 39.88 10.83
N ASN B 76 14.44 38.88 9.96
CA ASN B 76 13.66 38.85 8.72
C ASN B 76 12.33 38.20 9.03
N GLN B 77 11.35 39.03 9.38
CA GLN B 77 9.99 38.58 9.69
C GLN B 77 9.04 39.14 8.65
N ALA B 78 8.22 38.27 8.07
CA ALA B 78 7.29 38.70 7.03
C ALA B 78 6.20 39.59 7.61
N ARG B 79 5.86 40.65 6.88
CA ARG B 79 4.74 41.51 7.23
C ARG B 79 3.51 40.98 6.51
N LEU B 80 2.73 40.16 7.21
CA LEU B 80 1.56 39.54 6.59
C LEU B 80 0.51 40.56 6.19
N THR B 81 0.31 41.58 7.02
CA THR B 81 -0.67 42.64 6.75
C THR B 81 -0.04 43.65 5.81
N ASP B 82 -0.25 43.46 4.52
CA ASP B 82 0.28 44.34 3.49
C ASP B 82 -0.83 44.66 2.50
N CYS B 83 -0.68 45.79 1.81
CA CYS B 83 -1.75 46.27 0.92
C CYS B 83 -2.00 45.28 -0.21
N ILE B 84 -0.95 44.89 -0.92
CA ILE B 84 -1.13 43.91 -2.00
C ILE B 84 -1.27 42.49 -1.46
N SER B 85 -0.92 42.25 -0.20
CA SER B 85 -1.19 40.96 0.42
C SER B 85 -2.61 40.86 0.93
N LEU B 86 -3.32 41.99 1.06
CA LEU B 86 -4.74 41.98 1.38
C LEU B 86 -5.62 42.02 0.14
N GLN B 87 -5.09 42.48 -1.00
CA GLN B 87 -5.78 42.28 -2.26
C GLN B 87 -5.94 40.79 -2.55
N PHE B 88 -4.87 40.04 -2.33
CA PHE B 88 -4.97 38.59 -2.21
C PHE B 88 -5.49 38.26 -0.81
N HIS B 89 -5.88 36.99 -0.60
CA HIS B 89 -6.54 36.57 0.63
C HIS B 89 -7.81 37.38 0.74
N GLY B 90 -8.00 38.17 1.80
CA GLY B 90 -9.18 39.01 1.93
C GLY B 90 -10.41 38.27 2.39
N GLU B 91 -10.90 37.35 1.57
CA GLU B 91 -12.08 36.55 1.88
C GLU B 91 -11.75 35.23 2.54
N LYS B 92 -10.50 34.80 2.50
CA LYS B 92 -10.13 33.50 3.02
C LYS B 92 -10.23 33.47 4.55
N PRO B 93 -10.53 32.30 5.13
CA PRO B 93 -10.81 32.25 6.58
C PRO B 93 -9.62 32.60 7.46
N TYR B 94 -8.40 32.49 6.96
CA TYR B 94 -7.21 32.71 7.79
C TYR B 94 -6.70 34.15 7.71
N VAL B 95 -7.46 35.06 7.09
CA VAL B 95 -7.02 36.44 7.00
C VAL B 95 -6.98 37.08 8.38
N HIS B 96 -7.92 36.71 9.24
CA HIS B 96 -8.03 37.35 10.54
C HIS B 96 -6.79 37.11 11.40
N ARG B 97 -6.27 35.88 11.37
CA ARG B 97 -5.05 35.61 12.13
C ARG B 97 -3.83 36.25 11.48
N MET B 98 -3.87 36.50 10.17
CA MET B 98 -2.84 37.29 9.52
C MET B 98 -2.87 38.73 10.02
N ILE B 99 -4.06 39.28 10.21
CA ILE B 99 -4.19 40.63 10.77
C ILE B 99 -3.69 40.66 12.20
N ALA B 100 -4.02 39.63 12.99
CA ALA B 100 -3.70 39.64 14.41
C ALA B 100 -2.19 39.61 14.66
N VAL B 101 -1.46 38.78 13.91
CA VAL B 101 -0.03 38.64 14.18
C VAL B 101 0.71 39.93 13.88
N ASP B 102 0.30 40.66 12.85
CA ASP B 102 0.90 41.96 12.57
C ASP B 102 0.30 43.07 13.40
N GLU B 103 -0.86 42.85 14.01
CA GLU B 103 -1.49 43.88 14.83
C GLU B 103 -0.63 44.21 16.03
N VAL B 104 -0.05 43.19 16.67
CA VAL B 104 0.81 43.42 17.82
C VAL B 104 2.04 44.22 17.41
N THR B 105 2.65 43.85 16.29
CA THR B 105 3.87 44.53 15.84
C THR B 105 3.60 45.99 15.49
N LEU B 106 2.54 46.25 14.74
CA LEU B 106 2.26 47.62 14.31
C LEU B 106 1.85 48.50 15.48
N GLU B 107 1.02 47.98 16.40
CA GLU B 107 0.51 48.81 17.47
C GLU B 107 1.54 49.05 18.57
N ILE B 108 2.47 48.13 18.78
CA ILE B 108 3.45 48.22 19.87
C ILE B 108 4.82 48.64 19.35
N ASP B 109 5.41 47.84 18.46
CA ASP B 109 6.72 48.18 17.92
C ASP B 109 6.67 49.45 17.09
N GLY B 110 5.62 49.62 16.29
CA GLY B 110 5.51 50.80 15.45
C GLY B 110 5.17 52.06 16.20
N GLN B 111 4.65 51.93 17.42
CA GLN B 111 4.31 53.10 18.24
C GLN B 111 5.34 53.41 19.30
N LEU B 112 6.03 52.40 19.83
CA LEU B 112 7.03 52.58 20.88
C LEU B 112 8.43 52.75 20.32
N ASN B 113 8.56 53.10 19.05
CA ASN B 113 9.87 53.34 18.45
C ASN B 113 10.30 54.79 18.71
N ARG B 114 10.39 55.12 19.98
CA ARG B 114 10.76 56.45 20.45
C ARG B 114 12.03 56.35 21.28
N ILE B 115 12.43 57.48 21.90
CA ILE B 115 13.69 57.54 22.61
C ILE B 115 13.67 56.65 23.84
N GLU B 116 12.64 56.77 24.66
CA GLU B 116 12.58 56.04 25.92
C GLU B 116 11.86 54.71 25.83
N GLY B 117 11.25 54.40 24.68
CA GLY B 117 10.53 53.15 24.55
C GLY B 117 11.46 51.96 24.44
N ALA B 118 10.94 50.80 24.82
CA ALA B 118 11.69 49.56 24.70
C ALA B 118 11.69 49.07 23.26
N VAL B 119 12.64 48.19 22.95
CA VAL B 119 12.80 47.63 21.61
C VAL B 119 12.91 46.12 21.75
N GLN B 120 12.16 45.40 20.91
CA GLN B 120 12.26 43.94 20.90
C GLN B 120 13.66 43.50 20.50
N ARG B 121 14.20 42.53 21.24
CA ARG B 121 15.53 42.03 20.95
C ARG B 121 15.54 41.27 19.62
N GLN B 122 16.63 41.41 18.87
CA GLN B 122 16.77 40.69 17.61
C GLN B 122 16.84 39.19 17.86
N ALA B 123 17.58 38.77 18.89
CA ALA B 123 17.71 37.37 19.24
C ALA B 123 16.72 37.01 20.33
N GLY B 124 16.04 35.88 20.16
CA GLY B 124 15.01 35.48 21.11
C GLY B 124 13.83 36.43 21.13
N GLU B 125 13.41 36.89 19.95
CA GLU B 125 12.26 37.80 19.85
C GLU B 125 11.00 37.11 20.34
N SER B 126 10.48 37.55 21.49
CA SER B 126 9.28 36.97 22.08
C SER B 126 8.35 38.10 22.49
N THR B 127 7.09 38.00 22.06
CA THR B 127 6.11 39.00 22.47
C THR B 127 5.86 38.95 23.97
N TYR B 128 5.80 37.74 24.53
CA TYR B 128 5.58 37.61 25.97
C TYR B 128 6.74 38.20 26.76
N SER B 129 7.97 37.90 26.36
CA SER B 129 9.13 38.45 27.06
C SER B 129 9.23 39.95 26.87
N TYR B 130 8.93 40.43 25.66
CA TYR B 130 9.00 41.87 25.40
C TYR B 130 7.98 42.64 26.23
N LEU B 131 6.77 42.10 26.37
CA LEU B 131 5.77 42.74 27.22
C LEU B 131 6.18 42.69 28.69
N LYS B 132 6.88 41.64 29.09
CA LYS B 132 7.42 41.59 30.44
C LYS B 132 8.43 42.71 30.68
N ARG B 133 9.30 42.94 29.69
CA ARG B 133 10.28 44.02 29.80
C ARG B 133 9.59 45.37 29.92
N ILE B 134 8.53 45.59 29.13
CA ILE B 134 7.77 46.83 29.23
C ILE B 134 7.13 46.95 30.60
N ARG B 135 6.56 45.85 31.11
CA ARG B 135 5.86 45.89 32.38
C ARG B 135 6.80 46.16 33.55
N GLU B 136 8.06 45.74 33.44
CA GLU B 136 9.02 46.02 34.51
C GLU B 136 9.23 47.51 34.69
N LYS B 137 9.35 48.25 33.58
CA LYS B 137 9.49 49.70 33.68
C LYS B 137 8.16 50.38 33.95
N VAL B 138 7.06 49.82 33.45
CA VAL B 138 5.73 50.39 33.65
C VAL B 138 4.86 49.38 34.38
N PRO B 139 4.77 49.44 35.71
CA PRO B 139 3.95 48.48 36.45
C PRO B 139 2.45 48.76 36.41
N SER B 140 2.02 49.79 35.68
CA SER B 140 0.60 50.10 35.63
C SER B 140 -0.18 49.04 34.85
N ILE B 141 0.42 48.47 33.82
CA ILE B 141 -0.28 47.46 33.00
C ILE B 141 -0.44 46.18 33.82
N PRO B 142 -1.65 45.65 33.93
CA PRO B 142 -1.84 44.41 34.70
C PRO B 142 -1.20 43.22 34.00
N LEU B 143 -0.85 42.21 34.80
CA LEU B 143 -0.25 41.00 34.23
C LEU B 143 -1.25 40.23 33.38
N ASN B 144 -2.54 40.35 33.68
CA ASN B 144 -3.56 39.70 32.86
C ASN B 144 -3.57 40.28 31.45
N LEU B 145 -3.34 41.58 31.33
CA LEU B 145 -3.38 42.22 30.01
C LEU B 145 -2.29 41.66 29.10
N VAL B 146 -1.06 41.60 29.58
CA VAL B 146 0.04 41.15 28.73
C VAL B 146 -0.10 39.67 28.40
N HIS B 147 -0.57 38.86 29.36
CA HIS B 147 -0.74 37.44 29.12
C HIS B 147 -1.79 37.18 28.05
N ARG B 148 -2.91 37.89 28.13
CA ARG B 148 -3.99 37.66 27.15
C ARG B 148 -3.59 38.15 25.77
N ILE B 149 -2.85 39.27 25.69
CA ILE B 149 -2.40 39.77 24.40
C ILE B 149 -1.42 38.79 23.77
N ALA B 150 -0.48 38.27 24.56
CA ALA B 150 0.47 37.29 24.03
C ALA B 150 -0.24 36.02 23.58
N PHE B 151 -1.25 35.57 24.34
CA PHE B 151 -1.97 34.37 23.95
C PHE B 151 -2.77 34.58 22.68
N LEU B 152 -3.37 35.76 22.51
CA LEU B 152 -4.18 36.01 21.32
C LEU B 152 -3.34 35.97 20.06
N GLN B 153 -2.16 36.60 20.09
CA GLN B 153 -1.28 36.55 18.94
C GLN B 153 -0.75 35.14 18.70
N GLU B 154 -0.38 34.44 19.78
CA GLU B 154 0.14 33.08 19.63
C GLU B 154 -0.93 32.13 19.12
N SER B 155 -2.17 32.29 19.58
CA SER B 155 -3.26 31.46 19.09
C SER B 155 -3.49 31.70 17.60
N ALA B 156 -3.43 32.96 17.17
CA ALA B 156 -3.54 33.27 15.75
C ALA B 156 -2.40 32.64 14.96
N ARG B 157 -1.18 32.70 15.51
CA ARG B 157 -0.01 32.29 14.75
C ARG B 157 0.14 30.77 14.69
N PHE B 158 -0.21 30.06 15.77
CA PHE B 158 0.09 28.63 15.86
C PHE B 158 -1.08 27.76 16.27
N ARG B 159 -2.12 28.29 16.86
CA ARG B 159 -2.93 27.27 17.50
C ARG B 159 -4.18 26.95 16.70
N PRO B 160 -4.62 25.70 16.71
CA PRO B 160 -5.74 25.28 15.86
C PRO B 160 -7.11 25.72 16.33
N GLU B 161 -7.22 26.34 17.51
CA GLU B 161 -8.52 26.79 17.97
C GLU B 161 -9.06 27.88 17.05
N LYS B 162 -10.38 27.96 16.96
CA LYS B 162 -11.03 28.85 16.01
C LYS B 162 -10.68 30.31 16.29
N PHE B 163 -9.94 30.93 15.37
CA PHE B 163 -9.58 32.34 15.45
C PHE B 163 -10.40 33.08 14.40
N ASP B 164 -11.12 34.11 14.81
CA ASP B 164 -12.07 34.78 13.92
C ASP B 164 -12.11 36.25 14.30
N VAL B 165 -13.15 36.95 13.81
CA VAL B 165 -13.25 38.39 14.01
C VAL B 165 -13.37 38.74 15.49
N GLU B 166 -14.03 37.88 16.27
CA GLU B 166 -14.16 38.15 17.70
C GLU B 166 -12.81 38.22 18.38
N GLN B 167 -11.90 37.31 18.03
CA GLN B 167 -10.55 37.35 18.59
C GLN B 167 -9.78 38.56 18.11
N VAL B 168 -9.98 38.96 16.85
CA VAL B 168 -9.30 40.14 16.33
C VAL B 168 -9.78 41.39 17.07
N MET B 169 -11.09 41.51 17.29
CA MET B 169 -11.62 42.66 18.00
C MET B 169 -11.11 42.68 19.44
N GLU B 170 -11.03 41.52 20.09
CA GLU B 170 -10.50 41.46 21.44
C GLU B 170 -9.04 41.90 21.47
N LEU B 171 -8.24 41.44 20.51
CA LEU B 171 -6.84 41.83 20.47
C LEU B 171 -6.67 43.32 20.25
N ARG B 172 -7.46 43.90 19.34
CA ARG B 172 -7.38 45.32 19.09
C ARG B 172 -7.81 46.13 20.32
N SER B 173 -8.86 45.68 21.00
CA SER B 173 -9.32 46.37 22.20
C SER B 173 -8.26 46.37 23.28
N LEU B 174 -7.61 45.22 23.50
CA LEU B 174 -6.55 45.14 24.50
C LEU B 174 -5.34 45.97 24.09
N LEU B 175 -5.00 45.96 22.79
CA LEU B 175 -3.88 46.76 22.32
C LEU B 175 -4.16 48.25 22.50
N ASN B 176 -5.39 48.68 22.23
CA ASN B 176 -5.76 50.07 22.47
C ASN B 176 -5.67 50.41 23.94
N GLN B 177 -6.12 49.50 24.81
CA GLN B 177 -5.98 49.71 26.24
C GLN B 177 -4.52 49.77 26.65
N PHE B 178 -3.69 48.88 26.10
CA PHE B 178 -2.28 48.87 26.44
C PHE B 178 -1.60 50.16 26.02
N LEU B 179 -1.93 50.65 24.82
CA LEU B 179 -1.34 51.90 24.34
C LEU B 179 -1.85 53.09 25.15
N ARG B 180 -3.13 53.06 25.54
CA ARG B 180 -3.69 54.17 26.31
C ARG B 180 -3.01 54.31 27.66
N ILE B 181 -2.80 53.19 28.35
CA ILE B 181 -2.11 53.23 29.63
C ILE B 181 -0.64 53.60 29.44
N LEU B 182 -0.01 53.05 28.40
CA LEU B 182 1.40 53.31 28.17
C LEU B 182 1.64 54.77 27.78
N SER B 183 0.69 55.38 27.07
CA SER B 183 0.81 56.80 26.74
C SER B 183 0.56 57.68 27.95
N ALA B 184 -0.26 57.21 28.89
CA ALA B 184 -0.42 57.93 30.14
C ALA B 184 0.87 57.97 30.93
N GLU B 185 1.61 56.85 30.94
CA GLU B 185 2.91 56.79 31.59
C GLU B 185 4.03 57.40 30.74
N TYR B 186 3.78 57.63 29.45
CA TYR B 186 4.75 58.26 28.55
C TYR B 186 4.05 59.45 27.88
N ASP B 187 4.06 60.59 28.57
CA ASP B 187 3.42 61.79 28.05
C ASP B 187 4.19 62.37 26.87
N SER C 27 83.53 44.36 -26.40
CA SER C 27 84.87 44.84 -26.12
C SER C 27 85.66 43.83 -25.30
N LEU C 28 85.94 44.16 -24.03
CA LEU C 28 86.66 43.24 -23.17
C LEU C 28 85.85 41.98 -22.92
N ALA C 29 84.54 42.12 -22.74
CA ALA C 29 83.68 40.96 -22.53
C ALA C 29 83.69 40.03 -23.73
N GLY C 30 84.06 40.54 -24.91
CA GLY C 30 84.17 39.68 -26.07
C GLY C 30 85.17 38.55 -25.87
N ALA C 31 86.35 38.89 -25.34
CA ALA C 31 87.35 37.87 -25.05
C ALA C 31 86.90 36.94 -23.94
N LEU C 32 85.99 37.40 -23.07
CA LEU C 32 85.50 36.57 -21.98
C LEU C 32 84.79 35.33 -22.50
N LEU C 33 84.31 35.36 -23.74
CA LEU C 33 83.65 34.21 -24.33
C LEU C 33 84.27 33.75 -25.65
N LEU C 34 85.21 34.52 -26.21
CA LEU C 34 85.84 34.18 -27.48
C LEU C 34 87.33 33.96 -27.27
N SER C 35 87.79 32.73 -27.54
CA SER C 35 89.20 32.38 -27.56
C SER C 35 89.93 32.82 -26.30
N GLY C 36 89.31 32.67 -25.14
CA GLY C 36 89.98 32.97 -23.90
C GLY C 36 90.89 31.85 -23.43
N LYS C 37 91.88 32.22 -22.63
CA LYS C 37 92.82 31.27 -22.05
C LYS C 37 92.50 31.10 -20.57
N TYR C 38 93.19 30.17 -19.93
CA TYR C 38 92.91 29.80 -18.55
C TYR C 38 92.98 31.01 -17.63
N MET C 39 91.88 31.27 -16.93
CA MET C 39 91.77 32.40 -16.02
C MET C 39 91.57 31.89 -14.60
N ASN C 40 91.89 32.74 -13.62
CA ASN C 40 91.72 32.39 -12.22
C ASN C 40 91.11 33.50 -11.37
N ASP C 41 90.79 34.65 -11.94
CA ASP C 41 90.14 35.72 -11.19
C ASP C 41 88.66 35.40 -11.02
N TRP C 42 88.18 35.48 -9.78
CA TRP C 42 86.80 35.12 -9.49
C TRP C 42 85.82 35.98 -10.30
N TRP C 43 86.02 37.29 -10.28
CA TRP C 43 85.16 38.20 -11.03
C TRP C 43 85.17 37.88 -12.52
N GLU C 44 86.33 37.48 -13.03
CA GLU C 44 86.43 37.13 -14.45
C GLU C 44 85.65 35.84 -14.75
N ILE C 45 85.77 34.85 -13.89
CA ILE C 45 85.07 33.58 -14.11
C ILE C 45 83.56 33.79 -13.93
N THR C 46 83.16 34.60 -12.95
CA THR C 46 81.75 34.89 -12.76
C THR C 46 81.16 35.52 -14.01
N LEU C 47 81.85 36.49 -14.60
CA LEU C 47 81.37 37.11 -15.83
C LEU C 47 81.34 36.11 -16.97
N SER C 48 82.36 35.25 -17.06
CA SER C 48 82.43 34.30 -18.17
C SER C 48 81.25 33.33 -18.15
N ILE C 49 80.95 32.77 -16.98
CA ILE C 49 79.83 31.84 -16.89
C ILE C 49 78.51 32.58 -17.05
N PHE C 50 78.38 33.75 -16.43
CA PHE C 50 77.14 34.50 -16.50
C PHE C 50 76.85 34.95 -17.93
N LEU C 51 77.87 35.38 -18.66
CA LEU C 51 77.67 35.80 -20.04
C LEU C 51 77.20 34.63 -20.91
N TRP C 52 77.80 33.46 -20.73
CA TRP C 52 77.38 32.29 -21.51
C TRP C 52 75.96 31.87 -21.15
N MET C 53 75.61 31.91 -19.86
CA MET C 53 74.24 31.60 -19.48
C MET C 53 73.27 32.60 -20.06
N SER C 54 73.62 33.89 -20.03
CA SER C 54 72.74 34.92 -20.57
C SER C 54 72.59 34.77 -22.09
N LEU C 55 73.68 34.49 -22.79
CA LEU C 55 73.60 34.30 -24.23
C LEU C 55 72.75 33.08 -24.58
N SER C 56 72.95 31.98 -23.86
CA SER C 56 72.18 30.77 -24.14
C SER C 56 70.71 30.98 -23.86
N PHE C 57 70.37 31.65 -22.76
CA PHE C 57 68.96 31.88 -22.44
C PHE C 57 68.34 32.89 -23.38
N MET C 58 69.12 33.86 -23.88
CA MET C 58 68.61 34.77 -24.89
C MET C 58 68.30 34.03 -26.18
N VAL C 59 69.11 33.03 -26.53
CA VAL C 59 68.84 32.22 -27.72
C VAL C 59 67.52 31.48 -27.56
N ILE C 60 67.30 30.88 -26.38
CA ILE C 60 66.05 30.17 -26.14
C ILE C 60 64.87 31.15 -26.13
N SER C 61 65.03 32.30 -25.48
CA SER C 61 63.95 33.26 -25.40
C SER C 61 63.63 33.87 -26.76
N LEU C 62 64.66 34.17 -27.55
CA LEU C 62 64.42 34.69 -28.89
C LEU C 62 63.84 33.62 -29.80
N GLY C 63 64.25 32.36 -29.61
CA GLY C 63 63.64 31.28 -30.35
C GLY C 63 62.15 31.16 -30.09
N ALA C 64 61.77 31.27 -28.81
CA ALA C 64 60.35 31.28 -28.47
C ALA C 64 59.65 32.50 -29.04
N THR C 65 60.30 33.66 -29.00
CA THR C 65 59.70 34.88 -29.52
C THR C 65 59.44 34.78 -31.02
N ILE C 66 60.44 34.28 -31.77
CA ILE C 66 60.25 34.11 -33.21
C ILE C 66 59.19 33.05 -33.48
N LEU C 67 59.18 31.98 -32.70
CA LEU C 67 58.18 30.93 -32.89
C LEU C 67 56.78 31.48 -32.64
N SER C 68 56.60 32.27 -31.59
CA SER C 68 55.28 32.82 -31.31
C SER C 68 54.87 33.83 -32.37
N LEU C 69 55.81 34.65 -32.85
CA LEU C 69 55.48 35.62 -33.89
C LEU C 69 55.05 34.94 -35.18
N PHE C 70 55.75 33.88 -35.57
CA PHE C 70 55.39 33.17 -36.80
C PHE C 70 54.09 32.40 -36.63
N THR C 71 53.90 31.79 -35.45
CA THR C 71 52.74 30.93 -35.24
C THR C 71 51.47 31.76 -35.02
N LEU C 72 51.48 32.64 -34.02
CA LEU C 72 50.34 33.51 -33.79
C LEU C 72 50.44 34.74 -34.68
N ARG C 73 50.70 34.55 -35.98
CA ARG C 73 50.91 35.70 -36.86
C ARG C 73 49.60 36.37 -37.23
N LYS C 74 48.53 35.60 -37.39
CA LYS C 74 47.24 36.14 -37.82
C LYS C 74 46.42 36.70 -36.68
N HIS C 75 46.98 36.84 -35.49
CA HIS C 75 46.18 37.32 -34.39
C HIS C 75 46.46 38.79 -34.12
N PRO C 76 45.44 39.58 -33.78
CA PRO C 76 45.67 41.00 -33.49
C PRO C 76 46.58 41.26 -32.31
N TYR C 77 46.73 40.30 -31.39
CA TYR C 77 47.61 40.44 -30.25
C TYR C 77 48.96 39.76 -30.47
N VAL C 78 49.44 39.75 -31.71
CA VAL C 78 50.67 39.03 -32.02
C VAL C 78 51.87 39.66 -31.33
N CYS C 79 51.92 40.99 -31.27
CA CYS C 79 53.08 41.68 -30.73
C CYS C 79 53.12 41.70 -29.21
N PHE C 80 52.00 41.41 -28.54
CA PHE C 80 51.97 41.43 -27.08
C PHE C 80 52.36 40.08 -26.47
N ILE C 81 52.19 38.98 -27.19
CA ILE C 81 52.52 37.67 -26.65
C ILE C 81 54.00 37.54 -26.31
N PRO C 82 54.95 37.97 -27.16
CA PRO C 82 56.36 37.81 -26.79
C PRO C 82 56.83 38.72 -25.67
N ILE C 83 56.00 39.62 -25.15
CA ILE C 83 56.43 40.51 -24.08
C ILE C 83 56.87 39.73 -22.84
N PRO C 84 56.11 38.73 -22.35
CA PRO C 84 56.63 37.92 -21.24
C PRO C 84 57.93 37.20 -21.57
N PHE C 85 58.12 36.77 -22.82
CA PHE C 85 59.38 36.14 -23.20
C PHE C 85 60.54 37.11 -23.05
N ILE C 86 60.36 38.35 -23.49
CA ILE C 86 61.43 39.34 -23.41
C ILE C 86 61.68 39.76 -21.97
N ILE C 87 60.61 39.94 -21.19
CA ILE C 87 60.77 40.36 -19.80
C ILE C 87 61.54 39.31 -19.01
N MET C 88 61.17 38.04 -19.18
CA MET C 88 61.90 36.96 -18.52
C MET C 88 63.26 36.72 -19.15
N MET C 89 63.51 37.26 -20.35
CA MET C 89 64.85 37.19 -20.93
C MET C 89 65.83 38.07 -20.17
N PHE C 90 65.35 39.10 -19.47
CA PHE C 90 66.20 40.00 -18.69
C PHE C 90 65.98 39.83 -17.19
N ILE C 91 65.34 38.74 -16.77
CA ILE C 91 65.08 38.46 -15.36
C ILE C 91 65.64 37.10 -14.94
N ILE C 92 65.36 36.06 -15.73
CA ILE C 92 65.86 34.73 -15.41
C ILE C 92 67.38 34.68 -15.36
N PRO C 93 68.13 35.24 -16.32
CA PRO C 93 69.59 35.23 -16.19
C PRO C 93 70.10 35.95 -14.97
N PHE C 94 69.42 36.98 -14.49
CA PHE C 94 69.89 37.70 -13.31
C PHE C 94 69.47 37.00 -12.02
N VAL C 95 68.21 36.57 -11.95
CA VAL C 95 67.72 35.93 -10.72
C VAL C 95 68.33 34.55 -10.54
N PHE C 96 68.39 33.76 -11.61
CA PHE C 96 68.91 32.40 -11.55
C PHE C 96 70.36 32.30 -12.00
N GLY C 97 70.68 32.84 -13.17
CA GLY C 97 72.01 32.65 -13.74
C GLY C 97 73.10 33.32 -12.92
N ALA C 98 72.86 34.54 -12.47
CA ALA C 98 73.91 35.27 -11.77
C ALA C 98 74.33 34.62 -10.46
N PRO C 99 73.42 34.24 -9.55
CA PRO C 99 73.89 33.55 -8.34
C PRO C 99 74.49 32.19 -8.63
N THR C 100 73.95 31.45 -9.60
CA THR C 100 74.51 30.16 -9.94
C THR C 100 75.93 30.30 -10.50
N SER C 101 76.15 31.27 -11.37
CA SER C 101 77.48 31.50 -11.92
C SER C 101 78.45 31.96 -10.84
N MET C 102 77.97 32.77 -9.89
CA MET C 102 78.82 33.20 -8.79
C MET C 102 79.25 32.00 -7.94
N VAL C 103 78.33 31.08 -7.67
CA VAL C 103 78.67 29.89 -6.89
C VAL C 103 79.66 29.01 -7.65
N LEU C 104 79.40 28.79 -8.95
CA LEU C 104 80.30 27.95 -9.74
C LEU C 104 81.68 28.60 -9.84
N ALA C 105 81.74 29.91 -10.04
CA ALA C 105 83.03 30.60 -10.10
C ALA C 105 83.73 30.55 -8.76
N LEU C 106 82.98 30.62 -7.66
CA LEU C 106 83.58 30.48 -6.33
C LEU C 106 84.20 29.10 -6.16
N ALA C 107 83.52 28.06 -6.66
CA ALA C 107 84.07 26.72 -6.57
C ALA C 107 85.36 26.59 -7.37
N MET C 108 85.39 27.14 -8.57
CA MET C 108 86.61 27.10 -9.37
C MET C 108 87.73 27.92 -8.73
N TYR C 109 87.39 29.10 -8.20
CA TYR C 109 88.39 29.93 -7.54
C TYR C 109 88.99 29.24 -6.32
N ALA C 110 88.13 28.60 -5.51
CA ALA C 110 88.63 27.86 -4.35
C ALA C 110 89.47 26.66 -4.77
N SER C 111 89.06 25.97 -5.84
CA SER C 111 89.84 24.85 -6.35
C SER C 111 91.17 25.29 -6.92
N LYS C 112 91.34 26.58 -7.20
CA LYS C 112 92.58 27.16 -7.71
C LYS C 112 92.96 26.61 -9.08
N ASN C 113 92.07 25.83 -9.68
CA ASN C 113 92.30 25.27 -11.01
C ASN C 113 91.84 26.27 -12.06
N ALA C 114 92.77 26.78 -12.86
CA ALA C 114 92.43 27.71 -13.92
C ALA C 114 91.57 27.03 -14.97
N VAL C 115 90.43 27.65 -15.29
CA VAL C 115 89.50 27.12 -16.27
C VAL C 115 89.73 27.80 -17.61
N SER C 116 89.73 27.01 -18.69
CA SER C 116 90.18 27.42 -20.01
C SER C 116 89.27 28.46 -20.67
N THR C 117 88.19 28.89 -20.02
CA THR C 117 87.22 29.88 -20.50
C THR C 117 86.37 29.33 -21.63
N TRP C 118 86.65 28.12 -22.12
CA TRP C 118 85.70 27.36 -22.90
C TRP C 118 85.03 26.26 -22.09
N TYR C 119 85.67 25.82 -21.00
CA TYR C 119 84.99 24.96 -20.03
C TYR C 119 83.97 25.75 -19.22
N CYS C 120 84.13 27.08 -19.14
CA CYS C 120 83.09 27.93 -18.57
C CYS C 120 81.88 28.05 -19.49
N ALA C 121 82.12 27.99 -20.81
CA ALA C 121 81.01 28.06 -21.76
C ALA C 121 80.08 26.87 -21.58
N ILE C 122 80.63 25.68 -21.37
CA ILE C 122 79.81 24.51 -21.12
C ILE C 122 79.02 24.67 -19.82
N MET C 123 79.67 25.23 -18.79
CA MET C 123 78.98 25.46 -17.52
C MET C 123 77.82 26.43 -17.70
N GLY C 124 78.02 27.50 -18.46
CA GLY C 124 76.95 28.46 -18.68
C GLY C 124 75.80 27.89 -19.48
N ILE C 125 76.11 27.12 -20.53
CA ILE C 125 75.07 26.52 -21.35
C ILE C 125 74.29 25.48 -20.56
N ILE C 126 74.95 24.77 -19.64
CA ILE C 126 74.28 23.73 -18.86
C ILE C 126 73.13 24.34 -18.05
N GLN C 127 73.34 25.54 -17.50
CA GLN C 127 72.28 26.19 -16.74
C GLN C 127 71.05 26.43 -17.61
N THR C 128 71.25 26.94 -18.82
CA THR C 128 70.13 27.18 -19.72
C THR C 128 69.45 25.87 -20.13
N LEU C 129 70.25 24.84 -20.40
CA LEU C 129 69.68 23.56 -20.80
C LEU C 129 68.83 22.95 -19.70
N LEU C 130 69.30 23.02 -18.46
CA LEU C 130 68.53 22.45 -17.35
C LEU C 130 67.23 23.23 -17.13
N ILE C 131 67.27 24.56 -17.28
CA ILE C 131 66.05 25.36 -17.18
C ILE C 131 65.08 24.98 -18.28
N PHE C 132 65.59 24.80 -19.51
CA PHE C 132 64.73 24.43 -20.63
C PHE C 132 64.18 23.02 -20.45
N VAL C 133 64.96 22.11 -19.88
CA VAL C 133 64.51 20.74 -19.70
C VAL C 133 63.31 20.69 -18.75
N THR C 134 63.39 21.42 -17.64
CA THR C 134 62.27 21.43 -16.71
C THR C 134 61.07 22.17 -17.26
N SER C 135 61.28 23.13 -18.15
CA SER C 135 60.16 23.88 -18.71
C SER C 135 59.28 23.01 -19.60
N VAL C 136 59.78 21.87 -20.08
CA VAL C 136 58.99 20.95 -20.88
C VAL C 136 58.54 19.73 -20.08
N THR C 137 58.89 19.65 -18.80
CA THR C 137 58.46 18.56 -17.93
C THR C 137 57.53 19.12 -16.86
N ARG C 138 56.35 18.52 -16.73
CA ARG C 138 55.34 19.01 -15.81
C ARG C 138 55.38 18.19 -14.51
N ILE C 139 56.44 18.42 -13.75
CA ILE C 139 56.66 17.74 -12.47
C ILE C 139 56.16 18.68 -11.37
N HIS C 140 55.01 18.36 -10.80
CA HIS C 140 54.40 19.23 -9.80
C HIS C 140 55.06 19.13 -8.44
N ALA C 141 55.78 18.04 -8.16
CA ALA C 141 56.38 17.88 -6.84
C ALA C 141 57.55 18.82 -6.63
N THR C 142 58.29 19.15 -7.70
CA THR C 142 59.41 20.07 -7.58
C THR C 142 58.96 21.47 -7.16
N LEU C 143 57.72 21.82 -7.44
CA LEU C 143 57.22 23.15 -7.13
C LEU C 143 56.99 23.32 -5.64
#